data_8IZT
# 
_entry.id   8IZT 
# 
_audit_conform.dict_name       mmcif_pdbx.dic 
_audit_conform.dict_version    5.392 
_audit_conform.dict_location   http://mmcif.pdb.org/dictionaries/ascii/mmcif_pdbx.dic 
# 
loop_
_database_2.database_id 
_database_2.database_code 
_database_2.pdbx_database_accession 
_database_2.pdbx_DOI 
PDB   8IZT         pdb_00008izt 10.2210/pdb8izt/pdb 
WWPDB D_1300036896 ?            ?                   
# 
loop_
_pdbx_audit_revision_history.ordinal 
_pdbx_audit_revision_history.data_content_type 
_pdbx_audit_revision_history.major_revision 
_pdbx_audit_revision_history.minor_revision 
_pdbx_audit_revision_history.revision_date 
1 'Structure model' 1 0 2024-04-17 
2 'Structure model' 1 1 2024-05-22 
# 
_pdbx_audit_revision_details.ordinal             1 
_pdbx_audit_revision_details.revision_ordinal    1 
_pdbx_audit_revision_details.data_content_type   'Structure model' 
_pdbx_audit_revision_details.provider            repository 
_pdbx_audit_revision_details.type                'Initial release' 
_pdbx_audit_revision_details.description         ? 
_pdbx_audit_revision_details.details             ? 
# 
_pdbx_audit_revision_group.ordinal             1 
_pdbx_audit_revision_group.revision_ordinal    2 
_pdbx_audit_revision_group.data_content_type   'Structure model' 
_pdbx_audit_revision_group.group               'Database references' 
# 
loop_
_pdbx_audit_revision_category.ordinal 
_pdbx_audit_revision_category.revision_ordinal 
_pdbx_audit_revision_category.data_content_type 
_pdbx_audit_revision_category.category 
1 2 'Structure model' citation        
2 2 'Structure model' citation_author 
# 
loop_
_pdbx_audit_revision_item.ordinal 
_pdbx_audit_revision_item.revision_ordinal 
_pdbx_audit_revision_item.data_content_type 
_pdbx_audit_revision_item.item 
1  2 'Structure model' '_citation.journal_abbrev'          
2  2 'Structure model' '_citation.journal_id_CSD'          
3  2 'Structure model' '_citation.journal_id_ISSN'         
4  2 'Structure model' '_citation.journal_volume'          
5  2 'Structure model' '_citation.page_first'              
6  2 'Structure model' '_citation.page_last'               
7  2 'Structure model' '_citation.pdbx_database_id_DOI'    
8  2 'Structure model' '_citation.pdbx_database_id_PubMed' 
9  2 'Structure model' '_citation.title'                   
10 2 'Structure model' '_citation.year'                    
# 
_pdbx_database_status.status_code                     REL 
_pdbx_database_status.status_code_sf                  REL 
_pdbx_database_status.status_code_mr                  ? 
_pdbx_database_status.entry_id                        8IZT 
_pdbx_database_status.recvd_initial_deposition_date   2023-04-08 
_pdbx_database_status.SG_entry                        N 
_pdbx_database_status.deposit_site                    PDBJ 
_pdbx_database_status.process_site                    PDBJ 
_pdbx_database_status.status_code_cs                  ? 
_pdbx_database_status.status_code_nmr_data            ? 
_pdbx_database_status.methods_development_category    ? 
_pdbx_database_status.pdb_format_compatible           Y 
# 
_pdbx_contact_author.id                 2 
_pdbx_contact_author.email              leijian@scu.edu.cn 
_pdbx_contact_author.name_first         Jian 
_pdbx_contact_author.name_last          Lei 
_pdbx_contact_author.name_mi            ? 
_pdbx_contact_author.role               'principal investigator/group leader' 
_pdbx_contact_author.identifier_ORCID   0000-0001-9326-0554 
# 
loop_
_audit_author.name 
_audit_author.pdbx_ordinal 
_audit_author.identifier_ORCID 
'Ni, X.C.' 1 0000-0002-9723-4756 
'Lei, J.'  2 0000-0001-9326-0554 
# 
_citation.abstract                  ? 
_citation.abstract_id_CAS           ? 
_citation.book_id_ISBN              ? 
_citation.book_publisher            ? 
_citation.book_publisher_city       ? 
_citation.book_title                ? 
_citation.coordinate_linkage        ? 
_citation.country                   ? 
_citation.database_id_Medline       ? 
_citation.details                   ? 
_citation.id                        primary 
_citation.journal_abbrev            'Virol Sin' 
_citation.journal_id_ASTM           ? 
_citation.journal_id_CSD            ? 
_citation.journal_id_ISSN           1995-820X 
_citation.journal_full              ? 
_citation.journal_issue             ? 
_citation.journal_volume            39 
_citation.language                  ? 
_citation.page_first                331 
_citation.page_last                 334 
_citation.title                     'Structural analysis of conformational changes in the mpox virus A7 protein.' 
_citation.year                      2024 
_citation.database_id_CSD           ? 
_citation.pdbx_database_id_DOI      10.1016/j.virs.2023.12.006 
_citation.pdbx_database_id_PubMed   38159644 
_citation.pdbx_database_id_patent   ? 
_citation.unpublished_flag          ? 
# 
loop_
_citation_author.citation_id 
_citation_author.name 
_citation_author.ordinal 
_citation_author.identifier_ORCID 
primary 'Ni, X.'   1 ? 
primary 'Wang, K.' 2 ? 
primary 'Han, Y.'  3 ? 
primary 'Lei, J.'  4 ? 
# 
loop_
_entity.id 
_entity.type 
_entity.src_method 
_entity.pdbx_description 
_entity.formula_weight 
_entity.pdbx_number_of_molecules 
_entity.pdbx_ec 
_entity.pdbx_mutation 
_entity.pdbx_fragment 
_entity.details 
1 polymer     man 'Virion morphogenesis protein OPG132' 14280.537 1   ? ? 'N-terminal domain (residues 1-121)' ? 
2 non-polymer syn 'ZINC ION'                            65.409    2   ? ? ?                                    ? 
3 water       nat water                                 18.015    146 ? ? ?                                    ? 
# 
_entity_poly.entity_id                      1 
_entity_poly.type                           'polypeptide(L)' 
_entity_poly.nstd_linkage                   no 
_entity_poly.nstd_monomer                   no 
_entity_poly.pdbx_seq_one_letter_code       
;GASMDKLRVLYDEFVTISKDNLERETGLSASDVDMDFDLNIFMTLVPVLEKKVCVITPTIEDDKIVTMMKYCSYQSFSFW
FLKSGAVVKSVYNKLDDVEKEKFVATFRDMLLNVQTLISLNSMY
;
_entity_poly.pdbx_seq_one_letter_code_can   
;GASMDKLRVLYDEFVTISKDNLERETGLSASDVDMDFDLNIFMTLVPVLEKKVCVITPTIEDDKIVTMMKYCSYQSFSFW
FLKSGAVVKSVYNKLDDVEKEKFVATFRDMLLNVQTLISLNSMY
;
_entity_poly.pdbx_strand_id                 A 
_entity_poly.pdbx_target_identifier         ? 
# 
loop_
_pdbx_entity_nonpoly.entity_id 
_pdbx_entity_nonpoly.name 
_pdbx_entity_nonpoly.comp_id 
2 'ZINC ION' ZN  
3 water      HOH 
# 
loop_
_entity_poly_seq.entity_id 
_entity_poly_seq.num 
_entity_poly_seq.mon_id 
_entity_poly_seq.hetero 
1 1   GLY n 
1 2   ALA n 
1 3   SER n 
1 4   MET n 
1 5   ASP n 
1 6   LYS n 
1 7   LEU n 
1 8   ARG n 
1 9   VAL n 
1 10  LEU n 
1 11  TYR n 
1 12  ASP n 
1 13  GLU n 
1 14  PHE n 
1 15  VAL n 
1 16  THR n 
1 17  ILE n 
1 18  SER n 
1 19  LYS n 
1 20  ASP n 
1 21  ASN n 
1 22  LEU n 
1 23  GLU n 
1 24  ARG n 
1 25  GLU n 
1 26  THR n 
1 27  GLY n 
1 28  LEU n 
1 29  SER n 
1 30  ALA n 
1 31  SER n 
1 32  ASP n 
1 33  VAL n 
1 34  ASP n 
1 35  MET n 
1 36  ASP n 
1 37  PHE n 
1 38  ASP n 
1 39  LEU n 
1 40  ASN n 
1 41  ILE n 
1 42  PHE n 
1 43  MET n 
1 44  THR n 
1 45  LEU n 
1 46  VAL n 
1 47  PRO n 
1 48  VAL n 
1 49  LEU n 
1 50  GLU n 
1 51  LYS n 
1 52  LYS n 
1 53  VAL n 
1 54  CYS n 
1 55  VAL n 
1 56  ILE n 
1 57  THR n 
1 58  PRO n 
1 59  THR n 
1 60  ILE n 
1 61  GLU n 
1 62  ASP n 
1 63  ASP n 
1 64  LYS n 
1 65  ILE n 
1 66  VAL n 
1 67  THR n 
1 68  MET n 
1 69  MET n 
1 70  LYS n 
1 71  TYR n 
1 72  CYS n 
1 73  SER n 
1 74  TYR n 
1 75  GLN n 
1 76  SER n 
1 77  PHE n 
1 78  SER n 
1 79  PHE n 
1 80  TRP n 
1 81  PHE n 
1 82  LEU n 
1 83  LYS n 
1 84  SER n 
1 85  GLY n 
1 86  ALA n 
1 87  VAL n 
1 88  VAL n 
1 89  LYS n 
1 90  SER n 
1 91  VAL n 
1 92  TYR n 
1 93  ASN n 
1 94  LYS n 
1 95  LEU n 
1 96  ASP n 
1 97  ASP n 
1 98  VAL n 
1 99  GLU n 
1 100 LYS n 
1 101 GLU n 
1 102 LYS n 
1 103 PHE n 
1 104 VAL n 
1 105 ALA n 
1 106 THR n 
1 107 PHE n 
1 108 ARG n 
1 109 ASP n 
1 110 MET n 
1 111 LEU n 
1 112 LEU n 
1 113 ASN n 
1 114 VAL n 
1 115 GLN n 
1 116 THR n 
1 117 LEU n 
1 118 ILE n 
1 119 SER n 
1 120 LEU n 
1 121 ASN n 
1 122 SER n 
1 123 MET n 
1 124 TYR n 
# 
_entity_src_gen.entity_id                          1 
_entity_src_gen.pdbx_src_id                        1 
_entity_src_gen.pdbx_alt_source_flag               sample 
_entity_src_gen.pdbx_seq_type                      'Biological sequence' 
_entity_src_gen.pdbx_beg_seq_num                   1 
_entity_src_gen.pdbx_end_seq_num                   124 
_entity_src_gen.gene_src_common_name               ? 
_entity_src_gen.gene_src_genus                     ? 
_entity_src_gen.pdbx_gene_src_gene                 'OPG132, MPXVgp117' 
_entity_src_gen.gene_src_species                   ? 
_entity_src_gen.gene_src_strain                    ? 
_entity_src_gen.gene_src_tissue                    ? 
_entity_src_gen.gene_src_tissue_fraction           ? 
_entity_src_gen.gene_src_details                   ? 
_entity_src_gen.pdbx_gene_src_fragment             ? 
_entity_src_gen.pdbx_gene_src_scientific_name      'Monkeypox virus' 
_entity_src_gen.pdbx_gene_src_ncbi_taxonomy_id     10244 
_entity_src_gen.pdbx_gene_src_variant              ? 
_entity_src_gen.pdbx_gene_src_cell_line            ? 
_entity_src_gen.pdbx_gene_src_atcc                 ? 
_entity_src_gen.pdbx_gene_src_organ                ? 
_entity_src_gen.pdbx_gene_src_organelle            ? 
_entity_src_gen.pdbx_gene_src_cell                 ? 
_entity_src_gen.pdbx_gene_src_cellular_location    ? 
_entity_src_gen.host_org_common_name               ? 
_entity_src_gen.pdbx_host_org_scientific_name      'Escherichia coli' 
_entity_src_gen.pdbx_host_org_ncbi_taxonomy_id     562 
_entity_src_gen.host_org_genus                     ? 
_entity_src_gen.pdbx_host_org_gene                 ? 
_entity_src_gen.pdbx_host_org_organ                ? 
_entity_src_gen.host_org_species                   ? 
_entity_src_gen.pdbx_host_org_tissue               ? 
_entity_src_gen.pdbx_host_org_tissue_fraction      ? 
_entity_src_gen.pdbx_host_org_strain               ? 
_entity_src_gen.pdbx_host_org_variant              ? 
_entity_src_gen.pdbx_host_org_cell_line            ? 
_entity_src_gen.pdbx_host_org_atcc                 ? 
_entity_src_gen.pdbx_host_org_culture_collection   ? 
_entity_src_gen.pdbx_host_org_cell                 ? 
_entity_src_gen.pdbx_host_org_organelle            ? 
_entity_src_gen.pdbx_host_org_cellular_location    ? 
_entity_src_gen.pdbx_host_org_vector_type          ? 
_entity_src_gen.pdbx_host_org_vector               ? 
_entity_src_gen.host_org_details                   ? 
_entity_src_gen.expression_system_id               ? 
_entity_src_gen.plasmid_name                       ? 
_entity_src_gen.plasmid_details                    ? 
_entity_src_gen.pdbx_description                   ? 
# 
loop_
_chem_comp.id 
_chem_comp.type 
_chem_comp.mon_nstd_flag 
_chem_comp.name 
_chem_comp.pdbx_synonyms 
_chem_comp.formula 
_chem_comp.formula_weight 
ALA 'L-peptide linking' y ALANINE         ? 'C3 H7 N O2'     89.093  
ARG 'L-peptide linking' y ARGININE        ? 'C6 H15 N4 O2 1' 175.209 
ASN 'L-peptide linking' y ASPARAGINE      ? 'C4 H8 N2 O3'    132.118 
ASP 'L-peptide linking' y 'ASPARTIC ACID' ? 'C4 H7 N O4'     133.103 
CYS 'L-peptide linking' y CYSTEINE        ? 'C3 H7 N O2 S'   121.158 
GLN 'L-peptide linking' y GLUTAMINE       ? 'C5 H10 N2 O3'   146.144 
GLU 'L-peptide linking' y 'GLUTAMIC ACID' ? 'C5 H9 N O4'     147.129 
GLY 'peptide linking'   y GLYCINE         ? 'C2 H5 N O2'     75.067  
HOH non-polymer         . WATER           ? 'H2 O'           18.015  
ILE 'L-peptide linking' y ISOLEUCINE      ? 'C6 H13 N O2'    131.173 
LEU 'L-peptide linking' y LEUCINE         ? 'C6 H13 N O2'    131.173 
LYS 'L-peptide linking' y LYSINE          ? 'C6 H15 N2 O2 1' 147.195 
MET 'L-peptide linking' y METHIONINE      ? 'C5 H11 N O2 S'  149.211 
PHE 'L-peptide linking' y PHENYLALANINE   ? 'C9 H11 N O2'    165.189 
PRO 'L-peptide linking' y PROLINE         ? 'C5 H9 N O2'     115.130 
SER 'L-peptide linking' y SERINE          ? 'C3 H7 N O3'     105.093 
THR 'L-peptide linking' y THREONINE       ? 'C4 H9 N O3'     119.119 
TRP 'L-peptide linking' y TRYPTOPHAN      ? 'C11 H12 N2 O2'  204.225 
TYR 'L-peptide linking' y TYROSINE        ? 'C9 H11 N O3'    181.189 
VAL 'L-peptide linking' y VALINE          ? 'C5 H11 N O2'    117.146 
ZN  non-polymer         . 'ZINC ION'      ? 'Zn 2'           65.409  
# 
loop_
_pdbx_poly_seq_scheme.asym_id 
_pdbx_poly_seq_scheme.entity_id 
_pdbx_poly_seq_scheme.seq_id 
_pdbx_poly_seq_scheme.mon_id 
_pdbx_poly_seq_scheme.ndb_seq_num 
_pdbx_poly_seq_scheme.pdb_seq_num 
_pdbx_poly_seq_scheme.auth_seq_num 
_pdbx_poly_seq_scheme.pdb_mon_id 
_pdbx_poly_seq_scheme.auth_mon_id 
_pdbx_poly_seq_scheme.pdb_strand_id 
_pdbx_poly_seq_scheme.pdb_ins_code 
_pdbx_poly_seq_scheme.hetero 
A 1 1   GLY 1   -2  ?   ?   ?   A . n 
A 1 2   ALA 2   -1  -1  ALA ALA A . n 
A 1 3   SER 3   0   0   SER SER A . n 
A 1 4   MET 4   1   1   MET MET A . n 
A 1 5   ASP 5   2   2   ASP ASP A . n 
A 1 6   LYS 6   3   3   LYS LYS A . n 
A 1 7   LEU 7   4   4   LEU LEU A . n 
A 1 8   ARG 8   5   5   ARG ARG A . n 
A 1 9   VAL 9   6   6   VAL VAL A . n 
A 1 10  LEU 10  7   7   LEU LEU A . n 
A 1 11  TYR 11  8   8   TYR TYR A . n 
A 1 12  ASP 12  9   9   ASP ASP A . n 
A 1 13  GLU 13  10  10  GLU GLU A . n 
A 1 14  PHE 14  11  11  PHE PHE A . n 
A 1 15  VAL 15  12  12  VAL VAL A . n 
A 1 16  THR 16  13  13  THR THR A . n 
A 1 17  ILE 17  14  14  ILE ILE A . n 
A 1 18  SER 18  15  15  SER SER A . n 
A 1 19  LYS 19  16  16  LYS LYS A . n 
A 1 20  ASP 20  17  17  ASP ASP A . n 
A 1 21  ASN 21  18  18  ASN ASN A . n 
A 1 22  LEU 22  19  19  LEU LEU A . n 
A 1 23  GLU 23  20  20  GLU GLU A . n 
A 1 24  ARG 24  21  21  ARG ARG A . n 
A 1 25  GLU 25  22  22  GLU GLU A . n 
A 1 26  THR 26  23  23  THR THR A . n 
A 1 27  GLY 27  24  24  GLY GLY A . n 
A 1 28  LEU 28  25  25  LEU LEU A . n 
A 1 29  SER 29  26  26  SER SER A . n 
A 1 30  ALA 30  27  27  ALA ALA A . n 
A 1 31  SER 31  28  28  SER SER A . n 
A 1 32  ASP 32  29  29  ASP ASP A . n 
A 1 33  VAL 33  30  30  VAL VAL A . n 
A 1 34  ASP 34  31  31  ASP ASP A . n 
A 1 35  MET 35  32  32  MET MET A . n 
A 1 36  ASP 36  33  33  ASP ASP A . n 
A 1 37  PHE 37  34  34  PHE PHE A . n 
A 1 38  ASP 38  35  35  ASP ASP A . n 
A 1 39  LEU 39  36  36  LEU LEU A . n 
A 1 40  ASN 40  37  37  ASN ASN A . n 
A 1 41  ILE 41  38  38  ILE ILE A . n 
A 1 42  PHE 42  39  39  PHE PHE A . n 
A 1 43  MET 43  40  40  MET MET A . n 
A 1 44  THR 44  41  41  THR THR A . n 
A 1 45  LEU 45  42  42  LEU LEU A . n 
A 1 46  VAL 46  43  43  VAL VAL A . n 
A 1 47  PRO 47  44  44  PRO PRO A . n 
A 1 48  VAL 48  45  45  VAL VAL A . n 
A 1 49  LEU 49  46  46  LEU LEU A . n 
A 1 50  GLU 50  47  47  GLU GLU A . n 
A 1 51  LYS 51  48  48  LYS LYS A . n 
A 1 52  LYS 52  49  49  LYS LYS A . n 
A 1 53  VAL 53  50  50  VAL VAL A . n 
A 1 54  CYS 54  51  51  CYS CYS A . n 
A 1 55  VAL 55  52  52  VAL VAL A . n 
A 1 56  ILE 56  53  53  ILE ILE A . n 
A 1 57  THR 57  54  54  THR THR A . n 
A 1 58  PRO 58  55  55  PRO PRO A . n 
A 1 59  THR 59  56  56  THR THR A . n 
A 1 60  ILE 60  57  57  ILE ILE A . n 
A 1 61  GLU 61  58  58  GLU GLU A . n 
A 1 62  ASP 62  59  59  ASP ASP A . n 
A 1 63  ASP 63  60  60  ASP ASP A . n 
A 1 64  LYS 64  61  61  LYS LYS A . n 
A 1 65  ILE 65  62  62  ILE ILE A . n 
A 1 66  VAL 66  63  63  VAL VAL A . n 
A 1 67  THR 67  64  64  THR THR A . n 
A 1 68  MET 68  65  65  MET MET A . n 
A 1 69  MET 69  66  66  MET MET A . n 
A 1 70  LYS 70  67  67  LYS LYS A . n 
A 1 71  TYR 71  68  68  TYR TYR A . n 
A 1 72  CYS 72  69  69  CYS CYS A . n 
A 1 73  SER 73  70  70  SER SER A . n 
A 1 74  TYR 74  71  71  TYR TYR A . n 
A 1 75  GLN 75  72  72  GLN GLN A . n 
A 1 76  SER 76  73  73  SER SER A . n 
A 1 77  PHE 77  74  74  PHE PHE A . n 
A 1 78  SER 78  75  75  SER SER A . n 
A 1 79  PHE 79  76  76  PHE PHE A . n 
A 1 80  TRP 80  77  77  TRP TRP A . n 
A 1 81  PHE 81  78  78  PHE PHE A . n 
A 1 82  LEU 82  79  79  LEU LEU A . n 
A 1 83  LYS 83  80  80  LYS LYS A . n 
A 1 84  SER 84  81  81  SER SER A . n 
A 1 85  GLY 85  82  82  GLY GLY A . n 
A 1 86  ALA 86  83  83  ALA ALA A . n 
A 1 87  VAL 87  84  84  VAL VAL A . n 
A 1 88  VAL 88  85  85  VAL VAL A . n 
A 1 89  LYS 89  86  86  LYS LYS A . n 
A 1 90  SER 90  87  87  SER SER A . n 
A 1 91  VAL 91  88  88  VAL VAL A . n 
A 1 92  TYR 92  89  89  TYR TYR A . n 
A 1 93  ASN 93  90  90  ASN ASN A . n 
A 1 94  LYS 94  91  91  LYS LYS A . n 
A 1 95  LEU 95  92  92  LEU LEU A . n 
A 1 96  ASP 96  93  93  ASP ASP A . n 
A 1 97  ASP 97  94  94  ASP ASP A . n 
A 1 98  VAL 98  95  95  VAL VAL A . n 
A 1 99  GLU 99  96  96  GLU GLU A . n 
A 1 100 LYS 100 97  97  LYS LYS A . n 
A 1 101 GLU 101 98  98  GLU GLU A . n 
A 1 102 LYS 102 99  99  LYS LYS A . n 
A 1 103 PHE 103 100 100 PHE PHE A . n 
A 1 104 VAL 104 101 101 VAL VAL A . n 
A 1 105 ALA 105 102 102 ALA ALA A . n 
A 1 106 THR 106 103 103 THR THR A . n 
A 1 107 PHE 107 104 104 PHE PHE A . n 
A 1 108 ARG 108 105 105 ARG ARG A . n 
A 1 109 ASP 109 106 106 ASP ASP A . n 
A 1 110 MET 110 107 107 MET MET A . n 
A 1 111 LEU 111 108 108 LEU LEU A . n 
A 1 112 LEU 112 109 109 LEU LEU A . n 
A 1 113 ASN 113 110 110 ASN ASN A . n 
A 1 114 VAL 114 111 111 VAL VAL A . n 
A 1 115 GLN 115 112 112 GLN GLN A . n 
A 1 116 THR 116 113 113 THR THR A . n 
A 1 117 LEU 117 114 114 LEU LEU A . n 
A 1 118 ILE 118 115 115 ILE ILE A . n 
A 1 119 SER 119 116 116 SER SER A . n 
A 1 120 LEU 120 117 117 LEU LEU A . n 
A 1 121 ASN 121 118 118 ASN ASN A . n 
A 1 122 SER 122 119 119 SER SER A . n 
A 1 123 MET 123 120 120 MET MET A . n 
A 1 124 TYR 124 121 121 TYR TYR A . n 
# 
loop_
_pdbx_nonpoly_scheme.asym_id 
_pdbx_nonpoly_scheme.entity_id 
_pdbx_nonpoly_scheme.mon_id 
_pdbx_nonpoly_scheme.ndb_seq_num 
_pdbx_nonpoly_scheme.pdb_seq_num 
_pdbx_nonpoly_scheme.auth_seq_num 
_pdbx_nonpoly_scheme.pdb_mon_id 
_pdbx_nonpoly_scheme.auth_mon_id 
_pdbx_nonpoly_scheme.pdb_strand_id 
_pdbx_nonpoly_scheme.pdb_ins_code 
B 2 ZN  1   201 1   ZN  ZN  A . 
C 2 ZN  1   202 2   ZN  ZN  A . 
D 3 HOH 1   301 31  HOH HOH A . 
D 3 HOH 2   302 172 HOH HOH A . 
D 3 HOH 3   303 146 HOH HOH A . 
D 3 HOH 4   304 111 HOH HOH A . 
D 3 HOH 5   305 170 HOH HOH A . 
D 3 HOH 6   306 184 HOH HOH A . 
D 3 HOH 7   307 49  HOH HOH A . 
D 3 HOH 8   308 113 HOH HOH A . 
D 3 HOH 9   309 94  HOH HOH A . 
D 3 HOH 10  310 70  HOH HOH A . 
D 3 HOH 11  311 23  HOH HOH A . 
D 3 HOH 12  312 101 HOH HOH A . 
D 3 HOH 13  313 103 HOH HOH A . 
D 3 HOH 14  314 91  HOH HOH A . 
D 3 HOH 15  315 58  HOH HOH A . 
D 3 HOH 16  316 185 HOH HOH A . 
D 3 HOH 17  317 80  HOH HOH A . 
D 3 HOH 18  318 86  HOH HOH A . 
D 3 HOH 19  319 90  HOH HOH A . 
D 3 HOH 20  320 159 HOH HOH A . 
D 3 HOH 21  321 108 HOH HOH A . 
D 3 HOH 22  322 116 HOH HOH A . 
D 3 HOH 23  323 26  HOH HOH A . 
D 3 HOH 24  324 54  HOH HOH A . 
D 3 HOH 25  325 45  HOH HOH A . 
D 3 HOH 26  326 32  HOH HOH A . 
D 3 HOH 27  327 4   HOH HOH A . 
D 3 HOH 28  328 118 HOH HOH A . 
D 3 HOH 29  329 131 HOH HOH A . 
D 3 HOH 30  330 34  HOH HOH A . 
D 3 HOH 31  331 115 HOH HOH A . 
D 3 HOH 32  332 154 HOH HOH A . 
D 3 HOH 33  333 176 HOH HOH A . 
D 3 HOH 34  334 168 HOH HOH A . 
D 3 HOH 35  335 60  HOH HOH A . 
D 3 HOH 36  336 30  HOH HOH A . 
D 3 HOH 37  337 21  HOH HOH A . 
D 3 HOH 38  338 114 HOH HOH A . 
D 3 HOH 39  339 33  HOH HOH A . 
D 3 HOH 40  340 61  HOH HOH A . 
D 3 HOH 41  341 141 HOH HOH A . 
D 3 HOH 42  342 68  HOH HOH A . 
D 3 HOH 43  343 69  HOH HOH A . 
D 3 HOH 44  344 119 HOH HOH A . 
D 3 HOH 45  345 85  HOH HOH A . 
D 3 HOH 46  346 127 HOH HOH A . 
D 3 HOH 47  347 120 HOH HOH A . 
D 3 HOH 48  348 50  HOH HOH A . 
D 3 HOH 49  349 13  HOH HOH A . 
D 3 HOH 50  350 63  HOH HOH A . 
D 3 HOH 51  351 132 HOH HOH A . 
D 3 HOH 52  352 71  HOH HOH A . 
D 3 HOH 53  353 52  HOH HOH A . 
D 3 HOH 54  354 37  HOH HOH A . 
D 3 HOH 55  355 16  HOH HOH A . 
D 3 HOH 56  356 128 HOH HOH A . 
D 3 HOH 57  357 51  HOH HOH A . 
D 3 HOH 58  358 74  HOH HOH A . 
D 3 HOH 59  359 130 HOH HOH A . 
D 3 HOH 60  360 156 HOH HOH A . 
D 3 HOH 61  361 98  HOH HOH A . 
D 3 HOH 62  362 99  HOH HOH A . 
D 3 HOH 63  363 169 HOH HOH A . 
D 3 HOH 64  364 104 HOH HOH A . 
D 3 HOH 65  365 42  HOH HOH A . 
D 3 HOH 66  366 150 HOH HOH A . 
D 3 HOH 67  367 48  HOH HOH A . 
D 3 HOH 68  368 46  HOH HOH A . 
D 3 HOH 69  369 28  HOH HOH A . 
D 3 HOH 70  370 1   HOH HOH A . 
D 3 HOH 71  371 25  HOH HOH A . 
D 3 HOH 72  372 72  HOH HOH A . 
D 3 HOH 73  373 87  HOH HOH A . 
D 3 HOH 74  374 43  HOH HOH A . 
D 3 HOH 75  375 123 HOH HOH A . 
D 3 HOH 76  376 95  HOH HOH A . 
D 3 HOH 77  377 55  HOH HOH A . 
D 3 HOH 78  378 153 HOH HOH A . 
D 3 HOH 79  379 24  HOH HOH A . 
D 3 HOH 80  380 117 HOH HOH A . 
D 3 HOH 81  381 39  HOH HOH A . 
D 3 HOH 82  382 83  HOH HOH A . 
D 3 HOH 83  383 122 HOH HOH A . 
D 3 HOH 84  384 73  HOH HOH A . 
D 3 HOH 85  385 76  HOH HOH A . 
D 3 HOH 86  386 47  HOH HOH A . 
D 3 HOH 87  387 57  HOH HOH A . 
D 3 HOH 88  388 77  HOH HOH A . 
D 3 HOH 89  389 136 HOH HOH A . 
D 3 HOH 90  390 186 HOH HOH A . 
D 3 HOH 91  391 105 HOH HOH A . 
D 3 HOH 92  392 175 HOH HOH A . 
D 3 HOH 93  393 64  HOH HOH A . 
D 3 HOH 94  394 129 HOH HOH A . 
D 3 HOH 95  395 89  HOH HOH A . 
D 3 HOH 96  396 100 HOH HOH A . 
D 3 HOH 97  397 67  HOH HOH A . 
D 3 HOH 98  398 75  HOH HOH A . 
D 3 HOH 99  399 121 HOH HOH A . 
D 3 HOH 100 400 53  HOH HOH A . 
D 3 HOH 101 401 65  HOH HOH A . 
D 3 HOH 102 402 92  HOH HOH A . 
D 3 HOH 103 403 142 HOH HOH A . 
D 3 HOH 104 404 143 HOH HOH A . 
D 3 HOH 105 405 126 HOH HOH A . 
D 3 HOH 106 406 107 HOH HOH A . 
D 3 HOH 107 407 183 HOH HOH A . 
D 3 HOH 108 408 147 HOH HOH A . 
D 3 HOH 109 409 35  HOH HOH A . 
D 3 HOH 110 410 81  HOH HOH A . 
D 3 HOH 111 411 181 HOH HOH A . 
D 3 HOH 112 412 88  HOH HOH A . 
D 3 HOH 113 413 165 HOH HOH A . 
D 3 HOH 114 414 29  HOH HOH A . 
D 3 HOH 115 415 148 HOH HOH A . 
D 3 HOH 116 416 140 HOH HOH A . 
D 3 HOH 117 417 20  HOH HOH A . 
D 3 HOH 118 418 155 HOH HOH A . 
D 3 HOH 119 419 96  HOH HOH A . 
D 3 HOH 120 420 38  HOH HOH A . 
D 3 HOH 121 421 62  HOH HOH A . 
D 3 HOH 122 422 167 HOH HOH A . 
D 3 HOH 123 423 182 HOH HOH A . 
D 3 HOH 124 424 15  HOH HOH A . 
D 3 HOH 125 425 41  HOH HOH A . 
D 3 HOH 126 426 17  HOH HOH A . 
D 3 HOH 127 427 179 HOH HOH A . 
D 3 HOH 128 428 177 HOH HOH A . 
D 3 HOH 129 429 44  HOH HOH A . 
D 3 HOH 130 430 151 HOH HOH A . 
D 3 HOH 131 431 106 HOH HOH A . 
D 3 HOH 132 432 110 HOH HOH A . 
D 3 HOH 133 433 124 HOH HOH A . 
D 3 HOH 134 434 66  HOH HOH A . 
D 3 HOH 135 435 82  HOH HOH A . 
D 3 HOH 136 436 145 HOH HOH A . 
D 3 HOH 137 437 14  HOH HOH A . 
D 3 HOH 138 438 27  HOH HOH A . 
D 3 HOH 139 439 149 HOH HOH A . 
D 3 HOH 140 440 97  HOH HOH A . 
D 3 HOH 141 441 109 HOH HOH A . 
D 3 HOH 142 442 11  HOH HOH A . 
D 3 HOH 143 443 125 HOH HOH A . 
D 3 HOH 144 444 157 HOH HOH A . 
D 3 HOH 145 445 166 HOH HOH A . 
D 3 HOH 146 446 22  HOH HOH A . 
# 
loop_
_software.citation_id 
_software.classification 
_software.compiler_name 
_software.compiler_version 
_software.contact_author 
_software.contact_author_email 
_software.date 
_software.description 
_software.dependencies 
_software.hardware 
_software.language 
_software.location 
_software.mods 
_software.name 
_software.os 
_software.os_version 
_software.type 
_software.version 
_software.pdbx_ordinal 
? refinement       ? ? ? ? ? ? ? ? ? ? ? REFMAC  ? ? ? 5.8.0258 1 
? 'data reduction' ? ? ? ? ? ? ? ? ? ? ? XDS     ? ? ? .        2 
? 'data scaling'   ? ? ? ? ? ? ? ? ? ? ? Aimless ? ? ? .        3 
? phasing          ? ? ? ? ? ? ? ? ? ? ? MOLREP  ? ? ? .        4 
# 
_cell.angle_alpha                  90.000 
_cell.angle_alpha_esd              ? 
_cell.angle_beta                   112.342 
_cell.angle_beta_esd               ? 
_cell.angle_gamma                  90.000 
_cell.angle_gamma_esd              ? 
_cell.entry_id                     8IZT 
_cell.details                      ? 
_cell.formula_units_Z              ? 
_cell.length_a                     75.950 
_cell.length_a_esd                 ? 
_cell.length_b                     31.263 
_cell.length_b_esd                 ? 
_cell.length_c                     49.838 
_cell.length_c_esd                 ? 
_cell.volume                       ? 
_cell.volume_esd                   ? 
_cell.Z_PDB                        4 
_cell.reciprocal_angle_alpha       ? 
_cell.reciprocal_angle_beta        ? 
_cell.reciprocal_angle_gamma       ? 
_cell.reciprocal_angle_alpha_esd   ? 
_cell.reciprocal_angle_beta_esd    ? 
_cell.reciprocal_angle_gamma_esd   ? 
_cell.reciprocal_length_a          ? 
_cell.reciprocal_length_b          ? 
_cell.reciprocal_length_c          ? 
_cell.reciprocal_length_a_esd      ? 
_cell.reciprocal_length_b_esd      ? 
_cell.reciprocal_length_c_esd      ? 
_cell.pdbx_unique_axis             ? 
_cell.pdbx_esd_method              ? 
# 
_symmetry.entry_id                         8IZT 
_symmetry.cell_setting                     ? 
_symmetry.Int_Tables_number                5 
_symmetry.space_group_name_Hall            ? 
_symmetry.space_group_name_H-M             'C 1 2 1' 
_symmetry.pdbx_full_space_group_name_H-M   ? 
# 
_exptl.absorpt_coefficient_mu     ? 
_exptl.absorpt_correction_T_max   ? 
_exptl.absorpt_correction_T_min   ? 
_exptl.absorpt_correction_type    ? 
_exptl.absorpt_process_details    ? 
_exptl.entry_id                   8IZT 
_exptl.crystals_number            1 
_exptl.details                    ? 
_exptl.method                     'X-RAY DIFFRACTION' 
_exptl.method_details             ? 
# 
_exptl_crystal.colour                       ? 
_exptl_crystal.density_diffrn               ? 
_exptl_crystal.density_Matthews             1.92 
_exptl_crystal.density_method               ? 
_exptl_crystal.density_percent_sol          35.91 
_exptl_crystal.description                  ? 
_exptl_crystal.F_000                        ? 
_exptl_crystal.id                           1 
_exptl_crystal.preparation                  ? 
_exptl_crystal.size_max                     ? 
_exptl_crystal.size_mid                     ? 
_exptl_crystal.size_min                     ? 
_exptl_crystal.size_rad                     ? 
_exptl_crystal.colour_lustre                ? 
_exptl_crystal.colour_modifier              ? 
_exptl_crystal.colour_primary               ? 
_exptl_crystal.density_meas                 ? 
_exptl_crystal.density_meas_esd             ? 
_exptl_crystal.density_meas_gt              ? 
_exptl_crystal.density_meas_lt              ? 
_exptl_crystal.density_meas_temp            ? 
_exptl_crystal.density_meas_temp_esd        ? 
_exptl_crystal.density_meas_temp_gt         ? 
_exptl_crystal.density_meas_temp_lt         ? 
_exptl_crystal.pdbx_crystal_image_url       ? 
_exptl_crystal.pdbx_crystal_image_format    ? 
_exptl_crystal.pdbx_mosaicity               ? 
_exptl_crystal.pdbx_mosaicity_esd           ? 
_exptl_crystal.pdbx_mosaic_method           ? 
_exptl_crystal.pdbx_mosaic_block_size       ? 
_exptl_crystal.pdbx_mosaic_block_size_esd   ? 
# 
_exptl_crystal_grow.apparatus       ? 
_exptl_crystal_grow.atmosphere      ? 
_exptl_crystal_grow.crystal_id      1 
_exptl_crystal_grow.details         ? 
_exptl_crystal_grow.method          'VAPOR DIFFUSION, SITTING DROP' 
_exptl_crystal_grow.method_ref      ? 
_exptl_crystal_grow.pH              ? 
_exptl_crystal_grow.pressure        ? 
_exptl_crystal_grow.pressure_esd    ? 
_exptl_crystal_grow.seeding         ? 
_exptl_crystal_grow.seeding_ref     ? 
_exptl_crystal_grow.temp_details    ? 
_exptl_crystal_grow.temp_esd        ? 
_exptl_crystal_grow.time            ? 
_exptl_crystal_grow.pdbx_details    '0,01 M Zinc chloride, 0.1 M MES pH 6.0, 20% w/v PEG6000' 
_exptl_crystal_grow.pdbx_pH_range   ? 
_exptl_crystal_grow.temp            291 
# 
_diffrn.ambient_environment              ? 
_diffrn.ambient_temp                     100 
_diffrn.ambient_temp_details             ? 
_diffrn.ambient_temp_esd                 ? 
_diffrn.crystal_id                       1 
_diffrn.crystal_support                  ? 
_diffrn.crystal_treatment                ? 
_diffrn.details                          ? 
_diffrn.id                               1 
_diffrn.ambient_pressure                 ? 
_diffrn.ambient_pressure_esd             ? 
_diffrn.ambient_pressure_gt              ? 
_diffrn.ambient_pressure_lt              ? 
_diffrn.ambient_temp_gt                  ? 
_diffrn.ambient_temp_lt                  ? 
_diffrn.pdbx_serial_crystal_experiment   N 
# 
_diffrn_detector.details                      ? 
_diffrn_detector.detector                     PIXEL 
_diffrn_detector.diffrn_id                    1 
_diffrn_detector.type                         'DECTRIS PILATUS 6M' 
_diffrn_detector.area_resol_mean              ? 
_diffrn_detector.dtime                        ? 
_diffrn_detector.pdbx_frames_total            ? 
_diffrn_detector.pdbx_collection_time_total   ? 
_diffrn_detector.pdbx_collection_date         2022-10-15 
_diffrn_detector.pdbx_frequency               ? 
_diffrn_detector.id                           ? 
_diffrn_detector.number_of_axes               ? 
# 
_diffrn_radiation.collimation                      ? 
_diffrn_radiation.diffrn_id                        1 
_diffrn_radiation.filter_edge                      ? 
_diffrn_radiation.inhomogeneity                    ? 
_diffrn_radiation.monochromator                    ? 
_diffrn_radiation.polarisn_norm                    ? 
_diffrn_radiation.polarisn_ratio                   ? 
_diffrn_radiation.probe                            ? 
_diffrn_radiation.type                             ? 
_diffrn_radiation.xray_symbol                      ? 
_diffrn_radiation.wavelength_id                    1 
_diffrn_radiation.pdbx_monochromatic_or_laue_m_l   M 
_diffrn_radiation.pdbx_wavelength_list             ? 
_diffrn_radiation.pdbx_wavelength                  ? 
_diffrn_radiation.pdbx_diffrn_protocol             'SINGLE WAVELENGTH' 
_diffrn_radiation.pdbx_analyzer                    ? 
_diffrn_radiation.pdbx_scattering_type             x-ray 
# 
_diffrn_radiation_wavelength.id           1 
_diffrn_radiation_wavelength.wavelength   0.97915 
_diffrn_radiation_wavelength.wt           1.0 
# 
_diffrn_source.current                     ? 
_diffrn_source.details                     ? 
_diffrn_source.diffrn_id                   1 
_diffrn_source.power                       ? 
_diffrn_source.size                        ? 
_diffrn_source.source                      SYNCHROTRON 
_diffrn_source.target                      ? 
_diffrn_source.type                        'SSRF BEAMLINE BL18U1' 
_diffrn_source.voltage                     ? 
_diffrn_source.take-off_angle              ? 
_diffrn_source.pdbx_wavelength_list        0.97915 
_diffrn_source.pdbx_wavelength             ? 
_diffrn_source.pdbx_synchrotron_beamline   BL18U1 
_diffrn_source.pdbx_synchrotron_site       SSRF 
# 
_reflns.B_iso_Wilson_estimate                          ? 
_reflns.entry_id                                       8IZT 
_reflns.data_reduction_details                         ? 
_reflns.data_reduction_method                          ? 
_reflns.d_resolution_high                              1.74 
_reflns.d_resolution_low                               35.10 
_reflns.details                                        ? 
_reflns.limit_h_max                                    ? 
_reflns.limit_h_min                                    ? 
_reflns.limit_k_max                                    ? 
_reflns.limit_k_min                                    ? 
_reflns.limit_l_max                                    ? 
_reflns.limit_l_min                                    ? 
_reflns.number_all                                     ? 
_reflns.number_obs                                     10782 
_reflns.observed_criterion                             ? 
_reflns.observed_criterion_F_max                       ? 
_reflns.observed_criterion_F_min                       ? 
_reflns.observed_criterion_I_max                       ? 
_reflns.observed_criterion_I_min                       ? 
_reflns.observed_criterion_sigma_F                     ? 
_reflns.observed_criterion_sigma_I                     ? 
_reflns.percent_possible_obs                           99.7 
_reflns.R_free_details                                 ? 
_reflns.Rmerge_F_all                                   ? 
_reflns.Rmerge_F_obs                                   ? 
_reflns.Friedel_coverage                               ? 
_reflns.number_gt                                      ? 
_reflns.threshold_expression                           ? 
_reflns.pdbx_redundancy                                6.2 
_reflns.pdbx_netI_over_av_sigmaI                       ? 
_reflns.pdbx_netI_over_sigmaI                          15.0 
_reflns.pdbx_res_netI_over_av_sigmaI_2                 ? 
_reflns.pdbx_res_netI_over_sigmaI_2                    ? 
_reflns.pdbx_chi_squared                               ? 
_reflns.pdbx_scaling_rejects                           ? 
_reflns.pdbx_d_res_high_opt                            ? 
_reflns.pdbx_d_res_low_opt                             ? 
_reflns.pdbx_d_res_opt_method                          ? 
_reflns.phase_calculation_details                      ? 
_reflns.pdbx_Rrim_I_all                                ? 
_reflns.pdbx_Rpim_I_all                                ? 
_reflns.pdbx_d_opt                                     ? 
_reflns.pdbx_number_measured_all                       ? 
_reflns.pdbx_diffrn_id                                 1 
_reflns.pdbx_ordinal                                   1 
_reflns.pdbx_CC_half                                   0.999 
_reflns.pdbx_CC_star                                   ? 
_reflns.pdbx_R_split                                   ? 
_reflns.pdbx_Rmerge_I_obs                              ? 
_reflns.pdbx_Rmerge_I_all                              ? 
_reflns.pdbx_Rsym_value                                ? 
_reflns.pdbx_CC_split_method                           ? 
_reflns.pdbx_aniso_diffraction_limit_axis_1_ortho[1]   ? 
_reflns.pdbx_aniso_diffraction_limit_axis_1_ortho[2]   ? 
_reflns.pdbx_aniso_diffraction_limit_axis_1_ortho[3]   ? 
_reflns.pdbx_aniso_diffraction_limit_axis_2_ortho[1]   ? 
_reflns.pdbx_aniso_diffraction_limit_axis_2_ortho[2]   ? 
_reflns.pdbx_aniso_diffraction_limit_axis_2_ortho[3]   ? 
_reflns.pdbx_aniso_diffraction_limit_axis_3_ortho[1]   ? 
_reflns.pdbx_aniso_diffraction_limit_axis_3_ortho[2]   ? 
_reflns.pdbx_aniso_diffraction_limit_axis_3_ortho[3]   ? 
_reflns.pdbx_aniso_diffraction_limit_1                 ? 
_reflns.pdbx_aniso_diffraction_limit_2                 ? 
_reflns.pdbx_aniso_diffraction_limit_3                 ? 
_reflns.pdbx_aniso_B_tensor_eigenvector_1_ortho[1]     ? 
_reflns.pdbx_aniso_B_tensor_eigenvector_1_ortho[2]     ? 
_reflns.pdbx_aniso_B_tensor_eigenvector_1_ortho[3]     ? 
_reflns.pdbx_aniso_B_tensor_eigenvector_2_ortho[1]     ? 
_reflns.pdbx_aniso_B_tensor_eigenvector_2_ortho[2]     ? 
_reflns.pdbx_aniso_B_tensor_eigenvector_2_ortho[3]     ? 
_reflns.pdbx_aniso_B_tensor_eigenvector_3_ortho[1]     ? 
_reflns.pdbx_aniso_B_tensor_eigenvector_3_ortho[2]     ? 
_reflns.pdbx_aniso_B_tensor_eigenvector_3_ortho[3]     ? 
_reflns.pdbx_aniso_B_tensor_eigenvalue_1               ? 
_reflns.pdbx_aniso_B_tensor_eigenvalue_2               ? 
_reflns.pdbx_aniso_B_tensor_eigenvalue_3               ? 
_reflns.pdbx_orthogonalization_convention              ? 
_reflns.pdbx_percent_possible_ellipsoidal              ? 
_reflns.pdbx_percent_possible_spherical                ? 
_reflns.pdbx_percent_possible_ellipsoidal_anomalous    ? 
_reflns.pdbx_percent_possible_spherical_anomalous      ? 
_reflns.pdbx_redundancy_anomalous                      ? 
_reflns.pdbx_CC_half_anomalous                         ? 
_reflns.pdbx_absDiff_over_sigma_anomalous              ? 
_reflns.pdbx_percent_possible_anomalous                ? 
_reflns.pdbx_observed_signal_threshold                 ? 
_reflns.pdbx_signal_type                               ? 
_reflns.pdbx_signal_details                            ? 
_reflns.pdbx_signal_software_id                        ? 
# 
_reflns_shell.d_res_high                                    1.74 
_reflns_shell.d_res_low                                     1.77 
_reflns_shell.meanI_over_sigI_all                           ? 
_reflns_shell.meanI_over_sigI_obs                           ? 
_reflns_shell.number_measured_all                           ? 
_reflns_shell.number_measured_obs                           ? 
_reflns_shell.number_possible                               ? 
_reflns_shell.number_unique_all                             ? 
_reflns_shell.number_unique_obs                             612 
_reflns_shell.percent_possible_obs                          ? 
_reflns_shell.Rmerge_F_all                                  ? 
_reflns_shell.Rmerge_F_obs                                  ? 
_reflns_shell.meanI_over_sigI_gt                            ? 
_reflns_shell.meanI_over_uI_all                             ? 
_reflns_shell.meanI_over_uI_gt                              ? 
_reflns_shell.number_measured_gt                            ? 
_reflns_shell.number_unique_gt                              ? 
_reflns_shell.percent_possible_gt                           ? 
_reflns_shell.Rmerge_F_gt                                   ? 
_reflns_shell.Rmerge_I_gt                                   ? 
_reflns_shell.pdbx_redundancy                               ? 
_reflns_shell.pdbx_chi_squared                              ? 
_reflns_shell.pdbx_netI_over_sigmaI_all                     ? 
_reflns_shell.pdbx_netI_over_sigmaI_obs                     ? 
_reflns_shell.pdbx_Rrim_I_all                               ? 
_reflns_shell.pdbx_Rpim_I_all                               ? 
_reflns_shell.pdbx_rejects                                  ? 
_reflns_shell.pdbx_ordinal                                  1 
_reflns_shell.pdbx_diffrn_id                                1 
_reflns_shell.pdbx_CC_half                                  0.255 
_reflns_shell.pdbx_CC_star                                  ? 
_reflns_shell.pdbx_R_split                                  ? 
_reflns_shell.percent_possible_all                          ? 
_reflns_shell.Rmerge_I_all                                  ? 
_reflns_shell.Rmerge_I_obs                                  ? 
_reflns_shell.pdbx_Rsym_value                               ? 
_reflns_shell.pdbx_percent_possible_ellipsoidal             ? 
_reflns_shell.pdbx_percent_possible_spherical               ? 
_reflns_shell.pdbx_percent_possible_ellipsoidal_anomalous   ? 
_reflns_shell.pdbx_percent_possible_spherical_anomalous     ? 
_reflns_shell.pdbx_redundancy_anomalous                     ? 
_reflns_shell.pdbx_CC_half_anomalous                        ? 
_reflns_shell.pdbx_absDiff_over_sigma_anomalous             ? 
_reflns_shell.pdbx_percent_possible_anomalous               ? 
# 
_refine.aniso_B[1][1]                            1.031 
_refine.aniso_B[1][2]                            -0.000 
_refine.aniso_B[1][3]                            -0.818 
_refine.aniso_B[2][2]                            -0.371 
_refine.aniso_B[2][3]                            0.000 
_refine.aniso_B[3][3]                            0.010 
_refine.B_iso_max                                ? 
_refine.B_iso_mean                               21.466 
_refine.B_iso_min                                ? 
_refine.correlation_coeff_Fo_to_Fc               0.964 
_refine.correlation_coeff_Fo_to_Fc_free          0.950 
_refine.details                                  'Hydrogens have been added in their riding positions' 
_refine.diff_density_max                         ? 
_refine.diff_density_max_esd                     ? 
_refine.diff_density_min                         ? 
_refine.diff_density_min_esd                     ? 
_refine.diff_density_rms                         ? 
_refine.diff_density_rms_esd                     ? 
_refine.entry_id                                 8IZT 
_refine.pdbx_refine_id                           'X-RAY DIFFRACTION' 
_refine.ls_abs_structure_details                 ? 
_refine.ls_abs_structure_Flack                   ? 
_refine.ls_abs_structure_Flack_esd               ? 
_refine.ls_abs_structure_Rogers                  ? 
_refine.ls_abs_structure_Rogers_esd              ? 
_refine.ls_d_res_high                            1.740 
_refine.ls_d_res_low                             35.10 
_refine.ls_extinction_coef                       ? 
_refine.ls_extinction_coef_esd                   ? 
_refine.ls_extinction_expression                 ? 
_refine.ls_extinction_method                     ? 
_refine.ls_goodness_of_fit_all                   ? 
_refine.ls_goodness_of_fit_all_esd               ? 
_refine.ls_goodness_of_fit_obs                   ? 
_refine.ls_goodness_of_fit_obs_esd               ? 
_refine.ls_hydrogen_treatment                    ? 
_refine.ls_matrix_type                           ? 
_refine.ls_number_constraints                    ? 
_refine.ls_number_parameters                     ? 
_refine.ls_number_reflns_all                     ? 
_refine.ls_number_reflns_obs                     10753 
_refine.ls_number_reflns_R_free                  528 
_refine.ls_number_reflns_R_work                  10225 
_refine.ls_number_restraints                     ? 
_refine.ls_percent_reflns_obs                    94.891 
_refine.ls_percent_reflns_R_free                 4.910 
_refine.ls_R_factor_all                          0.174 
_refine.ls_R_factor_obs                          ? 
_refine.ls_R_factor_R_free                       0.2057 
_refine.ls_R_factor_R_free_error                 ? 
_refine.ls_R_factor_R_free_error_details         ? 
_refine.ls_R_factor_R_work                       0.1725 
_refine.ls_R_Fsqd_factor_obs                     ? 
_refine.ls_R_I_factor_obs                        ? 
_refine.ls_redundancy_reflns_all                 ? 
_refine.ls_redundancy_reflns_obs                 ? 
_refine.ls_restrained_S_all                      ? 
_refine.ls_restrained_S_obs                      ? 
_refine.ls_shift_over_esd_max                    ? 
_refine.ls_shift_over_esd_mean                   ? 
_refine.ls_structure_factor_coef                 ? 
_refine.ls_weighting_details                     ? 
_refine.ls_weighting_scheme                      ? 
_refine.ls_wR_factor_all                         ? 
_refine.ls_wR_factor_obs                         ? 
_refine.ls_wR_factor_R_free                      ? 
_refine.ls_wR_factor_R_work                      ? 
_refine.occupancy_max                            ? 
_refine.occupancy_min                            ? 
_refine.solvent_model_details                    'MASK BULK SOLVENT' 
_refine.solvent_model_param_bsol                 ? 
_refine.solvent_model_param_ksol                 ? 
_refine.pdbx_R_complete                          ? 
_refine.ls_R_factor_gt                           ? 
_refine.ls_goodness_of_fit_gt                    ? 
_refine.ls_goodness_of_fit_ref                   ? 
_refine.ls_shift_over_su_max                     ? 
_refine.ls_shift_over_su_max_lt                  ? 
_refine.ls_shift_over_su_mean                    ? 
_refine.ls_shift_over_su_mean_lt                 ? 
_refine.pdbx_ls_sigma_I                          ? 
_refine.pdbx_ls_sigma_F                          ? 
_refine.pdbx_ls_sigma_Fsqd                       ? 
_refine.pdbx_data_cutoff_high_absF               ? 
_refine.pdbx_data_cutoff_high_rms_absF           ? 
_refine.pdbx_data_cutoff_low_absF                ? 
_refine.pdbx_isotropic_thermal_model             ? 
_refine.pdbx_ls_cross_valid_method               THROUGHOUT 
_refine.pdbx_method_to_determine_struct          'MOLECULAR REPLACEMENT' 
_refine.pdbx_starting_model                      6CB6 
_refine.pdbx_stereochemistry_target_values       ? 
_refine.pdbx_R_Free_selection_details            ? 
_refine.pdbx_stereochem_target_val_spec_case     ? 
_refine.pdbx_overall_ESU_R                       0.140 
_refine.pdbx_overall_ESU_R_Free                  0.124 
_refine.pdbx_solvent_vdw_probe_radii             1.200 
_refine.pdbx_solvent_ion_probe_radii             0.800 
_refine.pdbx_solvent_shrinkage_radii             0.800 
_refine.pdbx_real_space_R                        ? 
_refine.pdbx_density_correlation                 ? 
_refine.pdbx_pd_number_of_powder_patterns        ? 
_refine.pdbx_pd_number_of_points                 ? 
_refine.pdbx_pd_meas_number_of_points            ? 
_refine.pdbx_pd_proc_ls_prof_R_factor            ? 
_refine.pdbx_pd_proc_ls_prof_wR_factor           ? 
_refine.pdbx_pd_Marquardt_correlation_coeff      ? 
_refine.pdbx_pd_Fsqrd_R_factor                   ? 
_refine.pdbx_pd_ls_matrix_band_width             ? 
_refine.pdbx_overall_phase_error                 ? 
_refine.pdbx_overall_SU_R_free_Cruickshank_DPI   ? 
_refine.pdbx_overall_SU_R_free_Blow_DPI          ? 
_refine.pdbx_overall_SU_R_Blow_DPI               ? 
_refine.pdbx_TLS_residual_ADP_flag               ? 
_refine.pdbx_diffrn_id                           1 
_refine.overall_SU_B                             3.553 
_refine.overall_SU_ML                            0.108 
_refine.overall_SU_R_Cruickshank_DPI             ? 
_refine.overall_SU_R_free                        ? 
_refine.overall_FOM_free_R_set                   ? 
_refine.overall_FOM_work_R_set                   ? 
_refine.pdbx_average_fsc_overall                 ? 
_refine.pdbx_average_fsc_work                    ? 
_refine.pdbx_average_fsc_free                    ? 
# 
_refine_hist.pdbx_refine_id                   'X-RAY DIFFRACTION' 
_refine_hist.cycle_id                         LAST 
_refine_hist.pdbx_number_atoms_protein        993 
_refine_hist.pdbx_number_atoms_nucleic_acid   0 
_refine_hist.pdbx_number_atoms_ligand         2 
_refine_hist.number_atoms_solvent             146 
_refine_hist.number_atoms_total               1141 
_refine_hist.d_res_high                       1.740 
_refine_hist.d_res_low                        35.10 
# 
loop_
_refine_ls_restr.pdbx_refine_id 
_refine_ls_restr.criterion 
_refine_ls_restr.dev_ideal 
_refine_ls_restr.dev_ideal_target 
_refine_ls_restr.number 
_refine_ls_restr.rejects 
_refine_ls_restr.type 
_refine_ls_restr.weight 
_refine_ls_restr.pdbx_restraint_function 
'X-RAY DIFFRACTION' ? 0.010  0.013  1020 ? r_bond_refined_d               ? ? 
'X-RAY DIFFRACTION' ? 0.001  0.017  974  ? r_bond_other_d                 ? ? 
'X-RAY DIFFRACTION' ? 1.539  1.634  1379 ? r_angle_refined_deg            ? ? 
'X-RAY DIFFRACTION' ? 1.390  1.582  2267 ? r_angle_other_deg              ? ? 
'X-RAY DIFFRACTION' ? 5.373  5.000  126  ? r_dihedral_angle_1_deg         ? ? 
'X-RAY DIFFRACTION' ? 34.426 24.468 47   ? r_dihedral_angle_2_deg         ? ? 
'X-RAY DIFFRACTION' ? 12.390 15.000 199  ? r_dihedral_angle_3_deg         ? ? 
'X-RAY DIFFRACTION' ? 27.973 15.000 3    ? r_dihedral_angle_4_deg         ? ? 
'X-RAY DIFFRACTION' ? 0.073  0.200  137  ? r_chiral_restr                 ? ? 
'X-RAY DIFFRACTION' ? 0.007  0.020  1102 ? r_gen_planes_refined           ? ? 
'X-RAY DIFFRACTION' ? 0.001  0.020  203  ? r_gen_planes_other             ? ? 
'X-RAY DIFFRACTION' ? 0.212  0.200  229  ? r_nbd_refined                  ? ? 
'X-RAY DIFFRACTION' ? 0.167  0.200  894  ? r_symmetry_nbd_other           ? ? 
'X-RAY DIFFRACTION' ? 0.173  0.200  516  ? r_nbtor_refined                ? ? 
'X-RAY DIFFRACTION' ? 0.078  0.200  462  ? r_symmetry_nbtor_other         ? ? 
'X-RAY DIFFRACTION' ? 0.197  0.200  94   ? r_xyhbond_nbd_refined          ? ? 
'X-RAY DIFFRACTION' ? 0.011  0.200  1    ? r_metal_ion_refined            ? ? 
'X-RAY DIFFRACTION' ? 0.194  0.200  27   ? r_symmetry_nbd_refined         ? ? 
'X-RAY DIFFRACTION' ? 0.254  0.200  81   ? r_nbd_other                    ? ? 
'X-RAY DIFFRACTION' ? 0.195  0.200  23   ? r_symmetry_xyhbond_nbd_refined ? ? 
'X-RAY DIFFRACTION' ? 1.650  1.998  495  ? r_mcbond_it                    ? ? 
'X-RAY DIFFRACTION' ? 1.620  1.995  494  ? r_mcbond_other                 ? ? 
'X-RAY DIFFRACTION' ? 2.336  2.987  618  ? r_mcangle_it                   ? ? 
'X-RAY DIFFRACTION' ? 2.335  2.992  619  ? r_mcangle_other                ? ? 
'X-RAY DIFFRACTION' ? 2.527  2.316  524  ? r_scbond_it                    ? ? 
'X-RAY DIFFRACTION' ? 2.525  2.320  525  ? r_scbond_other                 ? ? 
'X-RAY DIFFRACTION' ? 4.026  3.349  759  ? r_scangle_it                   ? ? 
'X-RAY DIFFRACTION' ? 4.023  3.354  760  ? r_scangle_other                ? ? 
'X-RAY DIFFRACTION' ? 5.678  24.788 1238 ? r_lrange_it                    ? ? 
'X-RAY DIFFRACTION' ? 5.500  24.192 1204 ? r_lrange_other                 ? ? 
# 
loop_
_refine_ls_shell.pdbx_refine_id 
_refine_ls_shell.d_res_high 
_refine_ls_shell.d_res_low 
_refine_ls_shell.number_reflns_all 
_refine_ls_shell.number_reflns_obs 
_refine_ls_shell.number_reflns_R_free 
_refine_ls_shell.number_reflns_R_work 
_refine_ls_shell.percent_reflns_obs 
_refine_ls_shell.percent_reflns_R_free 
_refine_ls_shell.R_factor_all 
_refine_ls_shell.R_factor_obs 
_refine_ls_shell.R_factor_R_free_error 
_refine_ls_shell.R_factor_R_work 
_refine_ls_shell.redundancy_reflns_all 
_refine_ls_shell.redundancy_reflns_obs 
_refine_ls_shell.wR_factor_all 
_refine_ls_shell.wR_factor_obs 
_refine_ls_shell.wR_factor_R_free 
_refine_ls_shell.wR_factor_R_work 
_refine_ls_shell.pdbx_R_complete 
_refine_ls_shell.pdbx_total_number_of_bins_used 
_refine_ls_shell.pdbx_phase_error 
_refine_ls_shell.pdbx_fsc_work 
_refine_ls_shell.pdbx_fsc_free 
_refine_ls_shell.R_factor_R_free 
'X-RAY DIFFRACTION' 1.740 1.785 . . 42 792 99.6416  . . . . 0.216 . . . . . . . . . . . 0.277 
'X-RAY DIFFRACTION' 1.785 1.834 . . 38 764 100.0000 . . . . 0.211 . . . . . . . . . . . 0.255 
'X-RAY DIFFRACTION' 1.834 1.887 . . 46 727 99.3573  . . . . 0.227 . . . . . . . . . . . 0.260 
'X-RAY DIFFRACTION' 1.887 1.945 . . 42 704 97.7720  . . . . 0.266 . . . . . . . . . . . 0.394 
'X-RAY DIFFRACTION' 1.945 2.009 . . 48 688 99.1914  . . . . 0.224 . . . . . . . . . . . 0.242 
'X-RAY DIFFRACTION' 2.009 2.079 . . 40 686 99.0450  . . . . 0.254 . . . . . . . . . . . 0.284 
'X-RAY DIFFRACTION' 2.079 2.157 . . 34 644 99.5595  . . . . 0.204 . . . . . . . . . . . 0.235 
'X-RAY DIFFRACTION' 2.157 2.245 . . 18 429 67.4208  . . . . 0.212 . . . . . . . . . . . 0.206 
'X-RAY DIFFRACTION' 2.245 2.345 . . 17 465 75.5486  . . . . 0.155 . . . . . . . . . . . 0.327 
'X-RAY DIFFRACTION' 2.345 2.459 . . 33 577 99.6732  . . . . 0.141 . . . . . . . . . . . 0.181 
'X-RAY DIFFRACTION' 2.459 2.592 . . 30 555 100.0000 . . . . 0.158 . . . . . . . . . . . 0.210 
'X-RAY DIFFRACTION' 2.592 2.748 . . 33 535 99.4746  . . . . 0.160 . . . . . . . . . . . 0.174 
'X-RAY DIFFRACTION' 2.748 2.937 . . 24 490 99.8058  . . . . 0.159 . . . . . . . . . . . 0.191 
'X-RAY DIFFRACTION' 2.937 3.172 . . 26 454 99.5851  . . . . 0.156 . . . . . . . . . . . 0.199 
'X-RAY DIFFRACTION' 3.172 3.473 . . 10 303 68.6404  . . . . 0.152 . . . . . . . . . . . 0.158 
'X-RAY DIFFRACTION' 3.473 3.880 . . 14 376 98.4848  . . . . 0.141 . . . . . . . . . . . 0.117 
'X-RAY DIFFRACTION' 3.880 4.475 . . 9  357 99.1870  . . . . 0.141 . . . . . . . . . . . 0.131 
'X-RAY DIFFRACTION' 4.475 5.468 . . 11 298 99.3569  . . . . 0.146 . . . . . . . . . . . 0.133 
'X-RAY DIFFRACTION' 5.468 7.678 . . 6  242 99.5984  . . . . 0.191 . . . . . . . . . . . 0.194 
'X-RAY DIFFRACTION' 7.678 35.10 . . 7  139 97.9866  . . . . 0.145 . . . . . . . . . . . 0.205 
# 
_struct.entry_id                     8IZT 
_struct.title                        'Crystal structure of the N-terminal domain (residues 1-121) of MPXV A7' 
_struct.pdbx_model_details           ? 
_struct.pdbx_formula_weight          ? 
_struct.pdbx_formula_weight_method   ? 
_struct.pdbx_model_type_details      ? 
_struct.pdbx_CASP_flag               N 
# 
_struct_keywords.entry_id        8IZT 
_struct_keywords.text            'MPXV, A7, N-terminus, VIRAL PROTEIN' 
_struct_keywords.pdbx_keywords   'VIRAL PROTEIN' 
# 
loop_
_struct_asym.id 
_struct_asym.pdbx_blank_PDB_chainid_flag 
_struct_asym.pdbx_modified 
_struct_asym.entity_id 
_struct_asym.details 
A N N 1 ? 
B N N 2 ? 
C N N 2 ? 
D N N 3 ? 
# 
_struct_ref.id                         1 
_struct_ref.db_name                    UNP 
_struct_ref.db_code                    PG132_MONPV 
_struct_ref.pdbx_db_accession          A0A7H0DNA4 
_struct_ref.pdbx_db_isoform            ? 
_struct_ref.entity_id                  1 
_struct_ref.pdbx_seq_one_letter_code   
;MDKLRVLYDEFVTISKDNLERETGLSASDVDMDFDLNIFMTLVPVLEKKVCVITPTIEDDKIVTMMKYCSYQSFSFWFLK
SGAVVKSVYNKLDDVEKEKFVATFRDMLLNVQTLISLNSMY
;
_struct_ref.pdbx_align_begin           1 
# 
_struct_ref_seq.align_id                      1 
_struct_ref_seq.ref_id                        1 
_struct_ref_seq.pdbx_PDB_id_code              8IZT 
_struct_ref_seq.pdbx_strand_id                A 
_struct_ref_seq.seq_align_beg                 4 
_struct_ref_seq.pdbx_seq_align_beg_ins_code   ? 
_struct_ref_seq.seq_align_end                 124 
_struct_ref_seq.pdbx_seq_align_end_ins_code   ? 
_struct_ref_seq.pdbx_db_accession             A0A7H0DNA4 
_struct_ref_seq.db_align_beg                  1 
_struct_ref_seq.pdbx_db_align_beg_ins_code    ? 
_struct_ref_seq.db_align_end                  121 
_struct_ref_seq.pdbx_db_align_end_ins_code    ? 
_struct_ref_seq.pdbx_auth_seq_align_beg       1 
_struct_ref_seq.pdbx_auth_seq_align_end       121 
# 
loop_
_struct_ref_seq_dif.align_id 
_struct_ref_seq_dif.pdbx_pdb_id_code 
_struct_ref_seq_dif.mon_id 
_struct_ref_seq_dif.pdbx_pdb_strand_id 
_struct_ref_seq_dif.seq_num 
_struct_ref_seq_dif.pdbx_pdb_ins_code 
_struct_ref_seq_dif.pdbx_seq_db_name 
_struct_ref_seq_dif.pdbx_seq_db_accession_code 
_struct_ref_seq_dif.db_mon_id 
_struct_ref_seq_dif.pdbx_seq_db_seq_num 
_struct_ref_seq_dif.details 
_struct_ref_seq_dif.pdbx_auth_seq_num 
_struct_ref_seq_dif.pdbx_ordinal 
1 8IZT GLY A 1 ? UNP A0A7H0DNA4 ? ? 'expression tag' -2 1 
1 8IZT ALA A 2 ? UNP A0A7H0DNA4 ? ? 'expression tag' -1 2 
1 8IZT SER A 3 ? UNP A0A7H0DNA4 ? ? 'expression tag' 0  3 
# 
_pdbx_struct_assembly.id                   1 
_pdbx_struct_assembly.details              author_defined_assembly 
_pdbx_struct_assembly.method_details       ? 
_pdbx_struct_assembly.oligomeric_details   monomeric 
_pdbx_struct_assembly.oligomeric_count     1 
# 
_pdbx_struct_assembly_gen.assembly_id       1 
_pdbx_struct_assembly_gen.oper_expression   1 
_pdbx_struct_assembly_gen.asym_id_list      A,B,C,D 
# 
_pdbx_struct_assembly_auth_evidence.id                     1 
_pdbx_struct_assembly_auth_evidence.assembly_id            1 
_pdbx_struct_assembly_auth_evidence.experimental_support   'gel filtration' 
_pdbx_struct_assembly_auth_evidence.details                ? 
# 
_pdbx_struct_oper_list.id                   1 
_pdbx_struct_oper_list.type                 'identity operation' 
_pdbx_struct_oper_list.name                 1_555 
_pdbx_struct_oper_list.symmetry_operation   x,y,z 
_pdbx_struct_oper_list.matrix[1][1]         1.0000000000 
_pdbx_struct_oper_list.matrix[1][2]         0.0000000000 
_pdbx_struct_oper_list.matrix[1][3]         0.0000000000 
_pdbx_struct_oper_list.vector[1]            0.0000000000 
_pdbx_struct_oper_list.matrix[2][1]         0.0000000000 
_pdbx_struct_oper_list.matrix[2][2]         1.0000000000 
_pdbx_struct_oper_list.matrix[2][3]         0.0000000000 
_pdbx_struct_oper_list.vector[2]            0.0000000000 
_pdbx_struct_oper_list.matrix[3][1]         0.0000000000 
_pdbx_struct_oper_list.matrix[3][2]         0.0000000000 
_pdbx_struct_oper_list.matrix[3][3]         1.0000000000 
_pdbx_struct_oper_list.vector[3]            0.0000000000 
# 
loop_
_struct_conf.conf_type_id 
_struct_conf.id 
_struct_conf.pdbx_PDB_helix_id 
_struct_conf.beg_label_comp_id 
_struct_conf.beg_label_asym_id 
_struct_conf.beg_label_seq_id 
_struct_conf.pdbx_beg_PDB_ins_code 
_struct_conf.end_label_comp_id 
_struct_conf.end_label_asym_id 
_struct_conf.end_label_seq_id 
_struct_conf.pdbx_end_PDB_ins_code 
_struct_conf.beg_auth_comp_id 
_struct_conf.beg_auth_asym_id 
_struct_conf.beg_auth_seq_id 
_struct_conf.end_auth_comp_id 
_struct_conf.end_auth_asym_id 
_struct_conf.end_auth_seq_id 
_struct_conf.pdbx_PDB_helix_class 
_struct_conf.details 
_struct_conf.pdbx_PDB_helix_length 
HELX_P HELX_P1 AA1 SER A 3  ? GLY A 27  ? SER A 0  GLY A 24  1 ? 25 
HELX_P HELX_P2 AA2 ASP A 34 ? VAL A 53  ? ASP A 31 VAL A 50  1 ? 20 
HELX_P HELX_P3 AA3 GLU A 61 ? MET A 69  ? GLU A 58 MET A 66  1 ? 9  
HELX_P HELX_P4 AA4 SER A 73 ? PHE A 81  ? SER A 70 PHE A 78  5 ? 9  
HELX_P HELX_P5 AA5 VAL A 87 ? LYS A 94  ? VAL A 84 LYS A 91  1 ? 8  
HELX_P HELX_P6 AA6 ASP A 96 ? ASN A 121 ? ASP A 93 ASN A 118 1 ? 26 
# 
_struct_conf_type.id          HELX_P 
_struct_conf_type.criteria    ? 
_struct_conf_type.reference   ? 
# 
loop_
_struct_conn.id 
_struct_conn.conn_type_id 
_struct_conn.pdbx_leaving_atom_flag 
_struct_conn.pdbx_PDB_id 
_struct_conn.ptnr1_label_asym_id 
_struct_conn.ptnr1_label_comp_id 
_struct_conn.ptnr1_label_seq_id 
_struct_conn.ptnr1_label_atom_id 
_struct_conn.pdbx_ptnr1_label_alt_id 
_struct_conn.pdbx_ptnr1_PDB_ins_code 
_struct_conn.pdbx_ptnr1_standard_comp_id 
_struct_conn.ptnr1_symmetry 
_struct_conn.ptnr2_label_asym_id 
_struct_conn.ptnr2_label_comp_id 
_struct_conn.ptnr2_label_seq_id 
_struct_conn.ptnr2_label_atom_id 
_struct_conn.pdbx_ptnr2_label_alt_id 
_struct_conn.pdbx_ptnr2_PDB_ins_code 
_struct_conn.ptnr1_auth_asym_id 
_struct_conn.ptnr1_auth_comp_id 
_struct_conn.ptnr1_auth_seq_id 
_struct_conn.ptnr2_auth_asym_id 
_struct_conn.ptnr2_auth_comp_id 
_struct_conn.ptnr2_auth_seq_id 
_struct_conn.ptnr2_symmetry 
_struct_conn.pdbx_ptnr3_label_atom_id 
_struct_conn.pdbx_ptnr3_label_seq_id 
_struct_conn.pdbx_ptnr3_label_comp_id 
_struct_conn.pdbx_ptnr3_label_asym_id 
_struct_conn.pdbx_ptnr3_label_alt_id 
_struct_conn.pdbx_ptnr3_PDB_ins_code 
_struct_conn.details 
_struct_conn.pdbx_dist_value 
_struct_conn.pdbx_value_order 
_struct_conn.pdbx_role 
metalc1 metalc ? ? A ASP 5  OD2 ? ? ? 1_555 C ZN . ZN ? ? A ASP 2  A ZN 202 4_555 ? ? ? ? ? ? ? 2.025 ? ? 
metalc2 metalc ? ? A ASP 20 OD1 ? ? ? 1_555 B ZN . ZN ? ? A ASP 17 A ZN 201 1_555 ? ? ? ? ? ? ? 2.112 ? ? 
metalc3 metalc ? ? A ASP 34 OD1 ? ? ? 1_555 C ZN . ZN ? ? A ASP 31 A ZN 202 1_555 ? ? ? ? ? ? ? 2.009 ? ? 
metalc4 metalc ? ? A ASP 36 OD1 ? ? ? 1_555 C ZN . ZN ? ? A ASP 33 A ZN 202 1_555 ? ? ? ? ? ? ? 2.217 ? ? 
metalc5 metalc ? ? A ASP 36 OD2 ? ? ? 1_555 C ZN . ZN ? ? A ASP 33 A ZN 202 1_555 ? ? ? ? ? ? ? 2.371 ? ? 
metalc6 metalc ? ? A GLU 99 OE2 ? ? ? 1_555 B ZN . ZN ? ? A GLU 96 A ZN 201 2_656 ? ? ? ? ? ? ? 2.046 ? ? 
# 
_struct_conn_type.id          metalc 
_struct_conn_type.criteria    ? 
_struct_conn_type.reference   ? 
# 
loop_
_pdbx_struct_conn_angle.id 
_pdbx_struct_conn_angle.ptnr1_label_atom_id 
_pdbx_struct_conn_angle.ptnr1_label_alt_id 
_pdbx_struct_conn_angle.ptnr1_label_asym_id 
_pdbx_struct_conn_angle.ptnr1_label_comp_id 
_pdbx_struct_conn_angle.ptnr1_label_seq_id 
_pdbx_struct_conn_angle.ptnr1_auth_atom_id 
_pdbx_struct_conn_angle.ptnr1_auth_asym_id 
_pdbx_struct_conn_angle.ptnr1_auth_comp_id 
_pdbx_struct_conn_angle.ptnr1_auth_seq_id 
_pdbx_struct_conn_angle.ptnr1_PDB_ins_code 
_pdbx_struct_conn_angle.ptnr1_symmetry 
_pdbx_struct_conn_angle.ptnr2_label_atom_id 
_pdbx_struct_conn_angle.ptnr2_label_alt_id 
_pdbx_struct_conn_angle.ptnr2_label_asym_id 
_pdbx_struct_conn_angle.ptnr2_label_comp_id 
_pdbx_struct_conn_angle.ptnr2_label_seq_id 
_pdbx_struct_conn_angle.ptnr2_auth_atom_id 
_pdbx_struct_conn_angle.ptnr2_auth_asym_id 
_pdbx_struct_conn_angle.ptnr2_auth_comp_id 
_pdbx_struct_conn_angle.ptnr2_auth_seq_id 
_pdbx_struct_conn_angle.ptnr2_PDB_ins_code 
_pdbx_struct_conn_angle.ptnr2_symmetry 
_pdbx_struct_conn_angle.ptnr3_label_atom_id 
_pdbx_struct_conn_angle.ptnr3_label_alt_id 
_pdbx_struct_conn_angle.ptnr3_label_asym_id 
_pdbx_struct_conn_angle.ptnr3_label_comp_id 
_pdbx_struct_conn_angle.ptnr3_label_seq_id 
_pdbx_struct_conn_angle.ptnr3_auth_atom_id 
_pdbx_struct_conn_angle.ptnr3_auth_asym_id 
_pdbx_struct_conn_angle.ptnr3_auth_comp_id 
_pdbx_struct_conn_angle.ptnr3_auth_seq_id 
_pdbx_struct_conn_angle.ptnr3_PDB_ins_code 
_pdbx_struct_conn_angle.ptnr3_symmetry 
_pdbx_struct_conn_angle.value 
_pdbx_struct_conn_angle.value_esd 
1 OD2 ? A ASP 5  ? A ASP 2  ? 1_555 ZN ? C ZN . ? A ZN 202 ? 4_555 OD1 ? A ASP 34 ? A ASP 31 ? 1_555 85.5 ? 
2 OD2 ? A ASP 5  ? A ASP 2  ? 1_555 ZN ? C ZN . ? A ZN 202 ? 4_555 OD1 ? A ASP 36 ? A ASP 33 ? 1_555 89.7 ? 
3 OD1 ? A ASP 34 ? A ASP 31 ? 1_555 ZN ? C ZN . ? A ZN 202 ? 4_555 OD1 ? A ASP 36 ? A ASP 33 ? 1_555 5.0  ? 
4 OD2 ? A ASP 5  ? A ASP 2  ? 1_555 ZN ? C ZN . ? A ZN 202 ? 4_555 OD2 ? A ASP 36 ? A ASP 33 ? 1_555 92.4 ? 
5 OD1 ? A ASP 34 ? A ASP 31 ? 1_555 ZN ? C ZN . ? A ZN 202 ? 4_555 OD2 ? A ASP 36 ? A ASP 33 ? 1_555 10.8 ? 
6 OD1 ? A ASP 36 ? A ASP 33 ? 1_555 ZN ? C ZN . ? A ZN 202 ? 4_555 OD2 ? A ASP 36 ? A ASP 33 ? 1_555 6.2  ? 
7 OD1 ? A ASP 20 ? A ASP 17 ? 1_555 ZN ? B ZN . ? A ZN 201 ? 1_555 OE2 ? A GLU 99 ? A GLU 96 ? 1_555 58.9 ? 
# 
loop_
_pdbx_validate_torsion.id 
_pdbx_validate_torsion.PDB_model_num 
_pdbx_validate_torsion.auth_comp_id 
_pdbx_validate_torsion.auth_asym_id 
_pdbx_validate_torsion.auth_seq_id 
_pdbx_validate_torsion.PDB_ins_code 
_pdbx_validate_torsion.label_alt_id 
_pdbx_validate_torsion.phi 
_pdbx_validate_torsion.psi 
1 1 VAL A 50  ? ? -127.03 -76.99 
2 1 THR A 113 ? ? -53.52  -9.67  
# 
_pdbx_entry_details.entry_id                 8IZT 
_pdbx_entry_details.has_ligand_of_interest   N 
_pdbx_entry_details.compound_details         ? 
_pdbx_entry_details.source_details           ? 
_pdbx_entry_details.nonpolymer_details       ? 
_pdbx_entry_details.sequence_details         ? 
# 
_pdbx_unobs_or_zero_occ_residues.id               1 
_pdbx_unobs_or_zero_occ_residues.PDB_model_num    1 
_pdbx_unobs_or_zero_occ_residues.polymer_flag     Y 
_pdbx_unobs_or_zero_occ_residues.occupancy_flag   1 
_pdbx_unobs_or_zero_occ_residues.auth_asym_id     A 
_pdbx_unobs_or_zero_occ_residues.auth_comp_id     GLY 
_pdbx_unobs_or_zero_occ_residues.auth_seq_id      -2 
_pdbx_unobs_or_zero_occ_residues.PDB_ins_code     ? 
_pdbx_unobs_or_zero_occ_residues.label_asym_id    A 
_pdbx_unobs_or_zero_occ_residues.label_comp_id    GLY 
_pdbx_unobs_or_zero_occ_residues.label_seq_id     1 
# 
loop_
_chem_comp_atom.comp_id 
_chem_comp_atom.atom_id 
_chem_comp_atom.type_symbol 
_chem_comp_atom.pdbx_aromatic_flag 
_chem_comp_atom.pdbx_stereo_config 
_chem_comp_atom.pdbx_ordinal 
ALA N    N  N N 1   
ALA CA   C  N S 2   
ALA C    C  N N 3   
ALA O    O  N N 4   
ALA CB   C  N N 5   
ALA OXT  O  N N 6   
ALA H    H  N N 7   
ALA H2   H  N N 8   
ALA HA   H  N N 9   
ALA HB1  H  N N 10  
ALA HB2  H  N N 11  
ALA HB3  H  N N 12  
ALA HXT  H  N N 13  
ARG N    N  N N 14  
ARG CA   C  N S 15  
ARG C    C  N N 16  
ARG O    O  N N 17  
ARG CB   C  N N 18  
ARG CG   C  N N 19  
ARG CD   C  N N 20  
ARG NE   N  N N 21  
ARG CZ   C  N N 22  
ARG NH1  N  N N 23  
ARG NH2  N  N N 24  
ARG OXT  O  N N 25  
ARG H    H  N N 26  
ARG H2   H  N N 27  
ARG HA   H  N N 28  
ARG HB2  H  N N 29  
ARG HB3  H  N N 30  
ARG HG2  H  N N 31  
ARG HG3  H  N N 32  
ARG HD2  H  N N 33  
ARG HD3  H  N N 34  
ARG HE   H  N N 35  
ARG HH11 H  N N 36  
ARG HH12 H  N N 37  
ARG HH21 H  N N 38  
ARG HH22 H  N N 39  
ARG HXT  H  N N 40  
ASN N    N  N N 41  
ASN CA   C  N S 42  
ASN C    C  N N 43  
ASN O    O  N N 44  
ASN CB   C  N N 45  
ASN CG   C  N N 46  
ASN OD1  O  N N 47  
ASN ND2  N  N N 48  
ASN OXT  O  N N 49  
ASN H    H  N N 50  
ASN H2   H  N N 51  
ASN HA   H  N N 52  
ASN HB2  H  N N 53  
ASN HB3  H  N N 54  
ASN HD21 H  N N 55  
ASN HD22 H  N N 56  
ASN HXT  H  N N 57  
ASP N    N  N N 58  
ASP CA   C  N S 59  
ASP C    C  N N 60  
ASP O    O  N N 61  
ASP CB   C  N N 62  
ASP CG   C  N N 63  
ASP OD1  O  N N 64  
ASP OD2  O  N N 65  
ASP OXT  O  N N 66  
ASP H    H  N N 67  
ASP H2   H  N N 68  
ASP HA   H  N N 69  
ASP HB2  H  N N 70  
ASP HB3  H  N N 71  
ASP HD2  H  N N 72  
ASP HXT  H  N N 73  
CYS N    N  N N 74  
CYS CA   C  N R 75  
CYS C    C  N N 76  
CYS O    O  N N 77  
CYS CB   C  N N 78  
CYS SG   S  N N 79  
CYS OXT  O  N N 80  
CYS H    H  N N 81  
CYS H2   H  N N 82  
CYS HA   H  N N 83  
CYS HB2  H  N N 84  
CYS HB3  H  N N 85  
CYS HG   H  N N 86  
CYS HXT  H  N N 87  
GLN N    N  N N 88  
GLN CA   C  N S 89  
GLN C    C  N N 90  
GLN O    O  N N 91  
GLN CB   C  N N 92  
GLN CG   C  N N 93  
GLN CD   C  N N 94  
GLN OE1  O  N N 95  
GLN NE2  N  N N 96  
GLN OXT  O  N N 97  
GLN H    H  N N 98  
GLN H2   H  N N 99  
GLN HA   H  N N 100 
GLN HB2  H  N N 101 
GLN HB3  H  N N 102 
GLN HG2  H  N N 103 
GLN HG3  H  N N 104 
GLN HE21 H  N N 105 
GLN HE22 H  N N 106 
GLN HXT  H  N N 107 
GLU N    N  N N 108 
GLU CA   C  N S 109 
GLU C    C  N N 110 
GLU O    O  N N 111 
GLU CB   C  N N 112 
GLU CG   C  N N 113 
GLU CD   C  N N 114 
GLU OE1  O  N N 115 
GLU OE2  O  N N 116 
GLU OXT  O  N N 117 
GLU H    H  N N 118 
GLU H2   H  N N 119 
GLU HA   H  N N 120 
GLU HB2  H  N N 121 
GLU HB3  H  N N 122 
GLU HG2  H  N N 123 
GLU HG3  H  N N 124 
GLU HE2  H  N N 125 
GLU HXT  H  N N 126 
GLY N    N  N N 127 
GLY CA   C  N N 128 
GLY C    C  N N 129 
GLY O    O  N N 130 
GLY OXT  O  N N 131 
GLY H    H  N N 132 
GLY H2   H  N N 133 
GLY HA2  H  N N 134 
GLY HA3  H  N N 135 
GLY HXT  H  N N 136 
HOH O    O  N N 137 
HOH H1   H  N N 138 
HOH H2   H  N N 139 
ILE N    N  N N 140 
ILE CA   C  N S 141 
ILE C    C  N N 142 
ILE O    O  N N 143 
ILE CB   C  N S 144 
ILE CG1  C  N N 145 
ILE CG2  C  N N 146 
ILE CD1  C  N N 147 
ILE OXT  O  N N 148 
ILE H    H  N N 149 
ILE H2   H  N N 150 
ILE HA   H  N N 151 
ILE HB   H  N N 152 
ILE HG12 H  N N 153 
ILE HG13 H  N N 154 
ILE HG21 H  N N 155 
ILE HG22 H  N N 156 
ILE HG23 H  N N 157 
ILE HD11 H  N N 158 
ILE HD12 H  N N 159 
ILE HD13 H  N N 160 
ILE HXT  H  N N 161 
LEU N    N  N N 162 
LEU CA   C  N S 163 
LEU C    C  N N 164 
LEU O    O  N N 165 
LEU CB   C  N N 166 
LEU CG   C  N N 167 
LEU CD1  C  N N 168 
LEU CD2  C  N N 169 
LEU OXT  O  N N 170 
LEU H    H  N N 171 
LEU H2   H  N N 172 
LEU HA   H  N N 173 
LEU HB2  H  N N 174 
LEU HB3  H  N N 175 
LEU HG   H  N N 176 
LEU HD11 H  N N 177 
LEU HD12 H  N N 178 
LEU HD13 H  N N 179 
LEU HD21 H  N N 180 
LEU HD22 H  N N 181 
LEU HD23 H  N N 182 
LEU HXT  H  N N 183 
LYS N    N  N N 184 
LYS CA   C  N S 185 
LYS C    C  N N 186 
LYS O    O  N N 187 
LYS CB   C  N N 188 
LYS CG   C  N N 189 
LYS CD   C  N N 190 
LYS CE   C  N N 191 
LYS NZ   N  N N 192 
LYS OXT  O  N N 193 
LYS H    H  N N 194 
LYS H2   H  N N 195 
LYS HA   H  N N 196 
LYS HB2  H  N N 197 
LYS HB3  H  N N 198 
LYS HG2  H  N N 199 
LYS HG3  H  N N 200 
LYS HD2  H  N N 201 
LYS HD3  H  N N 202 
LYS HE2  H  N N 203 
LYS HE3  H  N N 204 
LYS HZ1  H  N N 205 
LYS HZ2  H  N N 206 
LYS HZ3  H  N N 207 
LYS HXT  H  N N 208 
MET N    N  N N 209 
MET CA   C  N S 210 
MET C    C  N N 211 
MET O    O  N N 212 
MET CB   C  N N 213 
MET CG   C  N N 214 
MET SD   S  N N 215 
MET CE   C  N N 216 
MET OXT  O  N N 217 
MET H    H  N N 218 
MET H2   H  N N 219 
MET HA   H  N N 220 
MET HB2  H  N N 221 
MET HB3  H  N N 222 
MET HG2  H  N N 223 
MET HG3  H  N N 224 
MET HE1  H  N N 225 
MET HE2  H  N N 226 
MET HE3  H  N N 227 
MET HXT  H  N N 228 
PHE N    N  N N 229 
PHE CA   C  N S 230 
PHE C    C  N N 231 
PHE O    O  N N 232 
PHE CB   C  N N 233 
PHE CG   C  Y N 234 
PHE CD1  C  Y N 235 
PHE CD2  C  Y N 236 
PHE CE1  C  Y N 237 
PHE CE2  C  Y N 238 
PHE CZ   C  Y N 239 
PHE OXT  O  N N 240 
PHE H    H  N N 241 
PHE H2   H  N N 242 
PHE HA   H  N N 243 
PHE HB2  H  N N 244 
PHE HB3  H  N N 245 
PHE HD1  H  N N 246 
PHE HD2  H  N N 247 
PHE HE1  H  N N 248 
PHE HE2  H  N N 249 
PHE HZ   H  N N 250 
PHE HXT  H  N N 251 
PRO N    N  N N 252 
PRO CA   C  N S 253 
PRO C    C  N N 254 
PRO O    O  N N 255 
PRO CB   C  N N 256 
PRO CG   C  N N 257 
PRO CD   C  N N 258 
PRO OXT  O  N N 259 
PRO H    H  N N 260 
PRO HA   H  N N 261 
PRO HB2  H  N N 262 
PRO HB3  H  N N 263 
PRO HG2  H  N N 264 
PRO HG3  H  N N 265 
PRO HD2  H  N N 266 
PRO HD3  H  N N 267 
PRO HXT  H  N N 268 
SER N    N  N N 269 
SER CA   C  N S 270 
SER C    C  N N 271 
SER O    O  N N 272 
SER CB   C  N N 273 
SER OG   O  N N 274 
SER OXT  O  N N 275 
SER H    H  N N 276 
SER H2   H  N N 277 
SER HA   H  N N 278 
SER HB2  H  N N 279 
SER HB3  H  N N 280 
SER HG   H  N N 281 
SER HXT  H  N N 282 
THR N    N  N N 283 
THR CA   C  N S 284 
THR C    C  N N 285 
THR O    O  N N 286 
THR CB   C  N R 287 
THR OG1  O  N N 288 
THR CG2  C  N N 289 
THR OXT  O  N N 290 
THR H    H  N N 291 
THR H2   H  N N 292 
THR HA   H  N N 293 
THR HB   H  N N 294 
THR HG1  H  N N 295 
THR HG21 H  N N 296 
THR HG22 H  N N 297 
THR HG23 H  N N 298 
THR HXT  H  N N 299 
TRP N    N  N N 300 
TRP CA   C  N S 301 
TRP C    C  N N 302 
TRP O    O  N N 303 
TRP CB   C  N N 304 
TRP CG   C  Y N 305 
TRP CD1  C  Y N 306 
TRP CD2  C  Y N 307 
TRP NE1  N  Y N 308 
TRP CE2  C  Y N 309 
TRP CE3  C  Y N 310 
TRP CZ2  C  Y N 311 
TRP CZ3  C  Y N 312 
TRP CH2  C  Y N 313 
TRP OXT  O  N N 314 
TRP H    H  N N 315 
TRP H2   H  N N 316 
TRP HA   H  N N 317 
TRP HB2  H  N N 318 
TRP HB3  H  N N 319 
TRP HD1  H  N N 320 
TRP HE1  H  N N 321 
TRP HE3  H  N N 322 
TRP HZ2  H  N N 323 
TRP HZ3  H  N N 324 
TRP HH2  H  N N 325 
TRP HXT  H  N N 326 
TYR N    N  N N 327 
TYR CA   C  N S 328 
TYR C    C  N N 329 
TYR O    O  N N 330 
TYR CB   C  N N 331 
TYR CG   C  Y N 332 
TYR CD1  C  Y N 333 
TYR CD2  C  Y N 334 
TYR CE1  C  Y N 335 
TYR CE2  C  Y N 336 
TYR CZ   C  Y N 337 
TYR OH   O  N N 338 
TYR OXT  O  N N 339 
TYR H    H  N N 340 
TYR H2   H  N N 341 
TYR HA   H  N N 342 
TYR HB2  H  N N 343 
TYR HB3  H  N N 344 
TYR HD1  H  N N 345 
TYR HD2  H  N N 346 
TYR HE1  H  N N 347 
TYR HE2  H  N N 348 
TYR HH   H  N N 349 
TYR HXT  H  N N 350 
VAL N    N  N N 351 
VAL CA   C  N S 352 
VAL C    C  N N 353 
VAL O    O  N N 354 
VAL CB   C  N N 355 
VAL CG1  C  N N 356 
VAL CG2  C  N N 357 
VAL OXT  O  N N 358 
VAL H    H  N N 359 
VAL H2   H  N N 360 
VAL HA   H  N N 361 
VAL HB   H  N N 362 
VAL HG11 H  N N 363 
VAL HG12 H  N N 364 
VAL HG13 H  N N 365 
VAL HG21 H  N N 366 
VAL HG22 H  N N 367 
VAL HG23 H  N N 368 
VAL HXT  H  N N 369 
ZN  ZN   ZN N N 370 
# 
loop_
_chem_comp_bond.comp_id 
_chem_comp_bond.atom_id_1 
_chem_comp_bond.atom_id_2 
_chem_comp_bond.value_order 
_chem_comp_bond.pdbx_aromatic_flag 
_chem_comp_bond.pdbx_stereo_config 
_chem_comp_bond.pdbx_ordinal 
ALA N   CA   sing N N 1   
ALA N   H    sing N N 2   
ALA N   H2   sing N N 3   
ALA CA  C    sing N N 4   
ALA CA  CB   sing N N 5   
ALA CA  HA   sing N N 6   
ALA C   O    doub N N 7   
ALA C   OXT  sing N N 8   
ALA CB  HB1  sing N N 9   
ALA CB  HB2  sing N N 10  
ALA CB  HB3  sing N N 11  
ALA OXT HXT  sing N N 12  
ARG N   CA   sing N N 13  
ARG N   H    sing N N 14  
ARG N   H2   sing N N 15  
ARG CA  C    sing N N 16  
ARG CA  CB   sing N N 17  
ARG CA  HA   sing N N 18  
ARG C   O    doub N N 19  
ARG C   OXT  sing N N 20  
ARG CB  CG   sing N N 21  
ARG CB  HB2  sing N N 22  
ARG CB  HB3  sing N N 23  
ARG CG  CD   sing N N 24  
ARG CG  HG2  sing N N 25  
ARG CG  HG3  sing N N 26  
ARG CD  NE   sing N N 27  
ARG CD  HD2  sing N N 28  
ARG CD  HD3  sing N N 29  
ARG NE  CZ   sing N N 30  
ARG NE  HE   sing N N 31  
ARG CZ  NH1  sing N N 32  
ARG CZ  NH2  doub N N 33  
ARG NH1 HH11 sing N N 34  
ARG NH1 HH12 sing N N 35  
ARG NH2 HH21 sing N N 36  
ARG NH2 HH22 sing N N 37  
ARG OXT HXT  sing N N 38  
ASN N   CA   sing N N 39  
ASN N   H    sing N N 40  
ASN N   H2   sing N N 41  
ASN CA  C    sing N N 42  
ASN CA  CB   sing N N 43  
ASN CA  HA   sing N N 44  
ASN C   O    doub N N 45  
ASN C   OXT  sing N N 46  
ASN CB  CG   sing N N 47  
ASN CB  HB2  sing N N 48  
ASN CB  HB3  sing N N 49  
ASN CG  OD1  doub N N 50  
ASN CG  ND2  sing N N 51  
ASN ND2 HD21 sing N N 52  
ASN ND2 HD22 sing N N 53  
ASN OXT HXT  sing N N 54  
ASP N   CA   sing N N 55  
ASP N   H    sing N N 56  
ASP N   H2   sing N N 57  
ASP CA  C    sing N N 58  
ASP CA  CB   sing N N 59  
ASP CA  HA   sing N N 60  
ASP C   O    doub N N 61  
ASP C   OXT  sing N N 62  
ASP CB  CG   sing N N 63  
ASP CB  HB2  sing N N 64  
ASP CB  HB3  sing N N 65  
ASP CG  OD1  doub N N 66  
ASP CG  OD2  sing N N 67  
ASP OD2 HD2  sing N N 68  
ASP OXT HXT  sing N N 69  
CYS N   CA   sing N N 70  
CYS N   H    sing N N 71  
CYS N   H2   sing N N 72  
CYS CA  C    sing N N 73  
CYS CA  CB   sing N N 74  
CYS CA  HA   sing N N 75  
CYS C   O    doub N N 76  
CYS C   OXT  sing N N 77  
CYS CB  SG   sing N N 78  
CYS CB  HB2  sing N N 79  
CYS CB  HB3  sing N N 80  
CYS SG  HG   sing N N 81  
CYS OXT HXT  sing N N 82  
GLN N   CA   sing N N 83  
GLN N   H    sing N N 84  
GLN N   H2   sing N N 85  
GLN CA  C    sing N N 86  
GLN CA  CB   sing N N 87  
GLN CA  HA   sing N N 88  
GLN C   O    doub N N 89  
GLN C   OXT  sing N N 90  
GLN CB  CG   sing N N 91  
GLN CB  HB2  sing N N 92  
GLN CB  HB3  sing N N 93  
GLN CG  CD   sing N N 94  
GLN CG  HG2  sing N N 95  
GLN CG  HG3  sing N N 96  
GLN CD  OE1  doub N N 97  
GLN CD  NE2  sing N N 98  
GLN NE2 HE21 sing N N 99  
GLN NE2 HE22 sing N N 100 
GLN OXT HXT  sing N N 101 
GLU N   CA   sing N N 102 
GLU N   H    sing N N 103 
GLU N   H2   sing N N 104 
GLU CA  C    sing N N 105 
GLU CA  CB   sing N N 106 
GLU CA  HA   sing N N 107 
GLU C   O    doub N N 108 
GLU C   OXT  sing N N 109 
GLU CB  CG   sing N N 110 
GLU CB  HB2  sing N N 111 
GLU CB  HB3  sing N N 112 
GLU CG  CD   sing N N 113 
GLU CG  HG2  sing N N 114 
GLU CG  HG3  sing N N 115 
GLU CD  OE1  doub N N 116 
GLU CD  OE2  sing N N 117 
GLU OE2 HE2  sing N N 118 
GLU OXT HXT  sing N N 119 
GLY N   CA   sing N N 120 
GLY N   H    sing N N 121 
GLY N   H2   sing N N 122 
GLY CA  C    sing N N 123 
GLY CA  HA2  sing N N 124 
GLY CA  HA3  sing N N 125 
GLY C   O    doub N N 126 
GLY C   OXT  sing N N 127 
GLY OXT HXT  sing N N 128 
HOH O   H1   sing N N 129 
HOH O   H2   sing N N 130 
ILE N   CA   sing N N 131 
ILE N   H    sing N N 132 
ILE N   H2   sing N N 133 
ILE CA  C    sing N N 134 
ILE CA  CB   sing N N 135 
ILE CA  HA   sing N N 136 
ILE C   O    doub N N 137 
ILE C   OXT  sing N N 138 
ILE CB  CG1  sing N N 139 
ILE CB  CG2  sing N N 140 
ILE CB  HB   sing N N 141 
ILE CG1 CD1  sing N N 142 
ILE CG1 HG12 sing N N 143 
ILE CG1 HG13 sing N N 144 
ILE CG2 HG21 sing N N 145 
ILE CG2 HG22 sing N N 146 
ILE CG2 HG23 sing N N 147 
ILE CD1 HD11 sing N N 148 
ILE CD1 HD12 sing N N 149 
ILE CD1 HD13 sing N N 150 
ILE OXT HXT  sing N N 151 
LEU N   CA   sing N N 152 
LEU N   H    sing N N 153 
LEU N   H2   sing N N 154 
LEU CA  C    sing N N 155 
LEU CA  CB   sing N N 156 
LEU CA  HA   sing N N 157 
LEU C   O    doub N N 158 
LEU C   OXT  sing N N 159 
LEU CB  CG   sing N N 160 
LEU CB  HB2  sing N N 161 
LEU CB  HB3  sing N N 162 
LEU CG  CD1  sing N N 163 
LEU CG  CD2  sing N N 164 
LEU CG  HG   sing N N 165 
LEU CD1 HD11 sing N N 166 
LEU CD1 HD12 sing N N 167 
LEU CD1 HD13 sing N N 168 
LEU CD2 HD21 sing N N 169 
LEU CD2 HD22 sing N N 170 
LEU CD2 HD23 sing N N 171 
LEU OXT HXT  sing N N 172 
LYS N   CA   sing N N 173 
LYS N   H    sing N N 174 
LYS N   H2   sing N N 175 
LYS CA  C    sing N N 176 
LYS CA  CB   sing N N 177 
LYS CA  HA   sing N N 178 
LYS C   O    doub N N 179 
LYS C   OXT  sing N N 180 
LYS CB  CG   sing N N 181 
LYS CB  HB2  sing N N 182 
LYS CB  HB3  sing N N 183 
LYS CG  CD   sing N N 184 
LYS CG  HG2  sing N N 185 
LYS CG  HG3  sing N N 186 
LYS CD  CE   sing N N 187 
LYS CD  HD2  sing N N 188 
LYS CD  HD3  sing N N 189 
LYS CE  NZ   sing N N 190 
LYS CE  HE2  sing N N 191 
LYS CE  HE3  sing N N 192 
LYS NZ  HZ1  sing N N 193 
LYS NZ  HZ2  sing N N 194 
LYS NZ  HZ3  sing N N 195 
LYS OXT HXT  sing N N 196 
MET N   CA   sing N N 197 
MET N   H    sing N N 198 
MET N   H2   sing N N 199 
MET CA  C    sing N N 200 
MET CA  CB   sing N N 201 
MET CA  HA   sing N N 202 
MET C   O    doub N N 203 
MET C   OXT  sing N N 204 
MET CB  CG   sing N N 205 
MET CB  HB2  sing N N 206 
MET CB  HB3  sing N N 207 
MET CG  SD   sing N N 208 
MET CG  HG2  sing N N 209 
MET CG  HG3  sing N N 210 
MET SD  CE   sing N N 211 
MET CE  HE1  sing N N 212 
MET CE  HE2  sing N N 213 
MET CE  HE3  sing N N 214 
MET OXT HXT  sing N N 215 
PHE N   CA   sing N N 216 
PHE N   H    sing N N 217 
PHE N   H2   sing N N 218 
PHE CA  C    sing N N 219 
PHE CA  CB   sing N N 220 
PHE CA  HA   sing N N 221 
PHE C   O    doub N N 222 
PHE C   OXT  sing N N 223 
PHE CB  CG   sing N N 224 
PHE CB  HB2  sing N N 225 
PHE CB  HB3  sing N N 226 
PHE CG  CD1  doub Y N 227 
PHE CG  CD2  sing Y N 228 
PHE CD1 CE1  sing Y N 229 
PHE CD1 HD1  sing N N 230 
PHE CD2 CE2  doub Y N 231 
PHE CD2 HD2  sing N N 232 
PHE CE1 CZ   doub Y N 233 
PHE CE1 HE1  sing N N 234 
PHE CE2 CZ   sing Y N 235 
PHE CE2 HE2  sing N N 236 
PHE CZ  HZ   sing N N 237 
PHE OXT HXT  sing N N 238 
PRO N   CA   sing N N 239 
PRO N   CD   sing N N 240 
PRO N   H    sing N N 241 
PRO CA  C    sing N N 242 
PRO CA  CB   sing N N 243 
PRO CA  HA   sing N N 244 
PRO C   O    doub N N 245 
PRO C   OXT  sing N N 246 
PRO CB  CG   sing N N 247 
PRO CB  HB2  sing N N 248 
PRO CB  HB3  sing N N 249 
PRO CG  CD   sing N N 250 
PRO CG  HG2  sing N N 251 
PRO CG  HG3  sing N N 252 
PRO CD  HD2  sing N N 253 
PRO CD  HD3  sing N N 254 
PRO OXT HXT  sing N N 255 
SER N   CA   sing N N 256 
SER N   H    sing N N 257 
SER N   H2   sing N N 258 
SER CA  C    sing N N 259 
SER CA  CB   sing N N 260 
SER CA  HA   sing N N 261 
SER C   O    doub N N 262 
SER C   OXT  sing N N 263 
SER CB  OG   sing N N 264 
SER CB  HB2  sing N N 265 
SER CB  HB3  sing N N 266 
SER OG  HG   sing N N 267 
SER OXT HXT  sing N N 268 
THR N   CA   sing N N 269 
THR N   H    sing N N 270 
THR N   H2   sing N N 271 
THR CA  C    sing N N 272 
THR CA  CB   sing N N 273 
THR CA  HA   sing N N 274 
THR C   O    doub N N 275 
THR C   OXT  sing N N 276 
THR CB  OG1  sing N N 277 
THR CB  CG2  sing N N 278 
THR CB  HB   sing N N 279 
THR OG1 HG1  sing N N 280 
THR CG2 HG21 sing N N 281 
THR CG2 HG22 sing N N 282 
THR CG2 HG23 sing N N 283 
THR OXT HXT  sing N N 284 
TRP N   CA   sing N N 285 
TRP N   H    sing N N 286 
TRP N   H2   sing N N 287 
TRP CA  C    sing N N 288 
TRP CA  CB   sing N N 289 
TRP CA  HA   sing N N 290 
TRP C   O    doub N N 291 
TRP C   OXT  sing N N 292 
TRP CB  CG   sing N N 293 
TRP CB  HB2  sing N N 294 
TRP CB  HB3  sing N N 295 
TRP CG  CD1  doub Y N 296 
TRP CG  CD2  sing Y N 297 
TRP CD1 NE1  sing Y N 298 
TRP CD1 HD1  sing N N 299 
TRP CD2 CE2  doub Y N 300 
TRP CD2 CE3  sing Y N 301 
TRP NE1 CE2  sing Y N 302 
TRP NE1 HE1  sing N N 303 
TRP CE2 CZ2  sing Y N 304 
TRP CE3 CZ3  doub Y N 305 
TRP CE3 HE3  sing N N 306 
TRP CZ2 CH2  doub Y N 307 
TRP CZ2 HZ2  sing N N 308 
TRP CZ3 CH2  sing Y N 309 
TRP CZ3 HZ3  sing N N 310 
TRP CH2 HH2  sing N N 311 
TRP OXT HXT  sing N N 312 
TYR N   CA   sing N N 313 
TYR N   H    sing N N 314 
TYR N   H2   sing N N 315 
TYR CA  C    sing N N 316 
TYR CA  CB   sing N N 317 
TYR CA  HA   sing N N 318 
TYR C   O    doub N N 319 
TYR C   OXT  sing N N 320 
TYR CB  CG   sing N N 321 
TYR CB  HB2  sing N N 322 
TYR CB  HB3  sing N N 323 
TYR CG  CD1  doub Y N 324 
TYR CG  CD2  sing Y N 325 
TYR CD1 CE1  sing Y N 326 
TYR CD1 HD1  sing N N 327 
TYR CD2 CE2  doub Y N 328 
TYR CD2 HD2  sing N N 329 
TYR CE1 CZ   doub Y N 330 
TYR CE1 HE1  sing N N 331 
TYR CE2 CZ   sing Y N 332 
TYR CE2 HE2  sing N N 333 
TYR CZ  OH   sing N N 334 
TYR OH  HH   sing N N 335 
TYR OXT HXT  sing N N 336 
VAL N   CA   sing N N 337 
VAL N   H    sing N N 338 
VAL N   H2   sing N N 339 
VAL CA  C    sing N N 340 
VAL CA  CB   sing N N 341 
VAL CA  HA   sing N N 342 
VAL C   O    doub N N 343 
VAL C   OXT  sing N N 344 
VAL CB  CG1  sing N N 345 
VAL CB  CG2  sing N N 346 
VAL CB  HB   sing N N 347 
VAL CG1 HG11 sing N N 348 
VAL CG1 HG12 sing N N 349 
VAL CG1 HG13 sing N N 350 
VAL CG2 HG21 sing N N 351 
VAL CG2 HG22 sing N N 352 
VAL CG2 HG23 sing N N 353 
VAL OXT HXT  sing N N 354 
# 
_pdbx_audit_support.funding_organization   'Ministry of Science and Technology (MoST, China)' 
_pdbx_audit_support.country                China 
_pdbx_audit_support.grant_number           2021YFF0702004 
_pdbx_audit_support.ordinal                1 
# 
_pdbx_initial_refinement_model.id               1 
_pdbx_initial_refinement_model.entity_id_list   ? 
_pdbx_initial_refinement_model.type             'experimental model' 
_pdbx_initial_refinement_model.source_name      PDB 
_pdbx_initial_refinement_model.accession_code   6CB6 
_pdbx_initial_refinement_model.details          ? 
# 
_atom_sites.entry_id                    8IZT 
_atom_sites.Cartn_transf_matrix[1][1]   ? 
_atom_sites.Cartn_transf_matrix[1][2]   ? 
_atom_sites.Cartn_transf_matrix[1][3]   ? 
_atom_sites.Cartn_transf_matrix[2][1]   ? 
_atom_sites.Cartn_transf_matrix[2][2]   ? 
_atom_sites.Cartn_transf_matrix[2][3]   ? 
_atom_sites.Cartn_transf_matrix[3][1]   ? 
_atom_sites.Cartn_transf_matrix[3][2]   ? 
_atom_sites.Cartn_transf_matrix[3][3]   ? 
_atom_sites.Cartn_transf_vector[1]      ? 
_atom_sites.Cartn_transf_vector[2]      ? 
_atom_sites.Cartn_transf_vector[3]      ? 
_atom_sites.fract_transf_matrix[1][1]   -0.00645939 
_atom_sites.fract_transf_matrix[1][2]   -0.00173976 
_atom_sites.fract_transf_matrix[1][3]   -0.01256576 
_atom_sites.fract_transf_matrix[2][1]   0.02746878 
_atom_sites.fract_transf_matrix[2][2]   -0.01038169 
_atom_sites.fract_transf_matrix[2][3]   -0.01268286 
_atom_sites.fract_transf_matrix[3][1]   -0.00851798 
_atom_sites.fract_transf_matrix[3][2]   -0.01982813 
_atom_sites.fract_transf_matrix[3][3]   -0.00221787 
_atom_sites.fract_transf_vector[1]      0.255463 
_atom_sites.fract_transf_vector[2]      0.017028 
_atom_sites.fract_transf_vector[3]      0.238595 
_atom_sites.solution_primary            ? 
_atom_sites.solution_secondary          ? 
_atom_sites.solution_hydrogens          ? 
_atom_sites.special_details             ? 
# 
loop_
_atom_type.symbol 
_atom_type.pdbx_scat_Z 
_atom_type.pdbx_N_electrons 
_atom_type.scat_Cromer_Mann_a1 
_atom_type.scat_Cromer_Mann_b1 
_atom_type.scat_Cromer_Mann_a2 
_atom_type.scat_Cromer_Mann_b2 
_atom_type.scat_Cromer_Mann_a3 
_atom_type.scat_Cromer_Mann_b3 
_atom_type.scat_Cromer_Mann_a4 
_atom_type.scat_Cromer_Mann_b4 
_atom_type.scat_Cromer_Mann_c 
C  6  6  2.310  20.844 1.020 10.208 1.589 0.569  0.865 51.651 0.216   
H  1  1  0.493  10.511 0.323 26.126 0.140 3.142  0.041 57.800 0.003   
N  7  7  12.222 0.006  3.135 9.893  2.014 28.997 1.167 0.583  -11.538 
O  8  8  3.049  13.277 2.287 5.701  1.546 0.324  0.867 32.909 0.251   
S  16 16 6.905  1.468  5.203 22.215 1.438 0.254  1.586 56.172 1.049   
ZN 30 30 14.081 3.266  7.035 0.233  5.168 10.316 2.411 58.710 0.993   
# 
loop_
_atom_site.group_PDB 
_atom_site.id 
_atom_site.type_symbol 
_atom_site.label_atom_id 
_atom_site.label_alt_id 
_atom_site.label_comp_id 
_atom_site.label_asym_id 
_atom_site.label_entity_id 
_atom_site.label_seq_id 
_atom_site.pdbx_PDB_ins_code 
_atom_site.Cartn_x 
_atom_site.Cartn_y 
_atom_site.Cartn_z 
_atom_site.occupancy 
_atom_site.B_iso_or_equiv 
_atom_site.pdbx_formal_charge 
_atom_site.auth_seq_id 
_atom_site.auth_comp_id 
_atom_site.auth_asym_id 
_atom_site.auth_atom_id 
_atom_site.pdbx_PDB_model_num 
_atom_site.calc_flag 
ATOM   1    N  N   . ALA A 1 2   ? 15.146  -5.424  2.156   1.000 30.733 ? -1  ALA A N   1 ? 
ATOM   2    C  CA  . ALA A 1 2   ? 14.748  -4.006  1.830   1.000 28.557 ? -1  ALA A CA  1 ? 
ATOM   3    C  C   . ALA A 1 2   ? 15.853  -3.259  1.043   1.000 30.385 ? -1  ALA A C   1 ? 
ATOM   4    O  O   . ALA A 1 2   ? 17.070  -3.349  1.370   1.000 27.967 ? -1  ALA A O   1 ? 
ATOM   5    C  CB  . ALA A 1 2   ? 14.336  -3.267  3.069   1.000 29.854 ? -1  ALA A CB  1 ? 
ATOM   6    N  N   . SER A 1 3   ? 15.440  -2.534  -0.001  1.000 25.718 ? 0   SER A N   1 ? 
ATOM   7    C  CA  . SER A 1 3   ? 16.340  -1.797  -0.917  1.000 24.456 ? 0   SER A CA  1 ? 
ATOM   8    C  C   . SER A 1 3   ? 15.510  -0.816  -1.746  1.000 22.148 ? 0   SER A C   1 ? 
ATOM   9    O  O   . SER A 1 3   ? 14.326  -1.065  -1.940  1.000 21.436 ? 0   SER A O   1 ? 
ATOM   10   C  CB  . SER A 1 3   ? 17.126  -2.768  -1.769  1.000 23.771 ? 0   SER A CB  1 ? 
ATOM   11   O  OG  . SER A 1 3   ? 16.514  -3.024  -3.036  1.000 23.652 ? 0   SER A OG  1 ? 
ATOM   12   N  N   . MET A 1 4   ? 16.140  0.254   -2.227  1.000 21.036 ? 1   MET A N   1 ? 
ATOM   13   C  CA  . MET A 1 4   ? 15.517  1.277   -3.090  1.000 19.976 ? 1   MET A CA  1 ? 
ATOM   14   C  C   . MET A 1 4   ? 14.954  0.605   -4.348  1.000 17.257 ? 1   MET A C   1 ? 
ATOM   15   O  O   . MET A 1 4   ? 13.794  0.887   -4.731  1.000 13.996 ? 1   MET A O   1 ? 
ATOM   16   C  CB  . MET A 1 4   ? 16.568  2.314   -3.520  1.000 22.001 ? 1   MET A CB  1 ? 
ATOM   17   C  CG  . MET A 1 4   ? 17.082  3.227   -2.400  1.000 26.124 ? 1   MET A CG  1 ? 
ATOM   18   S  SD  . MET A 1 4   ? 15.805  4.253   -1.602  1.000 31.178 ? 1   MET A SD  1 ? 
ATOM   19   C  CE  . MET A 1 4   ? 15.060  5.007   -3.046  1.000 31.035 ? 1   MET A CE  1 ? 
ATOM   20   N  N   . ASP A 1 5   ? 15.724  -0.288  -4.956  1.000 15.517 ? 2   ASP A N   1 ? 
ATOM   21   C  CA  . ASP A 1 5   ? 15.364  -0.889  -6.268  1.000 15.359 ? 2   ASP A CA  1 ? 
ATOM   22   C  C   . ASP A 1 5   ? 14.222  -1.885  -6.046  1.000 15.015 ? 2   ASP A C   1 ? 
ATOM   23   O  O   . ASP A 1 5   ? 13.312  -1.937  -6.877  1.000 15.028 ? 2   ASP A O   1 ? 
ATOM   24   C  CB  . ASP A 1 5   ? 16.576  -1.518  -6.937  1.000 14.583 ? 2   ASP A CB  1 ? 
ATOM   25   C  CG  . ASP A 1 5   ? 17.658  -0.530  -7.332  1.000 16.952 ? 2   ASP A CG  1 ? 
ATOM   26   O  OD1 . ASP A 1 5   ? 17.341  0.655   -7.671  1.000 16.704 ? 2   ASP A OD1 1 ? 
ATOM   27   O  OD2 . ASP A 1 5   ? 18.803  -0.949  -7.328  1.000 15.744 ? 2   ASP A OD2 1 ? 
ATOM   28   N  N   . LYS A 1 6   ? 14.266  -2.628  -4.942  1.000 14.847 ? 3   LYS A N   1 ? 
ATOM   29   C  CA  . LYS A 1 6   ? 13.182  -3.572  -4.549  1.000 17.319 ? 3   LYS A CA  1 ? 
ATOM   30   C  C   . LYS A 1 6   ? 11.905  -2.760  -4.317  1.000 17.271 ? 3   LYS A C   1 ? 
ATOM   31   O  O   . LYS A 1 6   ? 10.862  -3.210  -4.747  1.000 17.891 ? 3   LYS A O   1 ? 
ATOM   32   C  CB  . LYS A 1 6   ? 13.615  -4.437  -3.356  1.000 19.959 ? 3   LYS A CB  1 ? 
ATOM   33   C  CG  . LYS A 1 6   ? 14.686  -5.460  -3.738  1.000 24.596 ? 3   LYS A CG  1 ? 
ATOM   34   C  CD  . LYS A 1 6   ? 15.114  -6.489  -2.681  1.000 29.445 ? 3   LYS A CD  1 ? 
ATOM   35   C  CE  . LYS A 1 6   ? 14.086  -7.573  -2.393  1.000 34.741 ? 3   LYS A CE  1 ? 
ATOM   36   N  NZ  . LYS A 1 6   ? 14.338  -8.856  -3.109  1.000 36.258 ? 3   LYS A NZ  1 ? 
ATOM   37   N  N   . LEU A 1 7   ? 11.993  -1.613  -3.645  1.000 17.332 ? 4   LEU A N   1 ? 
ATOM   38   C  CA  . LEU A 1 7   ? 10.801  -0.785  -3.289  1.000 16.289 ? 4   LEU A CA  1 ? 
ATOM   39   C  C   . LEU A 1 7   ? 10.137  -0.296  -4.581  1.000 15.448 ? 4   LEU A C   1 ? 
ATOM   40   O  O   . LEU A 1 7   ? 8.893   -0.308  -4.659  1.000 13.781 ? 4   LEU A O   1 ? 
ATOM   41   C  CB  . LEU A 1 7   ? 11.214  0.382   -2.389  1.000 15.477 ? 4   LEU A CB  1 ? 
ATOM   42   C  CG  . LEU A 1 7   ? 10.083  1.346   -2.013  1.000 16.144 ? 4   LEU A CG  1 ? 
ATOM   43   C  CD1 . LEU A 1 7   ? 8.920   0.602   -1.397  1.000 14.804 ? 4   LEU A CD1 1 ? 
ATOM   44   C  CD2 . LEU A 1 7   ? 10.563  2.423   -1.053  1.000 16.215 ? 4   LEU A CD2 1 ? 
ATOM   45   N  N   . ARG A 1 8   ? 10.926  0.077   -5.582  1.000 15.469 ? 5   ARG A N   1 ? 
ATOM   46   C  CA  . ARG A 1 8   ? 10.344  0.566   -6.850  1.000 15.527 ? 5   ARG A CA  1 ? 
ATOM   47   C  C   . ARG A 1 8   ? 9.494   -0.569  -7.450  1.000 16.009 ? 5   ARG A C   1 ? 
ATOM   48   O  O   . ARG A 1 8   ? 8.393   -0.310  -7.992  1.000 14.994 ? 5   ARG A O   1 ? 
ATOM   49   C  CB  . ARG A 1 8   ? 11.415  1.010   -7.848  1.000 18.084 ? 5   ARG A CB  1 ? 
ATOM   50   C  CG  . ARG A 1 8   ? 10.832  1.414   -9.196  1.000 20.440 ? 5   ARG A CG  1 ? 
ATOM   51   C  CD  . ARG A 1 8   ? 11.905  1.578   -10.230 1.000 26.977 ? 5   ARG A CD  1 ? 
ATOM   52   N  NE  . ARG A 1 8   ? 12.907  2.566   -9.835  1.000 35.293 ? 5   ARG A NE  1 ? 
ATOM   53   C  CZ  . ARG A 1 8   ? 12.833  3.883   -10.041 1.000 39.154 ? 5   ARG A CZ  1 ? 
ATOM   54   N  NH1 . ARG A 1 8   ? 11.791  4.421   -10.668 1.000 41.921 ? 5   ARG A NH1 1 ? 
ATOM   55   N  NH2 . ARG A 1 8   ? 13.826  4.650   -9.620  1.000 39.246 ? 5   ARG A NH2 1 ? 
ATOM   56   N  N   . VAL A 1 9   ? 10.022  -1.789  -7.435  1.000 14.126 ? 6   VAL A N   1 ? 
ATOM   57   C  CA  . VAL A 1 9   ? 9.353   -2.958  -8.080  1.000 14.017 ? 6   VAL A CA  1 ? 
ATOM   58   C  C   . VAL A 1 9   ? 8.066   -3.275  -7.313  1.000 14.132 ? 6   VAL A C   1 ? 
ATOM   59   O  O   . VAL A 1 9   ? 7.021   -3.447  -7.975  1.000 15.413 ? 6   VAL A O   1 ? 
ATOM   60   C  CB  . VAL A 1 9   ? 10.315  -4.157  -8.173  1.000 13.643 ? 6   VAL A CB  1 ? 
ATOM   61   C  CG1 . VAL A 1 9   ? 9.613   -5.447  -8.500  1.000 13.689 ? 6   VAL A CG1 1 ? 
ATOM   62   C  CG2 . VAL A 1 9   ? 11.416  -3.863  -9.178  1.000 14.101 ? 6   VAL A CG2 1 ? 
ATOM   63   N  N   . LEU A 1 10  ? 8.153   -3.284  -5.989  1.000 13.831 ? 7   LEU A N   1 ? 
ATOM   64   C  CA  . LEU A 1 10  ? 7.007   -3.465  -5.074  1.000 14.163 ? 7   LEU A CA  1 ? 
ATOM   65   C  C   . LEU A 1 10  ? 5.950   -2.396  -5.370  1.000 13.754 ? 7   LEU A C   1 ? 
ATOM   66   O  O   . LEU A 1 10  ? 4.774   -2.774  -5.606  1.000 13.886 ? 7   LEU A O   1 ? 
ATOM   67   C  CB  . LEU A 1 10  ? 7.483   -3.391  -3.623  1.000 14.763 ? 7   LEU A CB  1 ? 
ATOM   68   C  CG  . LEU A 1 10  ? 8.211   -4.626  -3.122  1.000 15.607 ? 7   LEU A CG  1 ? 
ATOM   69   C  CD1 . LEU A 1 10  ? 8.846   -4.374  -1.750  1.000 16.393 ? 7   LEU A CD1 1 ? 
ATOM   70   C  CD2 . LEU A 1 10  ? 7.256   -5.828  -3.061  1.000 16.570 ? 7   LEU A CD2 1 ? 
ATOM   71   N  N   . TYR A 1 11  ? 6.342   -1.124  -5.417  1.000 12.494 ? 8   TYR A N   1 ? 
ATOM   72   C  CA  . TYR A 1 11  ? 5.379   -0.010  -5.639  1.000 13.697 ? 8   TYR A CA  1 ? 
ATOM   73   C  C   . TYR A 1 11  ? 4.704   -0.182  -7.010  1.000 14.360 ? 8   TYR A C   1 ? 
ATOM   74   O  O   . TYR A 1 11  ? 3.523   -0.034  -7.136  1.000 13.245 ? 8   TYR A O   1 ? 
ATOM   75   C  CB  . TYR A 1 11  ? 6.104   1.328   -5.558  1.000 15.050 ? 8   TYR A CB  1 ? 
ATOM   76   C  CG  . TYR A 1 11  ? 5.295   2.499   -6.033  1.000 15.297 ? 8   TYR A CG  1 ? 
ATOM   77   C  CD1 . TYR A 1 11  ? 4.358   3.107   -5.222  1.000 16.347 ? 8   TYR A CD1 1 ? 
ATOM   78   C  CD2 . TYR A 1 11  ? 5.436   2.961   -7.323  1.000 16.443 ? 8   TYR A CD2 1 ? 
ATOM   79   C  CE1 . TYR A 1 11  ? 3.602   4.177   -5.681  1.000 15.442 ? 8   TYR A CE1 1 ? 
ATOM   80   C  CE2 . TYR A 1 11  ? 4.685   4.025   -7.796  1.000 17.298 ? 8   TYR A CE2 1 ? 
ATOM   81   C  CZ  . TYR A 1 11  ? 3.774   4.648   -6.964  1.000 15.859 ? 8   TYR A CZ  1 ? 
ATOM   82   O  OH  . TYR A 1 11  ? 3.043   5.724   -7.407  1.000 15.451 ? 8   TYR A OH  1 ? 
ATOM   83   N  N   . ASP A 1 12  ? 5.481   -0.511  -8.029  1.000 14.166 ? 9   ASP A N   1 ? 
ATOM   84   C  CA  . ASP A 1 12  ? 4.914   -0.706  -9.387  1.000 15.252 ? 9   ASP A CA  1 ? 
ATOM   85   C  C   . ASP A 1 12  ? 3.940   -1.897  -9.389  1.000 16.717 ? 9   ASP A C   1 ? 
ATOM   86   O  O   . ASP A 1 12  ? 2.905   -1.801  -10.076 1.000 17.226 ? 9   ASP A O   1 ? 
ATOM   87   C  CB  . ASP A 1 12  ? 6.014   -0.895  -10.425 1.000 15.393 ? 9   ASP A CB  1 ? 
ATOM   88   C  CG  . ASP A 1 12  ? 6.819   0.340   -10.775 1.000 17.052 ? 9   ASP A CG  1 ? 
ATOM   89   O  OD1 . ASP A 1 12  ? 6.417   1.472   -10.396 1.000 18.102 ? 9   ASP A OD1 1 ? 
ATOM   90   O  OD2 . ASP A 1 12  ? 7.873   0.154   -11.422 1.000 17.243 ? 9   ASP A OD2 1 ? 
ATOM   91   N  N   . GLU A 1 13  ? 4.205   -2.947  -8.614  1.000 15.976 ? 10  GLU A N   1 ? 
ATOM   92   C  CA  . GLU A 1 13  ? 3.275   -4.104  -8.515  1.000 17.493 ? 10  GLU A CA  1 ? 
ATOM   93   C  C   . GLU A 1 13  ? 1.965   -3.610  -7.873  1.000 16.321 ? 10  GLU A C   1 ? 
ATOM   94   O  O   . GLU A 1 13  ? 0.857   -3.928  -8.406  1.000 15.579 ? 10  GLU A O   1 ? 
ATOM   95   C  CB  . GLU A 1 13  ? 3.927   -5.271  -7.767  1.000 18.713 ? 10  GLU A CB  1 ? 
ATOM   96   C  CG  . GLU A 1 13  ? 2.958   -6.376  -7.357  1.000 20.465 ? 10  GLU A CG  1 ? 
ATOM   97   C  CD  . GLU A 1 13  ? 2.355   -7.214  -8.472  1.000 25.522 ? 10  GLU A CD  1 ? 
ATOM   98   O  OE1 . GLU A 1 13  ? 2.563   -6.865  -9.671  1.000 29.104 ? 10  GLU A OE1 1 ? 
ATOM   99   O  OE2 . GLU A 1 13  ? 1.664   -8.238  -8.141  1.000 29.047 ? 10  GLU A OE2 1 ? 
ATOM   100  N  N   . PHE A 1 14  ? 2.079   -2.878  -6.762  1.000 15.028 ? 11  PHE A N   1 ? 
ATOM   101  C  CA  . PHE A 1 14  ? 0.944   -2.297  -5.998  1.000 15.054 ? 11  PHE A CA  1 ? 
ATOM   102  C  C   . PHE A 1 14  ? 0.051   -1.482  -6.941  1.000 15.183 ? 11  PHE A C   1 ? 
ATOM   103  O  O   . PHE A 1 14  ? -1.166  -1.692  -6.973  1.000 14.501 ? 11  PHE A O   1 ? 
ATOM   104  C  CB  . PHE A 1 14  ? 1.446   -1.461  -4.836  1.000 15.972 ? 11  PHE A CB  1 ? 
ATOM   105  C  CG  . PHE A 1 14  ? 0.337   -0.799  -4.064  1.000 16.098 ? 11  PHE A CG  1 ? 
ATOM   106  C  CD1 . PHE A 1 14  ? -0.478  -1.539  -3.208  1.000 15.739 ? 11  PHE A CD1 1 ? 
ATOM   107  C  CD2 . PHE A 1 14  ? 0.139   0.567   -4.145  1.000 15.385 ? 11  PHE A CD2 1 ? 
ATOM   108  C  CE1 . PHE A 1 14  ? -1.516  -0.928  -2.510  1.000 16.303 ? 11  PHE A CE1 1 ? 
ATOM   109  C  CE2 . PHE A 1 14  ? -0.897  1.170   -3.447  1.000 16.795 ? 11  PHE A CE2 1 ? 
ATOM   110  C  CZ  . PHE A 1 14  ? -1.722  0.426   -2.628  1.000 16.850 ? 11  PHE A CZ  1 ? 
ATOM   111  N  N   . VAL A 1 15  ? 0.647   -0.585  -7.717  1.000 14.525 ? 12  VAL A N   1 ? 
ATOM   112  C  CA  . VAL A 1 15  ? -0.099  0.282   -8.653  1.000 13.742 ? 12  VAL A CA  1 ? 
ATOM   113  C  C   . VAL A 1 15  ? -0.745  -0.592  -9.744  1.000 14.559 ? 12  VAL A C   1 ? 
ATOM   114  O  O   . VAL A 1 15  ? -1.924  -0.323  -10.112 1.000 14.295 ? 12  VAL A O   1 ? 
ATOM   115  C  CB  . VAL A 1 15  ? 0.847   1.356   -9.229  1.000 13.386 ? 12  VAL A CB  1 ? 
ATOM   116  C  CG1 . VAL A 1 15  ? 0.183   2.130   -10.337 1.000 13.726 ? 12  VAL A CG1 1 ? 
ATOM   117  C  CG2 . VAL A 1 15  ? 1.373   2.282   -8.142  1.000 12.367 ? 12  VAL A CG2 1 ? 
ATOM   118  N  N   . THR A 1 16  ? -0.020  -1.559  -10.318 1.000 15.607 ? 13  THR A N   1 ? 
ATOM   119  C  CA  . THR A 1 16  ? -0.546  -2.350  -11.465 1.000 16.855 ? 13  THR A CA  1 ? 
ATOM   120  C  C   . THR A 1 16  ? -1.859  -3.051  -11.031 1.000 16.726 ? 13  THR A C   1 ? 
ATOM   121  O  O   . THR A 1 16  ? -2.899  -2.920  -11.733 1.000 16.421 ? 13  THR A O   1 ? 
ATOM   122  C  CB  . THR A 1 16  ? 0.472   -3.365  -11.993 1.000 17.656 ? 13  THR A CB  1 ? 
ATOM   123  O  OG1 . THR A 1 16  ? 1.631   -2.635  -12.426 1.000 19.997 ? 13  THR A OG1 1 ? 
ATOM   124  C  CG2 . THR A 1 16  ? -0.095  -4.191  -13.139 1.000 18.265 ? 13  THR A CG2 1 ? 
ATOM   125  N  N   . ILE A 1 17  ? -1.814  -3.773  -9.915  1.000 16.711 ? 14  ILE A N   1 ? 
ATOM   126  C  CA  . ILE A 1 17  ? -2.991  -4.507  -9.358  1.000 17.500 ? 14  ILE A CA  1 ? 
ATOM   127  C  C   . ILE A 1 17  ? -4.086  -3.495  -8.992  1.000 17.226 ? 14  ILE A C   1 ? 
ATOM   128  O  O   . ILE A 1 17  ? -5.261  -3.741  -9.312  1.000 16.520 ? 14  ILE A O   1 ? 
ATOM   129  C  CB  . ILE A 1 17  ? -2.568  -5.404  -8.167  1.000 18.813 ? 14  ILE A CB  1 ? 
ATOM   130  C  CG1 . ILE A 1 17  ? -1.484  -6.404  -8.573  1.000 21.075 ? 14  ILE A CG1 1 ? 
ATOM   131  C  CG2 . ILE A 1 17  ? -3.755  -6.143  -7.555  1.000 19.595 ? 14  ILE A CG2 1 ? 
ATOM   132  C  CD1 . ILE A 1 17  ? -1.832  -7.230  -9.830  1.000 23.354 ? 14  ILE A CD1 1 ? 
ATOM   133  N  N   . SER A 1 18  ? -3.724  -2.440  -8.278  1.000 14.987 ? 15  SER A N   1 ? 
ATOM   134  C  CA  . SER A 1 18  ? -4.670  -1.444  -7.716  1.000 14.850 ? 15  SER A CA  1 ? 
ATOM   135  C  C   . SER A 1 18  ? -5.434  -0.833  -8.889  1.000 15.488 ? 15  SER A C   1 ? 
ATOM   136  O  O   . SER A 1 18  ? -6.703  -0.856  -8.892  1.000 15.372 ? 15  SER A O   1 ? 
ATOM   137  C  CB  . SER A 1 18  ? -3.942  -0.427  -6.931  1.000 13.524 ? 15  SER A CB  1 ? 
ATOM   138  O  OG  . SER A 1 18  ? -3.390  -1.019  -5.770  1.000 14.248 ? 15  SER A OG  1 ? 
ATOM   139  N  N   . LYS A 1 19  ? -4.671  -0.405  -9.883  1.000 16.693 ? 16  LYS A N   1 ? 
ATOM   140  C  CA  . LYS A 1 19  ? -5.175  0.317   -11.078 1.000 20.513 ? 16  LYS A CA  1 ? 
ATOM   141  C  C   . LYS A 1 19  ? -6.158  -0.570  -11.831 1.000 21.027 ? 16  LYS A C   1 ? 
ATOM   142  O  O   . LYS A 1 19  ? -7.301  -0.129  -12.139 1.000 19.924 ? 16  LYS A O   1 ? 
ATOM   143  C  CB  . LYS A 1 19  ? -3.989  0.689   -11.968 1.000 24.917 ? 16  LYS A CB  1 ? 
ATOM   144  C  CG  . LYS A 1 19  ? -4.353  1.167   -13.358 1.000 30.337 ? 16  LYS A CG  1 ? 
ATOM   145  C  CD  . LYS A 1 19  ? -3.228  1.894   -14.074 1.000 35.008 ? 16  LYS A CD  1 ? 
ATOM   146  C  CE  . LYS A 1 19  ? -3.408  1.851   -15.579 1.000 39.256 ? 16  LYS A CE  1 ? 
ATOM   147  N  NZ  . LYS A 1 19  ? -2.270  2.510   -16.264 1.000 43.045 ? 16  LYS A NZ  1 ? 
ATOM   148  N  N   . ASP A 1 20  ? -5.737  -1.778  -12.154 1.000 19.880 ? 17  ASP A N   1 ? 
ATOM   149  C  CA  . ASP A 1 20  ? -6.568  -2.687  -12.962 1.000 21.539 ? 17  ASP A CA  1 ? 
ATOM   150  C  C   . ASP A 1 20  ? -7.896  -2.909  -12.233 1.000 21.371 ? 17  ASP A C   1 ? 
ATOM   151  O  O   . ASP A 1 20  ? -8.916  -2.916  -12.888 1.000 19.915 ? 17  ASP A O   1 ? 
ATOM   152  C  CB  . ASP A 1 20  ? -5.871  -4.017  -13.230 1.000 25.542 ? 17  ASP A CB  1 ? 
ATOM   153  C  CG  . ASP A 1 20  ? -6.558  -4.714  -14.386 1.000 30.801 ? 17  ASP A CG  1 ? 
ATOM   154  O  OD1 . ASP A 1 20  ? -6.595  -4.099  -15.475 1.000 36.122 ? 17  ASP A OD1 1 ? 
ATOM   155  O  OD2 . ASP A 1 20  ? -7.119  -5.809  -14.176 1.000 36.173 ? 17  ASP A OD2 1 ? 
ATOM   156  N  N   . ASN A 1 21  ? -7.869  -3.103  -10.909 1.000 19.171 ? 18  ASN A N   1 ? 
ATOM   157  C  CA  . ASN A 1 21  ? -9.079  -3.426  -10.113 1.000 19.656 ? 18  ASN A CA  1 ? 
ATOM   158  C  C   . ASN A 1 21  ? -9.943  -2.171  -9.910  1.000 19.637 ? 18  ASN A C   1 ? 
ATOM   159  O  O   . ASN A 1 21  ? -11.184 -2.292  -9.956  1.000 18.683 ? 18  ASN A O   1 ? 
ATOM   160  C  CB  . ASN A 1 21  ? -8.677  -4.135  -8.820  1.000 20.641 ? 18  ASN A CB  1 ? 
ATOM   161  C  CG  . ASN A 1 21  ? -8.309  -5.580  -9.114  1.000 24.374 ? 18  ASN A CG  1 ? 
ATOM   162  O  OD1 . ASN A 1 21  ? -9.194  -6.368  -9.454  1.000 24.574 ? 18  ASN A OD1 1 ? 
ATOM   163  N  ND2 . ASN A 1 21  ? -7.023  -5.930  -9.059  1.000 23.322 ? 18  ASN A ND2 1 ? 
ATOM   164  N  N   . LEU A 1 22  ? -9.337  -1.008  -9.677  1.000 19.526 ? 19  LEU A N   1 ? 
ATOM   165  C  CA  . LEU A 1 22  ? -10.109 0.240   -9.417  1.000 19.534 ? 19  LEU A CA  1 ? 
ATOM   166  C  C   . LEU A 1 22  ? -10.844 0.654   -10.688 1.000 21.731 ? 19  LEU A C   1 ? 
ATOM   167  O  O   . LEU A 1 22  ? -12.005 1.094   -10.592 1.000 22.631 ? 19  LEU A O   1 ? 
ATOM   168  C  CB  . LEU A 1 22  ? -9.164  1.336   -8.937  1.000 19.766 ? 19  LEU A CB  1 ? 
ATOM   169  C  CG  . LEU A 1 22  ? -8.703  1.168   -7.495  1.000 18.507 ? 19  LEU A CG  1 ? 
ATOM   170  C  CD1 . LEU A 1 22  ? -7.502  2.052   -7.193  1.000 18.824 ? 19  LEU A CD1 1 ? 
ATOM   171  C  CD2 . LEU A 1 22  ? -9.843  1.474   -6.532  1.000 19.803 ? 19  LEU A CD2 1 ? 
ATOM   172  N  N   . GLU A 1 23  ? -10.164 0.547   -11.823 1.000 23.173 ? 20  GLU A N   1 ? 
ATOM   173  C  CA  . GLU A 1 23  ? -10.718 0.914   -13.145 1.000 25.755 ? 20  GLU A CA  1 ? 
ATOM   174  C  C   . GLU A 1 23  ? -11.953 0.064   -13.454 1.000 27.671 ? 20  GLU A C   1 ? 
ATOM   175  O  O   . GLU A 1 23  ? -12.978 0.648   -13.765 1.000 26.595 ? 20  GLU A O   1 ? 
ATOM   176  C  CB  . GLU A 1 23  ? -9.636  0.791   -14.211 1.000 25.281 ? 20  GLU A CB  1 ? 
ATOM   177  C  CG  . GLU A 1 23  ? -8.629  1.918   -14.145 1.000 27.153 ? 20  GLU A CG  1 ? 
ATOM   178  C  CD  . GLU A 1 23  ? -7.704  1.994   -15.338 1.000 26.490 ? 20  GLU A CD  1 ? 
ATOM   179  O  OE1 . GLU A 1 23  ? -7.673  1.012   -16.122 1.000 27.994 ? 20  GLU A OE1 1 ? 
ATOM   180  O  OE2 . GLU A 1 23  ? -7.044  3.038   -15.500 1.000 26.781 ? 20  GLU A OE2 1 ? 
ATOM   181  N  N   . ARG A 1 24  ? -11.876 -1.252  -13.366 1.000 32.627 ? 21  ARG A N   1 ? 
ATOM   182  C  CA  . ARG A 1 24  ? -13.030 -2.089  -13.789 1.000 38.073 ? 21  ARG A CA  1 ? 
ATOM   183  C  C   . ARG A 1 24  ? -14.138 -2.013  -12.723 1.000 37.956 ? 21  ARG A C   1 ? 
ATOM   184  O  O   . ARG A 1 24  ? -15.309 -2.062  -13.108 1.000 35.411 ? 21  ARG A O   1 ? 
ATOM   185  C  CB  . ARG A 1 24  ? -12.561 -3.500  -14.133 1.000 42.536 ? 21  ARG A CB  1 ? 
ATOM   186  C  CG  . ARG A 1 24  ? -12.366 -4.407  -12.937 1.000 47.494 ? 21  ARG A CG  1 ? 
ATOM   187  C  CD  . ARG A 1 24  ? -12.432 -5.857  -13.374 1.000 57.855 ? 21  ARG A CD  1 ? 
ATOM   188  N  NE  . ARG A 1 24  ? -13.608 -6.265  -14.144 1.000 60.654 ? 21  ARG A NE  1 ? 
ATOM   189  C  CZ  . ARG A 1 24  ? -14.877 -6.262  -13.725 1.000 62.148 ? 21  ARG A CZ  1 ? 
ATOM   190  N  NH1 . ARG A 1 24  ? -15.821 -6.695  -14.547 1.000 63.230 ? 21  ARG A NH1 1 ? 
ATOM   191  N  NH2 . ARG A 1 24  ? -15.208 -5.823  -12.516 1.000 62.711 ? 21  ARG A NH2 1 ? 
ATOM   192  N  N   . GLU A 1 25  ? -13.787 -1.839  -11.444 1.000 34.299 ? 22  GLU A N   1 ? 
ATOM   193  C  CA  . GLU A 1 25  ? -14.766 -1.729  -10.332 1.000 35.860 ? 22  GLU A CA  1 ? 
ATOM   194  C  C   . GLU A 1 25  ? -15.624 -0.476  -10.508 1.000 33.392 ? 22  GLU A C   1 ? 
ATOM   195  O  O   . GLU A 1 25  ? -16.841 -0.586  -10.272 1.000 38.202 ? 22  GLU A O   1 ? 
ATOM   196  C  CB  . GLU A 1 25  ? -14.073 -1.684  -8.959  1.000 35.857 ? 22  GLU A CB  1 ? 
ATOM   197  C  CG  . GLU A 1 25  ? -15.040 -1.551  -7.785  1.000 37.575 ? 22  GLU A CG  1 ? 
ATOM   198  C  CD  . GLU A 1 25  ? -16.122 -2.617  -7.693  1.000 43.251 ? 22  GLU A CD  1 ? 
ATOM   199  O  OE1 . GLU A 1 25  ? -15.896 -3.738  -8.210  1.000 46.928 ? 22  GLU A OE1 1 ? 
ATOM   200  O  OE2 . GLU A 1 25  ? -17.198 -2.332  -7.098  1.000 48.548 ? 22  GLU A OE2 1 ? 
ATOM   201  N  N   . THR A 1 26  ? -15.009 0.663   -10.851 1.000 29.780 ? 23  THR A N   1 ? 
ATOM   202  C  CA  . THR A 1 26  ? -15.582 2.033   -10.723 1.000 27.090 ? 23  THR A CA  1 ? 
ATOM   203  C  C   . THR A 1 26  ? -15.889 2.634   -12.095 1.000 24.710 ? 23  THR A C   1 ? 
ATOM   204  O  O   . THR A 1 26  ? -16.648 3.599   -12.125 1.000 28.695 ? 23  THR A O   1 ? 
ATOM   205  C  CB  . THR A 1 26  ? -14.652 3.026   -10.006 1.000 23.381 ? 23  THR A CB  1 ? 
ATOM   206  O  OG1 . THR A 1 26  ? -13.496 3.251   -10.817 1.000 21.886 ? 23  THR A OG1 1 ? 
ATOM   207  C  CG2 . THR A 1 26  ? -14.220 2.546   -8.635  1.000 23.866 ? 23  THR A CG2 1 ? 
ATOM   208  N  N   . GLY A 1 27  ? -15.264 2.139   -13.162 1.000 25.302 ? 24  GLY A N   1 ? 
ATOM   209  C  CA  . GLY A 1 27  ? -15.359 2.736   -14.510 1.000 26.328 ? 24  GLY A CA  1 ? 
ATOM   210  C  C   . GLY A 1 27  ? -14.533 4.005   -14.676 1.000 30.248 ? 24  GLY A C   1 ? 
ATOM   211  O  O   . GLY A 1 27  ? -14.555 4.575   -15.764 1.000 27.067 ? 24  GLY A O   1 ? 
ATOM   212  N  N   . LEU A 1 28  ? -13.802 4.467   -13.658 1.000 29.704 ? 25  LEU A N   1 ? 
ATOM   213  C  CA  . LEU A 1 28  ? -12.959 5.677   -13.826 1.000 30.502 ? 25  LEU A CA  1 ? 
ATOM   214  C  C   . LEU A 1 28  ? -11.565 5.215   -14.257 1.000 29.335 ? 25  LEU A C   1 ? 
ATOM   215  O  O   . LEU A 1 28  ? -11.243 4.049   -14.012 1.000 29.212 ? 25  LEU A O   1 ? 
ATOM   216  C  CB  . LEU A 1 28  ? -12.920 6.463   -12.509 1.000 34.863 ? 25  LEU A CB  1 ? 
ATOM   217  C  CG  . LEU A 1 28  ? -14.252 6.702   -11.793 1.000 33.553 ? 25  LEU A CG  1 ? 
ATOM   218  C  CD1 . LEU A 1 28  ? -14.016 7.142   -10.359 1.000 34.893 ? 25  LEU A CD1 1 ? 
ATOM   219  C  CD2 . LEU A 1 28  ? -15.093 7.732   -12.519 1.000 33.822 ? 25  LEU A CD2 1 ? 
ATOM   220  N  N   . SER A 1 29  ? -10.791 6.087   -14.895 1.000 30.679 ? 26  SER A N   1 ? 
ATOM   221  C  CA  . SER A 1 29  ? -9.426  5.795   -15.395 1.000 30.787 ? 26  SER A CA  1 ? 
ATOM   222  C  C   . SER A 1 29  ? -8.399  6.353   -14.401 1.000 28.977 ? 26  SER A C   1 ? 
ATOM   223  O  O   . SER A 1 29  ? -8.613  7.440   -13.868 1.000 30.047 ? 26  SER A O   1 ? 
ATOM   224  C  CB  . SER A 1 29  ? -9.224  6.352   -16.768 1.000 33.042 ? 26  SER A CB  1 ? 
ATOM   225  O  OG  . SER A 1 29  ? -9.721  7.673   -16.825 1.000 41.842 ? 26  SER A OG  1 ? 
ATOM   226  N  N   . ALA A 1 30  ? -7.323  5.608   -14.172 1.000 25.646 ? 27  ALA A N   1 ? 
ATOM   227  C  CA  . ALA A 1 30  ? -6.190  6.005   -13.312 1.000 25.646 ? 27  ALA A CA  1 ? 
ATOM   228  C  C   . ALA A 1 30  ? -5.435  7.157   -13.972 1.000 27.099 ? 27  ALA A C   1 ? 
ATOM   229  O  O   . ALA A 1 30  ? -5.503  7.326   -15.206 1.000 27.258 ? 27  ALA A O   1 ? 
ATOM   230  C  CB  . ALA A 1 30  ? -5.299  4.816   -13.057 1.000 26.903 ? 27  ALA A CB  1 ? 
ATOM   231  N  N   . SER A 1 31  ? -4.783  7.950   -13.135 1.000 24.623 ? 28  SER A N   1 ? 
ATOM   232  C  CA  . SER A 1 31  ? -3.873  9.050   -13.500 1.000 25.247 ? 28  SER A CA  1 ? 
ATOM   233  C  C   . SER A 1 31  ? -2.433  8.531   -13.432 1.000 22.985 ? 28  SER A C   1 ? 
ATOM   234  O  O   . SER A 1 31  ? -2.213  7.398   -12.958 1.000 21.173 ? 28  SER A O   1 ? 
ATOM   235  C  CB  . SER A 1 31  ? -4.093  10.232  -12.575 1.000 26.248 ? 28  SER A CB  1 ? 
ATOM   236  O  OG  . SER A 1 31  ? -5.371  10.836  -12.816 1.000 26.967 ? 28  SER A OG  1 ? 
ATOM   237  N  N   . ASP A 1 32  ? -1.513  9.321   -13.973 1.000 24.445 ? 29  ASP A N   1 ? 
ATOM   238  C  CA  . ASP A 1 32  ? -0.066  9.040   -14.004 1.000 26.430 ? 29  ASP A CA  1 ? 
ATOM   239  C  C   . ASP A 1 32  ? 0.428   8.954   -12.575 1.000 23.757 ? 29  ASP A C   1 ? 
ATOM   240  O  O   . ASP A 1 32  ? -0.056  9.707   -11.699 1.000 24.919 ? 29  ASP A O   1 ? 
ATOM   241  C  CB  . ASP A 1 32  ? 0.722   10.156  -14.692 1.000 30.659 ? 29  ASP A CB  1 ? 
ATOM   242  C  CG  . ASP A 1 32  ? 0.571   10.133  -16.202 1.000 33.617 ? 29  ASP A CG  1 ? 
ATOM   243  O  OD1 . ASP A 1 32  ? -0.335  9.424   -16.671 1.000 32.687 ? 29  ASP A OD1 1 ? 
ATOM   244  O  OD2 . ASP A 1 32  ? 1.372   10.810  -16.885 1.000 37.753 ? 29  ASP A OD2 1 ? 
ATOM   245  N  N   . VAL A 1 33  ? 1.410   8.105   -12.374 1.000 21.614 ? 30  VAL A N   1 ? 
ATOM   246  C  CA  . VAL A 1 33  ? 1.979   7.897   -11.033 1.000 18.770 ? 30  VAL A CA  1 ? 
ATOM   247  C  C   . VAL A 1 33  ? 2.923   9.063   -10.763 1.000 17.575 ? 30  VAL A C   1 ? 
ATOM   248  O  O   . VAL A 1 33  ? 3.524   9.665   -11.696 1.000 17.311 ? 30  VAL A O   1 ? 
ATOM   249  C  CB  . VAL A 1 33  ? 2.676   6.529   -10.899 1.000 19.734 ? 30  VAL A CB  1 ? 
ATOM   250  C  CG1 . VAL A 1 33  ? 1.723   5.373   -11.226 1.000 19.948 ? 30  VAL A CG1 1 ? 
ATOM   251  C  CG2 . VAL A 1 33  ? 3.940   6.453   -11.715 1.000 20.466 ? 30  VAL A CG2 1 ? 
ATOM   252  N  N   . ASP A 1 34  ? 3.087   9.325   -9.485  1.000 18.068 ? 31  ASP A N   1 ? 
ATOM   253  C  CA  . ASP A 1 34  ? 4.135   10.204  -8.962  1.000 15.466 ? 31  ASP A CA  1 ? 
ATOM   254  C  C   . ASP A 1 34  ? 4.701   9.453   -7.768  1.000 15.424 ? 31  ASP A C   1 ? 
ATOM   255  O  O   . ASP A 1 34  ? 4.150   9.564   -6.675  1.000 15.345 ? 31  ASP A O   1 ? 
ATOM   256  C  CB  . ASP A 1 34  ? 3.584   11.595  -8.674  1.000 16.384 ? 31  ASP A CB  1 ? 
ATOM   257  C  CG  . ASP A 1 34  ? 4.680   12.580  -8.326  1.000 17.925 ? 31  ASP A CG  1 ? 
ATOM   258  O  OD1 . ASP A 1 34  ? 5.570   12.213  -7.504  1.000 18.212 ? 31  ASP A OD1 1 ? 
ATOM   259  O  OD2 . ASP A 1 34  ? 4.586   13.726  -8.786  1.000 18.725 ? 31  ASP A OD2 1 ? 
ATOM   260  N  N   . MET A 1 35  ? 5.726   8.644   -8.007  1.000 15.878 ? 32  MET A N   1 ? 
ATOM   261  C  CA  . MET A 1 35  ? 6.110   7.596   -7.026  1.000 15.047 ? 32  MET A CA  1 ? 
ATOM   262  C  C   . MET A 1 35  ? 6.552   8.257   -5.712  1.000 14.185 ? 32  MET A C   1 ? 
ATOM   263  O  O   . MET A 1 35  ? 6.176   7.764   -4.638  1.000 13.777 ? 32  MET A O   1 ? 
ATOM   264  C  CB  . MET A 1 35  ? 7.217   6.694   -7.570  1.000 15.281 ? 32  MET A CB  1 ? 
ATOM   265  C  CG  . MET A 1 35  ? 7.711   5.677   -6.568  1.000 16.241 ? 32  MET A CG  1 ? 
ATOM   266  S  SD  . MET A 1 35  ? 8.870   4.452   -7.263  1.000 17.732 ? 32  MET A SD  1 ? 
ATOM   267  C  CE  . MET A 1 35  ? 10.215  5.541   -7.721  1.000 17.713 ? 32  MET A CE  1 ? 
ATOM   268  N  N   . ASP A 1 36  ? 7.353   9.313   -5.762  1.000 14.323 ? 33  ASP A N   1 ? 
ATOM   269  C  CA  . ASP A 1 36  ? 7.882   9.948   -4.531  1.000 14.537 ? 33  ASP A CA  1 ? 
ATOM   270  C  C   . ASP A 1 36  ? 6.722   10.560  -3.729  1.000 13.726 ? 33  ASP A C   1 ? 
ATOM   271  O  O   . ASP A 1 36  ? 6.794   10.579  -2.506  1.000 14.327 ? 33  ASP A O   1 ? 
ATOM   272  C  CB  . ASP A 1 36  ? 8.940   11.003  -4.844  1.000 16.071 ? 33  ASP A CB  1 ? 
ATOM   273  C  CG  . ASP A 1 36  ? 8.488   12.068  -5.822  1.000 18.038 ? 33  ASP A CG  1 ? 
ATOM   274  O  OD1 . ASP A 1 36  ? 8.281   11.745  -6.996  1.000 23.816 ? 33  ASP A OD1 1 ? 
ATOM   275  O  OD2 . ASP A 1 36  ? 8.369   13.200  -5.420  1.000 22.526 ? 33  ASP A OD2 1 ? 
ATOM   276  N  N   . PHE A 1 37  ? 5.747   11.151  -4.400  1.000 13.878 ? 34  PHE A N   1 ? 
ATOM   277  C  CA  . PHE A 1 37  ? 4.544   11.695  -3.737  1.000 13.367 ? 34  PHE A CA  1 ? 
ATOM   278  C  C   . PHE A 1 37  ? 3.881   10.557  -2.970  1.000 12.690 ? 34  PHE A C   1 ? 
ATOM   279  O  O   . PHE A 1 37  ? 3.552   10.753  -1.799  1.000 14.842 ? 34  PHE A O   1 ? 
ATOM   280  C  CB  . PHE A 1 37  ? 3.583   12.307  -4.764  1.000 14.038 ? 34  PHE A CB  1 ? 
ATOM   281  C  CG  . PHE A 1 37  ? 2.356   12.887  -4.119  1.000 14.118 ? 34  PHE A CG  1 ? 
ATOM   282  C  CD1 . PHE A 1 37  ? 1.299   12.063  -3.776  1.000 15.332 ? 34  PHE A CD1 1 ? 
ATOM   283  C  CD2 . PHE A 1 37  ? 2.268   14.240  -3.833  1.000 14.681 ? 34  PHE A CD2 1 ? 
ATOM   284  C  CE1 . PHE A 1 37  ? 0.177   12.581  -3.171  1.000 16.382 ? 34  PHE A CE1 1 ? 
ATOM   285  C  CE2 . PHE A 1 37  ? 1.144   14.746  -3.199  1.000 16.624 ? 34  PHE A CE2 1 ? 
ATOM   286  C  CZ  . PHE A 1 37  ? 0.099   13.919  -2.880  1.000 16.141 ? 34  PHE A CZ  1 ? 
ATOM   287  N  N   . ASP A 1 38  ? 3.692   9.386   -3.581  1.000 12.914 ? 35  ASP A N   1 ? 
ATOM   288  C  CA  . ASP A 1 38  ? 2.919   8.282   -2.940  1.000 12.956 ? 35  ASP A CA  1 ? 
ATOM   289  C  C   . ASP A 1 38  ? 3.731   7.649   -1.806  1.000 14.151 ? 35  ASP A C   1 ? 
ATOM   290  O  O   . ASP A 1 38  ? 3.150   7.256   -0.784  1.000 13.798 ? 35  ASP A O   1 ? 
ATOM   291  C  CB  . ASP A 1 38  ? 2.546   7.227   -3.969  1.000 12.665 ? 35  ASP A CB  1 ? 
ATOM   292  C  CG  . ASP A 1 38  ? 1.564   7.758   -4.989  1.000 13.302 ? 35  ASP A CG  1 ? 
ATOM   293  O  OD1 . ASP A 1 38  ? 0.976   8.833   -4.726  1.000 13.478 ? 35  ASP A OD1 1 ? 
ATOM   294  O  OD2 . ASP A 1 38  ? 1.338   7.066   -6.021  1.000 14.395 ? 35  ASP A OD2 1 ? 
ATOM   295  N  N   . LEU A 1 39  ? 5.038   7.521   -1.990  1.000 14.133 ? 36  LEU A N   1 ? 
ATOM   296  C  CA  . LEU A 1 39  ? 5.898   6.954   -0.923  1.000 15.465 ? 36  LEU A CA  1 ? 
ATOM   297  C  C   . LEU A 1 39  ? 5.907   7.914   0.279   1.000 16.213 ? 36  LEU A C   1 ? 
ATOM   298  O  O   . LEU A 1 39  ? 5.878   7.426   1.424   1.000 16.592 ? 36  LEU A O   1 ? 
ATOM   299  C  CB  . LEU A 1 39  ? 7.288   6.645   -1.493  1.000 15.626 ? 36  LEU A CB  1 ? 
ATOM   300  C  CG  . LEU A 1 39  ? 7.355   5.513   -2.518  1.000 16.658 ? 36  LEU A CG  1 ? 
ATOM   301  C  CD1 . LEU A 1 39  ? 8.769   5.307   -3.004  1.000 15.855 ? 36  LEU A CD1 1 ? 
ATOM   302  C  CD2 . LEU A 1 39  ? 6.795   4.202   -1.975  1.000 15.927 ? 36  LEU A CD2 1 ? 
ATOM   303  N  N   . ASN A 1 40  ? 5.843   9.225   0.042   1.000 17.315 ? 37  ASN A N   1 ? 
ATOM   304  C  CA  . ASN A 1 40  ? 5.616   10.244  1.093   1.000 19.402 ? 37  ASN A CA  1 ? 
ATOM   305  C  C   . ASN A 1 40  ? 4.296   9.914   1.809   1.000 19.591 ? 37  ASN A C   1 ? 
ATOM   306  O  O   . ASN A 1 40  ? 4.250   9.923   3.044   1.000 16.751 ? 37  ASN A O   1 ? 
ATOM   307  C  CB  . ASN A 1 40  ? 5.595   11.645  0.486   1.000 21.679 ? 37  ASN A CB  1 ? 
ATOM   308  C  CG  . ASN A 1 40  ? 6.056   12.740  1.419   1.000 24.825 ? 37  ASN A CG  1 ? 
ATOM   309  O  OD1 . ASN A 1 40  ? 6.580   12.489  2.503   1.000 28.482 ? 37  ASN A OD1 1 ? 
ATOM   310  N  ND2 . ASN A 1 40  ? 5.880   13.976  0.985   1.000 29.314 ? 37  ASN A ND2 1 ? 
ATOM   311  N  N   . ILE A 1 41  ? 3.232   9.620   1.050   1.000 18.126 ? 38  ILE A N   1 ? 
ATOM   312  C  CA  . ILE A 1 41  ? 1.929   9.243   1.667   1.000 17.807 ? 38  ILE A CA  1 ? 
ATOM   313  C  C   . ILE A 1 41  ? 2.139   8.030   2.586   1.000 16.713 ? 38  ILE A C   1 ? 
ATOM   314  O  O   . ILE A 1 41  ? 1.578   8.015   3.695   1.000 18.649 ? 38  ILE A O   1 ? 
ATOM   315  C  CB  . ILE A 1 41  ? 0.847   8.988   0.602   1.000 17.100 ? 38  ILE A CB  1 ? 
ATOM   316  C  CG1 . ILE A 1 41  ? 0.663   10.180  -0.341  1.000 18.818 ? 38  ILE A CG1 1 ? 
ATOM   317  C  CG2 . ILE A 1 41  ? -0.442  8.557   1.267   1.000 17.317 ? 38  ILE A CG2 1 ? 
ATOM   318  C  CD1 . ILE A 1 41  ? 0.368   11.492  0.349   1.000 19.967 ? 38  ILE A CD1 1 ? 
ATOM   319  N  N   . PHE A 1 42  ? 2.861   7.012   2.130   1.000 16.007 ? 39  PHE A N   1 ? 
ATOM   320  C  CA  . PHE A 1 42  ? 3.081   5.776   2.932   1.000 15.451 ? 39  PHE A CA  1 ? 
ATOM   321  C  C   . PHE A 1 42  ? 3.921   6.104   4.163   1.000 16.564 ? 39  PHE A C   1 ? 
ATOM   322  O  O   . PHE A 1 42  ? 3.640   5.533   5.227   1.000 15.314 ? 39  PHE A O   1 ? 
ATOM   323  C  CB  . PHE A 1 42  ? 3.774   4.693   2.112   1.000 16.040 ? 39  PHE A CB  1 ? 
ATOM   324  C  CG  . PHE A 1 42  ? 2.818   3.894   1.271   1.000 18.768 ? 39  PHE A CG  1 ? 
ATOM   325  C  CD1 . PHE A 1 42  ? 1.883   3.067   1.875   1.000 21.172 ? 39  PHE A CD1 1 ? 
ATOM   326  C  CD2 . PHE A 1 42  ? 2.835   3.980   -0.108  1.000 18.544 ? 39  PHE A CD2 1 ? 
ATOM   327  C  CE1 . PHE A 1 42  ? 0.993   2.328   1.116   1.000 21.772 ? 39  PHE A CE1 1 ? 
ATOM   328  C  CE2 . PHE A 1 42  ? 1.962   3.216   -0.861  1.000 19.800 ? 39  PHE A CE2 1 ? 
ATOM   329  C  CZ  . PHE A 1 42  ? 1.037   2.408   -0.252  1.000 21.888 ? 39  PHE A CZ  1 ? 
ATOM   330  N  N   . MET A 1 43  ? 4.858   7.039   4.032   1.000 17.125 ? 40  MET A N   1 ? 
ATOM   331  C  CA  . MET A 1 43  ? 5.731   7.432   5.155   1.000 18.593 ? 40  MET A CA  1 ? 
ATOM   332  C  C   . MET A 1 43  ? 4.860   7.995   6.278   1.000 16.239 ? 40  MET A C   1 ? 
ATOM   333  O  O   . MET A 1 43  ? 5.137   7.655   7.464   1.000 16.479 ? 40  MET A O   1 ? 
ATOM   334  C  CB  . MET A 1 43  ? 6.796   8.449   4.738   1.000 20.608 ? 40  MET A CB  1 ? 
ATOM   335  C  CG  . MET A 1 43  ? 7.667   8.806   5.929   1.000 24.983 ? 40  MET A CG  1 ? 
ATOM   336  S  SD  . MET A 1 43  ? 9.089   9.823   5.521   1.000 31.777 ? 40  MET A SD  1 ? 
ATOM   337  C  CE  . MET A 1 43  ? 8.281   11.372  5.125   1.000 31.456 ? 40  MET A CE  1 ? 
ATOM   338  N  N   . THR A 1 44  ? 3.860   8.809   5.938   1.000 15.425 ? 41  THR A N   1 ? 
ATOM   339  C  CA  . THR A 1 44  ? 2.938   9.473   6.892   1.000 16.800 ? 41  THR A CA  1 ? 
ATOM   340  C  C   . THR A 1 44  ? 1.984   8.433   7.493   1.000 17.978 ? 41  THR A C   1 ? 
ATOM   341  O  O   . THR A 1 44  ? 1.658   8.529   8.708   1.000 18.439 ? 41  THR A O   1 ? 
ATOM   342  C  CB  . THR A 1 44  ? 2.185   10.618  6.207   1.000 18.505 ? 41  THR A CB  1 ? 
ATOM   343  O  OG1 . THR A 1 44  ? 3.162   11.533  5.704   1.000 18.602 ? 41  THR A OG1 1 ? 
ATOM   344  C  CG2 . THR A 1 44  ? 1.202   11.325  7.114   1.000 21.748 ? 41  THR A CG2 1 ? 
ATOM   345  N  N   . LEU A 1 45  ? 1.632   7.423   6.707   1.000 16.474 ? 42  LEU A N   1 ? 
ATOM   346  C  CA  . LEU A 1 45  ? 0.677   6.360   7.090   1.000 17.821 ? 42  LEU A CA  1 ? 
ATOM   347  C  C   . LEU A 1 45  ? 1.282   5.381   8.107   1.000 16.241 ? 42  LEU A C   1 ? 
ATOM   348  O  O   . LEU A 1 45  ? 0.535   4.961   8.987   1.000 14.687 ? 42  LEU A O   1 ? 
ATOM   349  C  CB  . LEU A 1 45  ? 0.222   5.618   5.831   1.000 20.899 ? 42  LEU A CB  1 ? 
ATOM   350  C  CG  . LEU A 1 45  ? -1.121  4.891   5.899   1.000 25.615 ? 42  LEU A CG  1 ? 
ATOM   351  C  CD1 . LEU A 1 45  ? -2.268  5.834   6.265   1.000 26.870 ? 42  LEU A CD1 1 ? 
ATOM   352  C  CD2 . LEU A 1 45  ? -1.415  4.204   4.562   1.000 27.079 ? 42  LEU A CD2 1 ? 
ATOM   353  N  N   . VAL A 1 46  ? 2.566   5.044   8.003   1.000 15.998 ? 43  VAL A N   1 ? 
ATOM   354  C  CA  . VAL A 1 46  ? 3.185   3.915   8.776   1.000 17.248 ? 43  VAL A CA  1 ? 
ATOM   355  C  C   . VAL A 1 46  ? 2.945   4.125   10.269  1.000 18.497 ? 43  VAL A C   1 ? 
ATOM   356  O  O   . VAL A 1 46  ? 2.459   3.213   10.930  1.000 19.330 ? 43  VAL A O   1 ? 
ATOM   357  C  CB  . VAL A 1 46  ? 4.675   3.745   8.447   1.000 17.996 ? 43  VAL A CB  1 ? 
ATOM   358  C  CG1 . VAL A 1 46  ? 5.457   3.003   9.530   1.000 17.863 ? 43  VAL A CG1 1 ? 
ATOM   359  C  CG2 . VAL A 1 46  ? 4.833   3.096   7.077   1.000 17.268 ? 43  VAL A CG2 1 ? 
ATOM   360  N  N   . PRO A 1 47  ? 3.255   5.309   10.842  1.000 18.080 ? 44  PRO A N   1 ? 
ATOM   361  C  CA  . PRO A 1 47  ? 3.029   5.546   12.269  1.000 19.053 ? 44  PRO A CA  1 ? 
ATOM   362  C  C   . PRO A 1 47  ? 1.544   5.459   12.661  1.000 19.081 ? 44  PRO A C   1 ? 
ATOM   363  O  O   . PRO A 1 47  ? 1.228   4.983   13.734  1.000 22.038 ? 44  PRO A O   1 ? 
ATOM   364  C  CB  . PRO A 1 47  ? 3.629   6.937   12.527  1.000 19.072 ? 44  PRO A CB  1 ? 
ATOM   365  C  CG  . PRO A 1 47  ? 4.617   7.127   11.380  1.000 20.181 ? 44  PRO A CG  1 ? 
ATOM   366  C  CD  . PRO A 1 47  ? 3.991   6.409   10.208  1.000 18.156 ? 44  PRO A CD  1 ? 
ATOM   367  N  N   . VAL A 1 48  ? 0.643   5.885   11.789  1.000 20.076 ? 45  VAL A N   1 ? 
ATOM   368  C  CA  . VAL A 1 48  ? -0.814  5.776   12.077  1.000 19.701 ? 45  VAL A CA  1 ? 
ATOM   369  C  C   . VAL A 1 48  ? -1.187  4.284   12.113  1.000 20.236 ? 45  VAL A C   1 ? 
ATOM   370  O  O   . VAL A 1 48  ? -1.875  3.846   13.096  1.000 19.714 ? 45  VAL A O   1 ? 
ATOM   371  C  CB  . VAL A 1 48  ? -1.638  6.579   11.054  1.000 19.152 ? 45  VAL A CB  1 ? 
ATOM   372  C  CG1 . VAL A 1 48  ? -3.121  6.311   11.203  1.000 20.015 ? 45  VAL A CG1 1 ? 
ATOM   373  C  CG2 . VAL A 1 48  ? -1.319  8.058   11.153  1.000 19.704 ? 45  VAL A CG2 1 ? 
ATOM   374  N  N   . LEU A 1 49  ? -0.728  3.507   11.128  1.000 17.059 ? 46  LEU A N   1 ? 
ATOM   375  C  CA  . LEU A 1 49  ? -1.028  2.053   11.080  1.000 19.016 ? 46  LEU A CA  1 ? 
ATOM   376  C  C   . LEU A 1 49  ? -0.500  1.373   12.342  1.000 20.917 ? 46  LEU A C   1 ? 
ATOM   377  O  O   . LEU A 1 49  ? -1.187  0.494   12.849  1.000 21.801 ? 46  LEU A O   1 ? 
ATOM   378  C  CB  . LEU A 1 49  ? -0.434  1.393   9.835   1.000 17.326 ? 46  LEU A CB  1 ? 
ATOM   379  C  CG  . LEU A 1 49  ? -1.003  1.885   8.507   1.000 18.206 ? 46  LEU A CG  1 ? 
ATOM   380  C  CD1 . LEU A 1 49  ? -0.281  1.227   7.354   1.000 18.043 ? 46  LEU A CD1 1 ? 
ATOM   381  C  CD2 . LEU A 1 49  ? -2.510  1.671   8.427   1.000 18.471 ? 46  LEU A CD2 1 ? 
ATOM   382  N  N   . GLU A 1 50  ? 0.699   1.722   12.785  1.000 22.340 ? 47  GLU A N   1 ? 
ATOM   383  C  CA  . GLU A 1 50  ? 1.332   1.072   13.952  1.000 25.187 ? 47  GLU A CA  1 ? 
ATOM   384  C  C   . GLU A 1 50  ? 0.511   1.379   15.210  1.000 25.705 ? 47  GLU A C   1 ? 
ATOM   385  O  O   . GLU A 1 50  ? 0.336   0.453   16.022  1.000 29.585 ? 47  GLU A O   1 ? 
ATOM   386  C  CB  . GLU A 1 50  ? 2.800   1.471   14.050  1.000 25.654 ? 47  GLU A CB  1 ? 
ATOM   387  C  CG  . GLU A 1 50  ? 3.640   0.610   13.139  1.000 27.801 ? 47  GLU A CG  1 ? 
ATOM   388  C  CD  . GLU A 1 50  ? 5.145   0.807   13.154  1.000 31.113 ? 47  GLU A CD  1 ? 
ATOM   389  O  OE1 . GLU A 1 50  ? 5.592   1.894   13.574  1.000 33.727 ? 47  GLU A OE1 1 ? 
ATOM   390  O  OE2 . GLU A 1 50  ? 5.855   -0.113  12.669  1.000 28.422 ? 47  GLU A OE2 1 ? 
ATOM   391  N  N   . LYS A 1 51  ? 0.006   2.604   15.357  1.000 24.403 ? 48  LYS A N   1 ? 
ATOM   392  C  CA  . LYS A 1 51  ? -0.793  3.002   16.536  1.000 29.788 ? 48  LYS A CA  1 ? 
ATOM   393  C  C   . LYS A 1 51  ? -2.175  2.360   16.450  1.000 28.985 ? 48  LYS A C   1 ? 
ATOM   394  O  O   . LYS A 1 51  ? -2.626  1.830   17.481  1.000 31.408 ? 48  LYS A O   1 ? 
ATOM   395  C  CB  . LYS A 1 51  ? -0.904  4.524   16.663  1.000 36.900 ? 48  LYS A CB  1 ? 
ATOM   396  C  CG  . LYS A 1 51  ? -1.493  4.995   17.986  1.000 42.516 ? 48  LYS A CG  1 ? 
ATOM   397  C  CD  . LYS A 1 51  ? -1.114  6.415   18.363  1.000 49.078 ? 48  LYS A CD  1 ? 
ATOM   398  C  CE  . LYS A 1 51  ? 0.216   6.527   19.092  1.000 55.178 ? 48  LYS A CE  1 ? 
ATOM   399  N  NZ  . LYS A 1 51  ? 0.118   6.152   20.530  1.000 56.636 ? 48  LYS A NZ  1 ? 
ATOM   400  N  N   . LYS A 1 52  ? -2.824  2.393   15.280  1.000 27.718 ? 49  LYS A N   1 ? 
ATOM   401  C  CA  . LYS A 1 52  ? -4.219  1.894   15.147  1.000 28.400 ? 49  LYS A CA  1 ? 
ATOM   402  C  C   . LYS A 1 52  ? -4.251  0.357   15.097  1.000 26.592 ? 49  LYS A C   1 ? 
ATOM   403  O  O   . LYS A 1 52  ? -5.305  -0.187  15.454  1.000 29.710 ? 49  LYS A O   1 ? 
ATOM   404  C  CB  . LYS A 1 52  ? -4.911  2.558   13.963  1.000 31.160 ? 49  LYS A CB  1 ? 
ATOM   405  C  CG  . LYS A 1 52  ? -5.236  4.035   14.175  1.000 34.793 ? 49  LYS A CG  1 ? 
ATOM   406  C  CD  . LYS A 1 52  ? -6.052  4.624   13.033  1.000 40.952 ? 49  LYS A CD  1 ? 
ATOM   407  C  CE  . LYS A 1 52  ? -6.740  5.928   13.367  1.000 45.954 ? 49  LYS A CE  1 ? 
ATOM   408  N  NZ  . LYS A 1 52  ? -5.778  7.048   13.478  1.000 49.587 ? 49  LYS A NZ  1 ? 
ATOM   409  N  N   . VAL A 1 53  ? -3.175  -0.336  14.695  1.000 25.193 ? 50  VAL A N   1 ? 
ATOM   410  C  CA  . VAL A 1 53  ? -3.202  -1.817  14.493  1.000 25.584 ? 50  VAL A CA  1 ? 
ATOM   411  C  C   . VAL A 1 53  ? -2.065  -2.459  15.287  1.000 26.773 ? 50  VAL A C   1 ? 
ATOM   412  O  O   . VAL A 1 53  ? -2.365  -3.078  16.294  1.000 27.999 ? 50  VAL A O   1 ? 
ATOM   413  C  CB  . VAL A 1 53  ? -3.203  -2.214  12.996  1.000 24.907 ? 50  VAL A CB  1 ? 
ATOM   414  C  CG1 . VAL A 1 53  ? -3.392  -3.713  12.792  1.000 25.782 ? 50  VAL A CG1 1 ? 
ATOM   415  C  CG2 . VAL A 1 53  ? -4.267  -1.469  12.203  1.000 25.590 ? 50  VAL A CG2 1 ? 
ATOM   416  N  N   . CYS A 1 54  ? -0.820  -2.391  14.822  1.000 26.033 ? 51  CYS A N   1 ? 
ATOM   417  C  CA  . CYS A 1 54  ? 0.354   -2.986  15.510  1.000 26.131 ? 51  CYS A CA  1 ? 
ATOM   418  C  C   . CYS A 1 54  ? 1.629   -2.607  14.758  1.000 25.439 ? 51  CYS A C   1 ? 
ATOM   419  O  O   . CYS A 1 54  ? 1.536   -2.138  13.601  1.000 22.592 ? 51  CYS A O   1 ? 
ATOM   420  C  CB  . CYS A 1 54  ? 0.239   -4.507  15.641  1.000 27.831 ? 51  CYS A CB  1 ? 
ATOM   421  S  SG  . CYS A 1 54  ? 0.316   -5.415  14.073  1.000 28.340 ? 51  CYS A SG  1 ? 
ATOM   422  N  N   . VAL A 1 55  ? 2.775   -2.801  15.408  1.000 26.635 ? 52  VAL A N   1 ? 
ATOM   423  C  CA  . VAL A 1 55  ? 4.106   -2.572  14.793  1.000 28.330 ? 52  VAL A CA  1 ? 
ATOM   424  C  C   . VAL A 1 55  ? 4.216   -3.480  13.565  1.000 27.120 ? 52  VAL A C   1 ? 
ATOM   425  O  O   . VAL A 1 55  ? 3.776   -4.649  13.591  1.000 24.383 ? 52  VAL A O   1 ? 
ATOM   426  C  CB  . VAL A 1 55  ? 5.267   -2.782  15.786  1.000 32.189 ? 52  VAL A CB  1 ? 
ATOM   427  C  CG1 . VAL A 1 55  ? 5.383   -4.234  16.213  1.000 35.443 ? 52  VAL A CG1 1 ? 
ATOM   428  C  CG2 . VAL A 1 55  ? 6.592   -2.289  15.225  1.000 32.246 ? 52  VAL A CG2 1 ? 
ATOM   429  N  N   . ILE A 1 56  ? 4.797   -2.941  12.513  1.000 24.541 ? 53  ILE A N   1 ? 
ATOM   430  C  CA  . ILE A 1 56  ? 5.041   -3.671  11.248  1.000 25.736 ? 53  ILE A CA  1 ? 
ATOM   431  C  C   . ILE A 1 56  ? 6.402   -4.366  11.358  1.000 25.045 ? 53  ILE A C   1 ? 
ATOM   432  O  O   . ILE A 1 56  ? 7.420   -3.657  11.432  1.000 25.042 ? 53  ILE A O   1 ? 
ATOM   433  C  CB  . ILE A 1 56  ? 4.948   -2.680  10.078  1.000 24.784 ? 53  ILE A CB  1 ? 
ATOM   434  C  CG1 . ILE A 1 56  ? 3.577   -1.994  10.095  1.000 26.598 ? 53  ILE A CG1 1 ? 
ATOM   435  C  CG2 . ILE A 1 56  ? 5.247   -3.389  8.772   1.000 26.967 ? 53  ILE A CG2 1 ? 
ATOM   436  C  CD1 . ILE A 1 56  ? 3.440   -0.805  9.156   1.000 26.325 ? 53  ILE A CD1 1 ? 
ATOM   437  N  N   . THR A 1 57  ? 6.404   -5.695  11.435  1.000 25.364 ? 54  THR A N   1 ? 
ATOM   438  C  CA  . THR A 1 57  ? 7.629   -6.524  11.334  1.000 25.925 ? 54  THR A CA  1 ? 
ATOM   439  C  C   . THR A 1 57  ? 7.357   -7.595  10.295  1.000 24.943 ? 54  THR A C   1 ? 
ATOM   440  O  O   . THR A 1 57  ? 6.208   -7.811  9.897   1.000 25.946 ? 54  THR A O   1 ? 
ATOM   441  C  CB  . THR A 1 57  ? 8.060   -7.112  12.681  1.000 27.611 ? 54  THR A CB  1 ? 
ATOM   442  O  OG1 . THR A 1 57  ? 7.285   -8.291  12.916  1.000 29.011 ? 54  THR A OG1 1 ? 
ATOM   443  C  CG2 . THR A 1 57  ? 7.946   -6.103  13.802  1.000 26.775 ? 54  THR A CG2 1 ? 
ATOM   444  N  N   . PRO A 1 58  ? 8.414   -8.246  9.773   1.000 21.337 ? 55  PRO A N   1 ? 
ATOM   445  C  CA  . PRO A 1 58  ? 8.240   -9.246  8.724   1.000 22.423 ? 55  PRO A CA  1 ? 
ATOM   446  C  C   . PRO A 1 58  ? 7.293   -10.378 9.141   1.000 21.427 ? 55  PRO A C   1 ? 
ATOM   447  O  O   . PRO A 1 58  ? 6.851   -11.063 8.274   1.000 26.092 ? 55  PRO A O   1 ? 
ATOM   448  C  CB  . PRO A 1 58  ? 9.662   -9.770  8.505   1.000 23.067 ? 55  PRO A CB  1 ? 
ATOM   449  C  CG  . PRO A 1 58  ? 10.546  -8.650  8.967   1.000 22.025 ? 55  PRO A CG  1 ? 
ATOM   450  C  CD  . PRO A 1 58  ? 9.825   -8.021  10.121  1.000 20.872 ? 55  PRO A CD  1 ? 
ATOM   451  N  N   . THR A 1 59  ? 7.047   -10.553 10.444  1.000 23.330 ? 56  THR A N   1 ? 
ATOM   452  C  CA  . THR A 1 59  ? 6.211   -11.667 10.982  1.000 22.659 ? 56  THR A CA  1 ? 
ATOM   453  C  C   . THR A 1 59  ? 4.810   -11.192 11.332  1.000 21.056 ? 56  THR A C   1 ? 
ATOM   454  O  O   . THR A 1 59  ? 4.099   -11.994 11.927  1.000 18.931 ? 56  THR A O   1 ? 
ATOM   455  C  CB  . THR A 1 59  ? 6.844   -12.348 12.205  1.000 24.007 ? 56  THR A CB  1 ? 
ATOM   456  O  OG1 . THR A 1 59  ? 7.071   -11.397 13.255  1.000 22.684 ? 56  THR A OG1 1 ? 
ATOM   457  C  CG2 . THR A 1 59  ? 8.120   -13.068 11.828  1.000 23.770 ? 56  THR A CG2 1 ? 
ATOM   458  N  N   . ILE A 1 60  ? 4.437   -9.965  10.982  1.000 19.494 ? 57  ILE A N   1 ? 
ATOM   459  C  CA  . ILE A 1 60  ? 3.056   -9.426  11.213  1.000 20.272 ? 57  ILE A CA  1 ? 
ATOM   460  C  C   . ILE A 1 60  ? 2.083   -10.358 10.503  1.000 19.721 ? 57  ILE A C   1 ? 
ATOM   461  O  O   . ILE A 1 60  ? 2.386   -10.765 9.377   1.000 22.227 ? 57  ILE A O   1 ? 
ATOM   462  C  CB  . ILE A 1 60  ? 2.918   -7.984  10.700  1.000 19.850 ? 57  ILE A CB  1 ? 
ATOM   463  C  CG1 . ILE A 1 60  ? 1.576   -7.351  11.043  1.000 20.062 ? 57  ILE A CG1 1 ? 
ATOM   464  C  CG2 . ILE A 1 60  ? 3.208   -7.889  9.210   1.000 20.184 ? 57  ILE A CG2 1 ? 
ATOM   465  C  CD1 . ILE A 1 60  ? 1.587   -5.875  10.801  1.000 19.256 ? 57  ILE A CD1 1 ? 
ATOM   466  N  N   . GLU A 1 61  ? 0.983   -10.682 11.172  1.000 20.908 ? 58  GLU A N   1 ? 
ATOM   467  C  CA  A GLU A 1 61  ? 0.003   -11.698 10.710  0.500 21.085 ? 58  GLU A CA  1 ? 
ATOM   468  C  CA  B GLU A 1 61  ? 0.015   -11.701 10.717  0.500 19.407 ? 58  GLU A CA  1 ? 
ATOM   469  C  C   . GLU A 1 61  ? -0.790  -11.102 9.545   1.000 20.073 ? 58  GLU A C   1 ? 
ATOM   470  O  O   . GLU A 1 61  ? -0.993  -9.885  9.531   1.000 17.499 ? 58  GLU A O   1 ? 
ATOM   471  C  CB  A GLU A 1 61  ? -0.978  -12.110 11.810  0.500 24.057 ? 58  GLU A CB  1 ? 
ATOM   472  C  CB  B GLU A 1 61  ? -0.776  -12.142 11.951  0.500 19.965 ? 58  GLU A CB  1 ? 
ATOM   473  C  CG  A GLU A 1 61  ? -0.324  -12.701 13.050  0.500 27.790 ? 58  GLU A CG  1 ? 
ATOM   474  C  CG  B GLU A 1 61  ? 0.099   -12.302 13.213  0.500 20.465 ? 58  GLU A CG  1 ? 
ATOM   475  C  CD  A GLU A 1 61  ? 0.681   -13.805 12.790  0.500 29.010 ? 58  GLU A CD  1 ? 
ATOM   476  C  CD  B GLU A 1 61  ? 0.057   -11.151 14.222  0.500 19.183 ? 58  GLU A CD  1 ? 
ATOM   477  O  OE1 A GLU A 1 61  ? 0.421   -14.650 11.901  0.500 34.484 ? 58  GLU A OE1 1 ? 
ATOM   478  O  OE1 B GLU A 1 61  ? -0.848  -11.197 15.105  0.500 21.003 ? 58  GLU A OE1 1 ? 
ATOM   479  O  OE2 A GLU A 1 61  ? 1.716   -13.827 13.482  0.500 34.439 ? 58  GLU A OE2 1 ? 
ATOM   480  O  OE2 B GLU A 1 61  ? 0.849   -10.155 14.087  0.500 15.052 ? 58  GLU A OE2 1 ? 
ATOM   481  N  N   . ASP A 1 62  ? -1.238  -11.942 8.621   1.000 20.412 ? 59  ASP A N   1 ? 
ATOM   482  C  CA  . ASP A 1 62  ? -1.989  -11.495 7.412   1.000 20.681 ? 59  ASP A CA  1 ? 
ATOM   483  C  C   . ASP A 1 62  ? -3.208  -10.658 7.827   1.000 21.419 ? 59  ASP A C   1 ? 
ATOM   484  O  O   . ASP A 1 62  ? -3.443  -9.611  7.184   1.000 19.520 ? 59  ASP A O   1 ? 
ATOM   485  C  CB  . ASP A 1 62  ? -2.388  -12.674 6.530   1.000 21.012 ? 59  ASP A CB  1 ? 
ATOM   486  C  CG  . ASP A 1 62  ? -1.207  -13.438 5.960   1.000 22.971 ? 59  ASP A CG  1 ? 
ATOM   487  O  OD1 . ASP A 1 62  ? -0.063  -12.876 6.002   1.000 23.427 ? 59  ASP A OD1 1 ? 
ATOM   488  O  OD2 . ASP A 1 62  ? -1.417  -14.624 5.551   1.000 22.771 ? 59  ASP A OD2 1 ? 
ATOM   489  N  N   . ASP A 1 63  ? -3.903  -11.035 8.913   1.000 20.744 ? 60  ASP A N   1 ? 
ATOM   490  C  CA  . ASP A 1 63  ? -5.147  -10.353 9.358   1.000 21.207 ? 60  ASP A CA  1 ? 
ATOM   491  C  C   . ASP A 1 63  ? -4.840  -8.905  9.757   1.000 19.688 ? 60  ASP A C   1 ? 
ATOM   492  O  O   . ASP A 1 63  ? -5.660  -8.062  9.477   1.000 17.782 ? 60  ASP A O   1 ? 
ATOM   493  C  CB  . ASP A 1 63  ? -5.845  -11.092 10.500  1.000 22.556 ? 60  ASP A CB  1 ? 
ATOM   494  C  CG  . ASP A 1 63  ? -5.214  -10.928 11.871  1.000 26.112 ? 60  ASP A CG  1 ? 
ATOM   495  O  OD1 . ASP A 1 63  ? -4.243  -11.658 12.146  1.000 28.120 ? 60  ASP A OD1 1 ? 
ATOM   496  O  OD2 . ASP A 1 63  ? -5.717  -10.080 12.679  1.000 29.994 ? 60  ASP A OD2 1 ? 
ATOM   497  N  N   . LYS A 1 64  ? -3.686  -8.638  10.385  1.000 18.417 ? 61  LYS A N   1 ? 
ATOM   498  C  CA  . LYS A 1 64  ? -3.297  -7.259  10.770  1.000 17.770 ? 61  LYS A CA  1 ? 
ATOM   499  C  C   . LYS A 1 64  ? -3.004  -6.422  9.522   1.000 15.449 ? 61  LYS A C   1 ? 
ATOM   500  O  O   . LYS A 1 64  ? -3.459  -5.277  9.466   1.000 16.382 ? 61  LYS A O   1 ? 
ATOM   501  C  CB  . LYS A 1 64  ? -2.119  -7.253  11.758  1.000 19.308 ? 61  LYS A CB  1 ? 
ATOM   502  C  CG  . LYS A 1 64  ? -2.311  -8.139  12.980  1.000 21.016 ? 61  LYS A CG  1 ? 
ATOM   503  C  CD  . LYS A 1 64  ? -3.250  -7.545  13.983  1.000 25.945 ? 61  LYS A CD  1 ? 
ATOM   504  C  CE  . LYS A 1 64  ? -3.352  -8.324  15.282  1.000 29.710 ? 61  LYS A CE  1 ? 
ATOM   505  N  NZ  . LYS A 1 64  ? -4.249  -9.499  15.134  1.000 32.232 ? 61  LYS A NZ  1 ? 
ATOM   506  N  N   . ILE A 1 65  ? -2.331  -6.980  8.531   1.000 15.198 ? 62  ILE A N   1 ? 
ATOM   507  C  CA  . ILE A 1 65  ? -2.076  -6.289  7.236   1.000 14.368 ? 62  ILE A CA  1 ? 
ATOM   508  C  C   . ILE A 1 65  ? -3.413  -6.005  6.545   1.000 15.054 ? 62  ILE A C   1 ? 
ATOM   509  O  O   . ILE A 1 65  ? -3.603  -4.889  6.090   1.000 14.374 ? 62  ILE A O   1 ? 
ATOM   510  C  CB  . ILE A 1 65  ? -1.118  -7.078  6.349   1.000 14.626 ? 62  ILE A CB  1 ? 
ATOM   511  C  CG1 . ILE A 1 65  ? 0.301   -7.133  6.913   1.000 14.372 ? 62  ILE A CG1 1 ? 
ATOM   512  C  CG2 . ILE A 1 65  ? -1.098  -6.479  4.958   1.000 14.356 ? 62  ILE A CG2 1 ? 
ATOM   513  C  CD1 . ILE A 1 65  ? 1.015   -5.772  6.919   1.000 16.184 ? 62  ILE A CD1 1 ? 
ATOM   514  N  N   . VAL A 1 66  ? -4.335  -6.963  6.521   1.000 15.409 ? 63  VAL A N   1 ? 
ATOM   515  C  CA  . VAL A 1 66  ? -5.639  -6.765  5.807   1.000 14.602 ? 63  VAL A CA  1 ? 
ATOM   516  C  C   . VAL A 1 66  ? -6.405  -5.649  6.521   1.000 14.122 ? 63  VAL A C   1 ? 
ATOM   517  O  O   . VAL A 1 66  ? -7.002  -4.798  5.852   1.000 16.032 ? 63  VAL A O   1 ? 
ATOM   518  C  CB  . VAL A 1 66  ? -6.450  -8.064  5.742   1.000 14.656 ? 63  VAL A CB  1 ? 
ATOM   519  C  CG1 . VAL A 1 66  ? -7.867  -7.792  5.330   1.000 15.695 ? 63  VAL A CG1 1 ? 
ATOM   520  C  CG2 . VAL A 1 66  ? -5.796  -9.058  4.811   1.000 14.156 ? 63  VAL A CG2 1 ? 
ATOM   521  N  N   . THR A 1 67  ? -6.330  -5.583  7.855   1.000 13.943 ? 64  THR A N   1 ? 
ATOM   522  C  CA  . THR A 1 67  ? -6.945  -4.467  8.609   1.000 16.172 ? 64  THR A CA  1 ? 
ATOM   523  C  C   . THR A 1 67  ? -6.258  -3.114  8.310   1.000 14.967 ? 64  THR A C   1 ? 
ATOM   524  O  O   . THR A 1 67  ? -6.983  -2.102  8.242   1.000 16.036 ? 64  THR A O   1 ? 
ATOM   525  C  CB  . THR A 1 67  ? -6.996  -4.787  10.106  1.000 16.895 ? 64  THR A CB  1 ? 
ATOM   526  O  OG1 . THR A 1 67  ? -7.869  -5.910  10.238  1.000 18.998 ? 64  THR A OG1 1 ? 
ATOM   527  C  CG2 . THR A 1 67  ? -7.509  -3.621  10.920  1.000 18.342 ? 64  THR A CG2 1 ? 
ATOM   528  N  N   . MET A 1 68  ? -4.940  -3.068  8.137   1.000 15.196 ? 65  MET A N   1 ? 
ATOM   529  C  CA  . MET A 1 68  ? -4.226  -1.822  7.781   1.000 14.454 ? 65  MET A CA  1 ? 
ATOM   530  C  C   . MET A 1 68  ? -4.735  -1.340  6.412   1.000 14.632 ? 65  MET A C   1 ? 
ATOM   531  O  O   . MET A 1 68  ? -4.831  -0.119  6.223   1.000 16.228 ? 65  MET A O   1 ? 
ATOM   532  C  CB  . MET A 1 68  ? -2.720  -2.049  7.765   1.000 15.267 ? 65  MET A CB  1 ? 
ATOM   533  C  CG  . MET A 1 68  ? -2.174  -2.174  9.170   1.000 16.274 ? 65  MET A CG  1 ? 
ATOM   534  S  SD  . MET A 1 68  ? -0.420  -2.578  9.150   1.000 16.890 ? 65  MET A SD  1 ? 
ATOM   535  C  CE  . MET A 1 68  ? -0.035  -2.640  10.898  1.000 17.189 ? 65  MET A CE  1 ? 
ATOM   536  N  N   . MET A 1 69  ? -5.123  -2.253  5.526   1.000 14.338 ? 66  MET A N   1 ? 
ATOM   537  C  CA  . MET A 1 69  ? -5.626  -1.865  4.167   1.000 15.188 ? 66  MET A CA  1 ? 
ATOM   538  C  C   . MET A 1 69  ? -6.940  -1.078  4.287   1.000 14.902 ? 66  MET A C   1 ? 
ATOM   539  O  O   . MET A 1 69  ? -7.259  -0.413  3.335   1.000 14.655 ? 66  MET A O   1 ? 
ATOM   540  C  CB  . MET A 1 69  ? -5.865  -3.068  3.257   1.000 15.470 ? 66  MET A CB  1 ? 
ATOM   541  C  CG  . MET A 1 69  ? -4.604  -3.823  2.887   1.000 14.668 ? 66  MET A CG  1 ? 
ATOM   542  S  SD  . MET A 1 69  ? -4.987  -5.359  2.019   1.000 15.959 ? 66  MET A SD  1 ? 
ATOM   543  C  CE  . MET A 1 69  ? -3.373  -5.838  1.419   1.000 16.157 ? 66  MET A CE  1 ? 
ATOM   544  N  N   . LYS A 1 70  ? -7.683  -1.192  5.393   1.000 15.176 ? 67  LYS A N   1 ? 
ATOM   545  C  CA  . LYS A 1 70  ? -8.921  -0.416  5.661   1.000 16.913 ? 67  LYS A CA  1 ? 
ATOM   546  C  C   . LYS A 1 70  ? -8.582  1.054   5.956   1.000 17.928 ? 67  LYS A C   1 ? 
ATOM   547  O  O   . LYS A 1 70  ? -9.457  1.903   5.760   1.000 16.201 ? 67  LYS A O   1 ? 
ATOM   548  C  CB  . LYS A 1 70  ? -9.680  -0.995  6.860   1.000 19.039 ? 67  LYS A CB  1 ? 
ATOM   549  C  CG  . LYS A 1 70  ? -10.258 -2.391  6.671   1.000 21.174 ? 67  LYS A CG  1 ? 
ATOM   550  C  CD  . LYS A 1 70  ? -11.011 -2.928  7.903   1.000 23.789 ? 67  LYS A CD  1 ? 
ATOM   551  C  CE  . LYS A 1 70  ? -12.325 -2.224  8.214   1.000 27.128 ? 67  LYS A CE  1 ? 
ATOM   552  N  NZ  . LYS A 1 70  ? -13.415 -2.628  7.292   1.000 27.330 ? 67  LYS A NZ  1 ? 
ATOM   553  N  N   . TYR A 1 71  ? -7.368  1.344   6.432   1.000 16.732 ? 68  TYR A N   1 ? 
ATOM   554  C  CA  . TYR A 1 71  ? -6.940  2.715   6.793   1.000 18.940 ? 68  TYR A CA  1 ? 
ATOM   555  C  C   . TYR A 1 71  ? -6.134  3.375   5.675   1.000 17.925 ? 68  TYR A C   1 ? 
ATOM   556  O  O   . TYR A 1 71  ? -5.678  4.527   5.878   1.000 20.104 ? 68  TYR A O   1 ? 
ATOM   557  C  CB  . TYR A 1 71  ? -6.112  2.669   8.074   1.000 23.094 ? 68  TYR A CB  1 ? 
ATOM   558  C  CG  . TYR A 1 71  ? -6.903  2.255   9.279   1.000 29.393 ? 68  TYR A CG  1 ? 
ATOM   559  C  CD1 . TYR A 1 71  ? -6.897  0.942   9.716   1.000 33.195 ? 68  TYR A CD1 1 ? 
ATOM   560  C  CD2 . TYR A 1 71  ? -7.632  3.184   10.010  1.000 37.266 ? 68  TYR A CD2 1 ? 
ATOM   561  C  CE1 . TYR A 1 71  ? -7.597  0.554   10.843  1.000 35.500 ? 68  TYR A CE1 1 ? 
ATOM   562  C  CE2 . TYR A 1 71  ? -8.340  2.814   11.142  1.000 39.358 ? 68  TYR A CE2 1 ? 
ATOM   563  C  CZ  . TYR A 1 71  ? -8.310  1.494   11.566  1.000 41.912 ? 68  TYR A CZ  1 ? 
ATOM   564  O  OH  . TYR A 1 71  ? -8.998  1.101   12.687  1.000 46.046 ? 68  TYR A OH  1 ? 
ATOM   565  N  N   . CYS A 1 72  ? -6.027  2.732   4.498   1.000 16.658 ? 69  CYS A N   1 ? 
ATOM   566  C  CA  A CYS A 1 72  ? -5.266  3.264   3.344   0.500 15.149 ? 69  CYS A CA  1 ? 
ATOM   567  C  CA  B CYS A 1 72  ? -5.262  3.280   3.351   0.500 17.261 ? 69  CYS A CA  1 ? 
ATOM   568  C  C   . CYS A 1 72  ? -6.254  3.637   2.241   1.000 16.398 ? 69  CYS A C   1 ? 
ATOM   569  O  O   . CYS A 1 72  ? -6.816  2.737   1.644   1.000 14.256 ? 69  CYS A O   1 ? 
ATOM   570  C  CB  A CYS A 1 72  ? -4.254  2.238   2.854   0.500 14.582 ? 69  CYS A CB  1 ? 
ATOM   571  C  CB  B CYS A 1 72  ? -4.178  2.294   2.929   0.500 19.233 ? 69  CYS A CB  1 ? 
ATOM   572  S  SG  A CYS A 1 72  ? -3.109  2.911   1.628   0.500 13.803 ? 69  CYS A SG  1 ? 
ATOM   573  S  SG  B CYS A 1 72  ? -3.193  1.704   4.336   0.500 25.977 ? 69  CYS A SG  1 ? 
ATOM   574  N  N   . SER A 1 73  ? -6.475  4.930   2.037   1.000 13.872 ? 70  SER A N   1 ? 
ATOM   575  C  CA  . SER A 1 73  ? -7.453  5.417   1.043   1.000 14.393 ? 70  SER A CA  1 ? 
ATOM   576  C  C   . SER A 1 73  ? -6.740  5.631   -0.288  1.000 14.061 ? 70  SER A C   1 ? 
ATOM   577  O  O   . SER A 1 73  ? -5.741  6.363   -0.311  1.000 12.945 ? 70  SER A O   1 ? 
ATOM   578  C  CB  . SER A 1 73  ? -8.135  6.685   1.520   1.000 14.618 ? 70  SER A CB  1 ? 
ATOM   579  O  OG  . SER A 1 73  ? -9.026  6.444   2.620   1.000 15.728 ? 70  SER A OG  1 ? 
ATOM   580  N  N   . TYR A 1 74  ? -7.243  5.034   -1.367  1.000 13.453 ? 71  TYR A N   1 ? 
ATOM   581  C  CA  . TYR A 1 74  ? -6.628  5.185   -2.707  1.000 13.063 ? 71  TYR A CA  1 ? 
ATOM   582  C  C   . TYR A 1 74  ? -6.643  6.639   -3.199  1.000 13.696 ? 71  TYR A C   1 ? 
ATOM   583  O  O   . TYR A 1 74  ? -5.711  7.020   -3.970  1.000 13.100 ? 71  TYR A O   1 ? 
ATOM   584  C  CB  . TYR A 1 74  ? -7.312  4.265   -3.701  1.000 12.848 ? 71  TYR A CB  1 ? 
ATOM   585  C  CG  . TYR A 1 74  ? -6.784  2.865   -3.701  1.000 13.049 ? 71  TYR A CG  1 ? 
ATOM   586  C  CD1 . TYR A 1 74  ? -5.456  2.590   -4.034  1.000 13.269 ? 71  TYR A CD1 1 ? 
ATOM   587  C  CD2 . TYR A 1 74  ? -7.626  1.801   -3.477  1.000 13.096 ? 71  TYR A CD2 1 ? 
ATOM   588  C  CE1 . TYR A 1 74  ? -4.987  1.288   -4.088  1.000 12.087 ? 71  TYR A CE1 1 ? 
ATOM   589  C  CE2 . TYR A 1 74  ? -7.170  0.498   -3.514  1.000 13.802 ? 71  TYR A CE2 1 ? 
ATOM   590  C  CZ  . TYR A 1 74  ? -5.845  0.230   -3.820  1.000 13.275 ? 71  TYR A CZ  1 ? 
ATOM   591  O  OH  . TYR A 1 74  ? -5.414  -1.075  -3.860  1.000 13.057 ? 71  TYR A OH  1 ? 
ATOM   592  N  N   . GLN A 1 75  ? -7.632  7.436   -2.796  1.000 12.638 ? 72  GLN A N   1 ? 
ATOM   593  C  CA  . GLN A 1 75  ? -7.757  8.874   -3.189  1.000 13.744 ? 72  GLN A CA  1 ? 
ATOM   594  C  C   . GLN A 1 75  ? -6.499  9.662   -2.779  1.000 13.952 ? 72  GLN A C   1 ? 
ATOM   595  O  O   . GLN A 1 75  ? -6.290  10.772  -3.323  1.000 14.795 ? 72  GLN A O   1 ? 
ATOM   596  C  CB  . GLN A 1 75  ? -8.992  9.520   -2.548  1.000 15.784 ? 72  GLN A CB  1 ? 
ATOM   597  C  CG  . GLN A 1 75  ? -8.921  9.656   -1.022  1.000 16.555 ? 72  GLN A CG  1 ? 
ATOM   598  C  CD  . GLN A 1 75  ? -10.100 10.414  -0.447  1.000 20.116 ? 72  GLN A CD  1 ? 
ATOM   599  O  OE1 . GLN A 1 75  ? -11.153 10.546  -1.081  1.000 20.694 ? 72  GLN A OE1 1 ? 
ATOM   600  N  NE2 . GLN A 1 75  ? -9.928  10.951  0.752   1.000 18.722 ? 72  GLN A NE2 1 ? 
ATOM   601  N  N   . SER A 1 76  ? -5.699  9.132   -1.846  1.000 14.224 ? 73  SER A N   1 ? 
ATOM   602  C  CA  . SER A 1 76  ? -4.455  9.765   -1.330  1.000 15.028 ? 73  SER A CA  1 ? 
ATOM   603  C  C   . SER A 1 76  ? -3.319  9.695   -2.347  1.000 14.496 ? 73  SER A C   1 ? 
ATOM   604  O  O   . SER A 1 76  ? -2.361  10.490  -2.215  1.000 13.975 ? 73  SER A O   1 ? 
ATOM   605  C  CB  . SER A 1 76  ? -3.967  9.122   -0.063  1.000 16.707 ? 73  SER A CB  1 ? 
ATOM   606  O  OG  . SER A 1 76  ? -5.002  8.996   0.883   1.000 22.507 ? 73  SER A OG  1 ? 
ATOM   607  N  N   . PHE A 1 77  ? -3.374  8.752   -3.285  1.000 12.934 ? 74  PHE A N   1 ? 
ATOM   608  C  CA  . PHE A 1 77  ? -2.245  8.482   -4.209  1.000 13.300 ? 74  PHE A CA  1 ? 
ATOM   609  C  C   . PHE A 1 77  ? -2.461  9.082   -5.592  1.000 13.132 ? 74  PHE A C   1 ? 
ATOM   610  O  O   . PHE A 1 77  ? -3.583  9.200   -6.044  1.000 13.774 ? 74  PHE A O   1 ? 
ATOM   611  C  CB  . PHE A 1 77  ? -2.049  6.979   -4.385  1.000 12.754 ? 74  PHE A CB  1 ? 
ATOM   612  C  CG  . PHE A 1 77  ? -1.839  6.282   -3.069  1.000 14.527 ? 74  PHE A CG  1 ? 
ATOM   613  C  CD1 . PHE A 1 77  ? -0.710  6.529   -2.313  1.000 15.717 ? 74  PHE A CD1 1 ? 
ATOM   614  C  CD2 . PHE A 1 77  ? -2.776  5.392   -2.595  1.000 15.786 ? 74  PHE A CD2 1 ? 
ATOM   615  C  CE1 . PHE A 1 77  ? -0.526  5.903   -1.099  1.000 15.028 ? 74  PHE A CE1 1 ? 
ATOM   616  C  CE2 . PHE A 1 77  ? -2.597  4.761   -1.373  1.000 16.861 ? 74  PHE A CE2 1 ? 
ATOM   617  C  CZ  . PHE A 1 77  ? -1.474  5.019   -0.629  1.000 18.032 ? 74  PHE A CZ  1 ? 
ATOM   618  N  N   . SER A 1 78  ? -1.337  9.417   -6.220  1.000 13.282 ? 75  SER A N   1 ? 
ATOM   619  C  CA  . SER A 1 78  ? -1.188  10.048  -7.539  1.000 15.059 ? 75  SER A CA  1 ? 
ATOM   620  C  C   . SER A 1 78  ? -2.118  9.376   -8.558  1.000 15.100 ? 75  SER A C   1 ? 
ATOM   621  O  O   . SER A 1 78  ? -2.936  10.095  -9.245  1.000 16.542 ? 75  SER A O   1 ? 
ATOM   622  C  CB  . SER A 1 78  ? 0.262   9.962   -7.908  1.000 13.418 ? 75  SER A CB  1 ? 
ATOM   623  O  OG  . SER A 1 78  ? 0.670   8.600   -8.038  1.000 14.894 ? 75  SER A OG  1 ? 
ATOM   624  N  N   . PHE A 1 79  ? -2.057  8.041   -8.628  1.000 15.781 ? 76  PHE A N   1 ? 
ATOM   625  C  CA  . PHE A 1 79  ? -2.745  7.242   -9.674  1.000 14.826 ? 76  PHE A CA  1 ? 
ATOM   626  C  C   . PHE A 1 79  ? -4.270  7.180   -9.427  1.000 14.114 ? 76  PHE A C   1 ? 
ATOM   627  O  O   . PHE A 1 79  ? -5.019  6.897   -10.381 1.000 14.990 ? 76  PHE A O   1 ? 
ATOM   628  C  CB  . PHE A 1 79  ? -2.088  5.870   -9.829  1.000 15.198 ? 76  PHE A CB  1 ? 
ATOM   629  C  CG  . PHE A 1 79  ? -2.219  5.002   -8.612  1.000 15.320 ? 76  PHE A CG  1 ? 
ATOM   630  C  CD1 . PHE A 1 79  ? -1.233  5.032   -7.635  1.000 14.052 ? 76  PHE A CD1 1 ? 
ATOM   631  C  CD2 . PHE A 1 79  ? -3.315  4.168   -8.434  1.000 15.553 ? 76  PHE A CD2 1 ? 
ATOM   632  C  CE1 . PHE A 1 79  ? -1.358  4.248   -6.508  1.000 13.676 ? 76  PHE A CE1 1 ? 
ATOM   633  C  CE2 . PHE A 1 79  ? -3.426  3.400   -7.283  1.000 15.066 ? 76  PHE A CE2 1 ? 
ATOM   634  C  CZ  . PHE A 1 79  ? -2.443  3.444   -6.334  1.000 13.609 ? 76  PHE A CZ  1 ? 
ATOM   635  N  N   . TRP A 1 80  ? -4.754  7.519   -8.226  1.000 12.580 ? 77  TRP A N   1 ? 
ATOM   636  C  CA  . TRP A 1 80  ? -6.212  7.534   -7.966  1.000 13.259 ? 77  TRP A CA  1 ? 
ATOM   637  C  C   . TRP A 1 80  ? -6.639  8.849   -7.316  1.000 12.564 ? 77  TRP A C   1 ? 
ATOM   638  O  O   . TRP A 1 80  ? -7.645  8.854   -6.584  1.000 12.656 ? 77  TRP A O   1 ? 
ATOM   639  C  CB  . TRP A 1 80  ? -6.613  6.311   -7.125  1.000 13.701 ? 77  TRP A CB  1 ? 
ATOM   640  C  CG  . TRP A 1 80  ? -8.034  5.916   -7.368  1.000 13.598 ? 77  TRP A CG  1 ? 
ATOM   641  C  CD1 . TRP A 1 80  ? -9.080  6.008   -6.500  1.000 15.075 ? 77  TRP A CD1 1 ? 
ATOM   642  C  CD2 . TRP A 1 80  ? -8.582  5.415   -8.605  1.000 14.885 ? 77  TRP A CD2 1 ? 
ATOM   643  N  NE1 . TRP A 1 80  ? -10.234 5.572   -7.098  1.000 15.851 ? 77  TRP A NE1 1 ? 
ATOM   644  C  CE2 . TRP A 1 80  ? -9.965  5.216   -8.390  1.000 15.551 ? 77  TRP A CE2 1 ? 
ATOM   645  C  CE3 . TRP A 1 80  ? -8.044  5.098   -9.857  1.000 16.324 ? 77  TRP A CE3 1 ? 
ATOM   646  C  CZ2 . TRP A 1 80  ? -10.803 4.709   -9.374  1.000 16.245 ? 77  TRP A CZ2 1 ? 
ATOM   647  C  CZ3 . TRP A 1 80  ? -8.871  4.577   -10.825 1.000 15.917 ? 77  TRP A CZ3 1 ? 
ATOM   648  C  CH2 . TRP A 1 80  ? -10.240 4.410   -10.592 1.000 16.224 ? 77  TRP A CH2 1 ? 
ATOM   649  N  N   . PHE A 1 81  ? -5.912  9.931   -7.593  1.000 14.160 ? 78  PHE A N   1 ? 
ATOM   650  C  CA  . PHE A 1 81  ? -5.937  11.162  -6.766  1.000 15.247 ? 78  PHE A CA  1 ? 
ATOM   651  C  C   . PHE A 1 81  ? -7.333  11.789  -6.761  1.000 15.826 ? 78  PHE A C   1 ? 
ATOM   652  O  O   . PHE A 1 81  ? -7.810  12.241  -7.814  1.000 16.161 ? 78  PHE A O   1 ? 
ATOM   653  C  CB  . PHE A 1 81  ? -4.900  12.185  -7.207  1.000 18.162 ? 78  PHE A CB  1 ? 
ATOM   654  C  CG  . PHE A 1 81  ? -4.648  13.200  -6.123  1.000 21.527 ? 78  PHE A CG  1 ? 
ATOM   655  C  CD1 . PHE A 1 81  ? -4.061  12.800  -4.936  1.000 24.951 ? 78  PHE A CD1 1 ? 
ATOM   656  C  CD2 . PHE A 1 81  ? -5.041  14.524  -6.272  1.000 26.619 ? 78  PHE A CD2 1 ? 
ATOM   657  C  CE1 . PHE A 1 81  ? -3.821  13.716  -3.926  1.000 29.344 ? 78  PHE A CE1 1 ? 
ATOM   658  C  CE2 . PHE A 1 81  ? -4.816  15.436  -5.252  1.000 25.208 ? 78  PHE A CE2 1 ? 
ATOM   659  C  CZ  . PHE A 1 81  ? -4.207  15.028  -4.091  1.000 29.003 ? 78  PHE A CZ  1 ? 
ATOM   660  N  N   . LEU A 1 82  ? -7.974  11.734  -5.599  1.000 15.524 ? 79  LEU A N   1 ? 
ATOM   661  C  CA  . LEU A 1 82  ? -9.323  12.285  -5.300  1.000 15.893 ? 79  LEU A CA  1 ? 
ATOM   662  C  C   . LEU A 1 82  ? -10.396 11.668  -6.208  1.000 16.328 ? 79  LEU A C   1 ? 
ATOM   663  O  O   . LEU A 1 82  ? -11.402 12.298  -6.406  1.000 16.188 ? 79  LEU A O   1 ? 
ATOM   664  C  CB  . LEU A 1 82  ? -9.235  13.815  -5.392  1.000 16.435 ? 79  LEU A CB  1 ? 
ATOM   665  C  CG  . LEU A 1 82  ? -8.342  14.477  -4.331  1.000 18.081 ? 79  LEU A CG  1 ? 
ATOM   666  C  CD1 . LEU A 1 82  ? -8.354  15.991  -4.467  1.000 18.134 ? 79  LEU A CD1 1 ? 
ATOM   667  C  CD2 . LEU A 1 82  ? -8.752  14.090  -2.928  1.000 18.863 ? 79  LEU A CD2 1 ? 
ATOM   668  N  N   . LYS A 1 83  ? -10.247 10.429  -6.673  1.000 17.057 ? 80  LYS A N   1 ? 
ATOM   669  C  CA  . LYS A 1 83  ? -11.183 9.878   -7.700  1.000 18.617 ? 80  LYS A CA  1 ? 
ATOM   670  C  C   . LYS A 1 83  ? -12.380 9.189   -7.036  1.000 18.722 ? 80  LYS A C   1 ? 
ATOM   671  O  O   . LYS A 1 83  ? -13.482 9.223   -7.609  1.000 22.496 ? 80  LYS A O   1 ? 
ATOM   672  C  CB  . LYS A 1 83  ? -10.478 8.913   -8.651  1.000 19.474 ? 80  LYS A CB  1 ? 
ATOM   673  C  CG  . LYS A 1 83  ? -9.500  9.594   -9.593  1.000 20.914 ? 80  LYS A CG  1 ? 
ATOM   674  C  CD  . LYS A 1 83  ? -8.746  8.600   -10.462 1.000 23.793 ? 80  LYS A CD  1 ? 
ATOM   675  C  CE  . LYS A 1 83  ? -7.562  9.210   -11.184 1.000 25.115 ? 80  LYS A CE  1 ? 
ATOM   676  N  NZ  . LYS A 1 83  ? -7.998  10.104  -12.284 1.000 27.910 ? 80  LYS A NZ  1 ? 
ATOM   677  N  N   . SER A 1 84  ? -12.184 8.551   -5.894  1.000 17.604 ? 81  SER A N   1 ? 
ATOM   678  C  CA  . SER A 1 84  ? -13.254 7.827   -5.157  1.000 17.938 ? 81  SER A CA  1 ? 
ATOM   679  C  C   . SER A 1 84  ? -12.754 7.554   -3.739  1.000 18.103 ? 81  SER A C   1 ? 
ATOM   680  O  O   . SER A 1 84  ? -11.522 7.621   -3.517  1.000 17.845 ? 81  SER A O   1 ? 
ATOM   681  C  CB  . SER A 1 84  ? -13.656 6.538   -5.862  1.000 17.689 ? 81  SER A CB  1 ? 
ATOM   682  O  OG  . SER A 1 84  ? -12.723 5.469   -5.590  1.000 18.416 ? 81  SER A OG  1 ? 
ATOM   683  N  N   . GLY A 1 85  ? -13.650 7.151   -2.844  1.000 15.959 ? 82  GLY A N   1 ? 
ATOM   684  C  CA  . GLY A 1 85  ? -13.260 6.874   -1.454  1.000 15.401 ? 82  GLY A CA  1 ? 
ATOM   685  C  C   . GLY A 1 85  ? -12.817 5.439   -1.198  1.000 14.741 ? 82  GLY A C   1 ? 
ATOM   686  O  O   . GLY A 1 85  ? -12.755 5.059   0.016   1.000 16.028 ? 82  GLY A O   1 ? 
ATOM   687  N  N   . ALA A 1 86  ? -12.509 4.659   -2.232  1.000 12.935 ? 83  ALA A N   1 ? 
ATOM   688  C  CA  . ALA A 1 86  ? -12.115 3.244   -2.072  1.000 13.052 ? 83  ALA A CA  1 ? 
ATOM   689  C  C   . ALA A 1 86  ? -10.865 3.165   -1.186  1.000 12.393 ? 83  ALA A C   1 ? 
ATOM   690  O  O   . ALA A 1 86  ? -9.898  3.936   -1.379  1.000 12.790 ? 83  ALA A O   1 ? 
ATOM   691  C  CB  . ALA A 1 86  ? -11.817 2.563   -3.380  1.000 12.410 ? 83  ALA A CB  1 ? 
ATOM   692  N  N   . VAL A 1 87  ? -10.822 2.142   -0.351  1.000 13.832 ? 84  VAL A N   1 ? 
ATOM   693  C  CA  . VAL A 1 87  ? -9.631  1.817   0.475   1.000 13.144 ? 84  VAL A CA  1 ? 
ATOM   694  C  C   . VAL A 1 87  ? -8.965  0.566   -0.101  1.000 13.318 ? 84  VAL A C   1 ? 
ATOM   695  O  O   . VAL A 1 87  ? -9.582  -0.171  -0.904  1.000 14.528 ? 84  VAL A O   1 ? 
ATOM   696  C  CB  . VAL A 1 87  ? -9.999  1.621   1.958   1.000 14.022 ? 84  VAL A CB  1 ? 
ATOM   697  C  CG1 . VAL A 1 87  ? -10.548 2.899   2.581   1.000 14.491 ? 84  VAL A CG1 1 ? 
ATOM   698  C  CG2 . VAL A 1 87  ? -10.981 0.460   2.158   1.000 14.269 ? 84  VAL A CG2 1 ? 
ATOM   699  N  N   . VAL A 1 88  ? -7.729  0.327   0.328   1.000 12.973 ? 85  VAL A N   1 ? 
ATOM   700  C  CA  . VAL A 1 88  ? -6.939  -0.786  -0.243  1.000 12.941 ? 85  VAL A CA  1 ? 
ATOM   701  C  C   . VAL A 1 88  ? -7.678  -2.139  -0.069  1.000 13.026 ? 85  VAL A C   1 ? 
ATOM   702  O  O   . VAL A 1 88  ? -7.632  -2.964  -0.983  1.000 13.015 ? 85  VAL A O   1 ? 
ATOM   703  C  CB  . VAL A 1 88  ? -5.521  -0.753  0.336   1.000 13.295 ? 85  VAL A CB  1 ? 
ATOM   704  C  CG1 . VAL A 1 88  ? -4.755  -2.005  -0.071  1.000 13.864 ? 85  VAL A CG1 1 ? 
ATOM   705  C  CG2 . VAL A 1 88  ? -4.785  0.488   -0.144  1.000 14.449 ? 85  VAL A CG2 1 ? 
ATOM   706  N  N   . LYS A 1 89  ? -8.375  -2.367  1.037   1.000 13.272 ? 86  LYS A N   1 ? 
ATOM   707  C  CA  . LYS A 1 89  ? -9.076  -3.645  1.279   1.000 13.952 ? 86  LYS A CA  1 ? 
ATOM   708  C  C   . LYS A 1 89  ? -10.161 -3.867  0.204   1.000 15.401 ? 86  LYS A C   1 ? 
ATOM   709  O  O   . LYS A 1 89  ? -10.483 -5.032  -0.066  1.000 16.530 ? 86  LYS A O   1 ? 
ATOM   710  C  CB  . LYS A 1 89  ? -9.669  -3.684  2.689   1.000 14.628 ? 86  LYS A CB  1 ? 
ATOM   711  C  CG  . LYS A 1 89  ? -10.144 -5.071  3.107   1.000 14.784 ? 86  LYS A CG  1 ? 
ATOM   712  C  CD  . LYS A 1 89  ? -10.571 -5.186  4.542   1.000 17.027 ? 86  LYS A CD  1 ? 
ATOM   713  C  CE  . LYS A 1 89  ? -11.077 -6.565  4.926   1.000 18.557 ? 86  LYS A CE  1 ? 
ATOM   714  N  NZ  . LYS A 1 89  ? -12.359 -6.931  4.274   1.000 20.621 ? 86  LYS A NZ  1 ? 
ATOM   715  N  N   . SER A 1 90  ? -10.699 -2.821  -0.410  1.000 15.993 ? 87  SER A N   1 ? 
ATOM   716  C  CA  . SER A 1 90  ? -11.752 -2.959  -1.461  1.000 16.049 ? 87  SER A CA  1 ? 
ATOM   717  C  C   . SER A 1 90  ? -11.196 -3.719  -2.671  1.000 16.803 ? 87  SER A C   1 ? 
ATOM   718  O  O   . SER A 1 90  ? -11.950 -4.518  -3.269  1.000 17.208 ? 87  SER A O   1 ? 
ATOM   719  C  CB  . SER A 1 90  ? -12.349 -1.655  -1.895  1.000 16.811 ? 87  SER A CB  1 ? 
ATOM   720  O  OG  . SER A 1 90  ? -11.470 -0.875  -2.690  1.000 18.366 ? 87  SER A OG  1 ? 
ATOM   721  N  N   . VAL A 1 91  ? -9.918  -3.511  -3.004  1.000 15.967 ? 88  VAL A N   1 ? 
ATOM   722  C  CA  . VAL A 1 91  ? -9.246  -4.278  -4.091  1.000 15.844 ? 88  VAL A CA  1 ? 
ATOM   723  C  C   . VAL A 1 91  ? -8.959  -5.686  -3.582  1.000 16.791 ? 88  VAL A C   1 ? 
ATOM   724  O  O   . VAL A 1 91  ? -9.221  -6.638  -4.350  1.000 16.917 ? 88  VAL A O   1 ? 
ATOM   725  C  CB  . VAL A 1 91  ? -7.977  -3.556  -4.566  1.000 15.994 ? 88  VAL A CB  1 ? 
ATOM   726  C  CG1 . VAL A 1 91  ? -7.038  -4.452  -5.375  1.000 16.088 ? 88  VAL A CG1 1 ? 
ATOM   727  C  CG2 . VAL A 1 91  ? -8.330  -2.275  -5.293  1.000 16.660 ? 88  VAL A CG2 1 ? 
ATOM   728  N  N   . TYR A 1 92  ? -8.422  -5.818  -2.355  1.000 14.034 ? 89  TYR A N   1 ? 
ATOM   729  C  CA  . TYR A 1 92  ? -8.131  -7.119  -1.731  1.000 15.089 ? 89  TYR A CA  1 ? 
ATOM   730  C  C   . TYR A 1 92  ? -9.376  -7.999  -1.824  1.000 15.322 ? 89  TYR A C   1 ? 
ATOM   731  O  O   . TYR A 1 92  ? -9.281  -9.186  -2.159  1.000 16.370 ? 89  TYR A O   1 ? 
ATOM   732  C  CB  . TYR A 1 92  ? -7.674  -6.941  -0.273  1.000 14.788 ? 89  TYR A CB  1 ? 
ATOM   733  C  CG  . TYR A 1 92  ? -7.598  -8.215  0.514   1.000 14.610 ? 89  TYR A CG  1 ? 
ATOM   734  C  CD1 . TYR A 1 92  ? -6.473  -9.017  0.457   1.000 15.749 ? 89  TYR A CD1 1 ? 
ATOM   735  C  CD2 . TYR A 1 92  ? -8.645  -8.631  1.324   1.000 14.505 ? 89  TYR A CD2 1 ? 
ATOM   736  C  CE1 . TYR A 1 92  ? -6.384  -10.192 1.195   1.000 18.230 ? 89  TYR A CE1 1 ? 
ATOM   737  C  CE2 . TYR A 1 92  ? -8.555  -9.781  2.095   1.000 17.430 ? 89  TYR A CE2 1 ? 
ATOM   738  C  CZ  . TYR A 1 92  ? -7.451  -10.596 1.981   1.000 17.075 ? 89  TYR A CZ  1 ? 
ATOM   739  O  OH  . TYR A 1 92  ? -7.413  -11.750 2.699   1.000 22.367 ? 89  TYR A OH  1 ? 
ATOM   740  N  N   . ASN A 1 93  ? -10.525 -7.437  -1.496  1.000 17.361 ? 90  ASN A N   1 ? 
ATOM   741  C  CA  . ASN A 1 93  ? -11.760 -8.231  -1.297  1.000 18.005 ? 90  ASN A CA  1 ? 
ATOM   742  C  C   . ASN A 1 93  ? -12.190 -8.853  -2.623  1.000 20.120 ? 90  ASN A C   1 ? 
ATOM   743  O  O   . ASN A 1 93  ? -12.871 -9.846  -2.560  1.000 21.564 ? 90  ASN A O   1 ? 
ATOM   744  C  CB  . ASN A 1 93  ? -12.957 -7.408  -0.830  1.000 18.574 ? 90  ASN A CB  1 ? 
ATOM   745  C  CG  . ASN A 1 93  ? -12.893 -6.954  0.600   1.000 17.015 ? 90  ASN A CG  1 ? 
ATOM   746  O  OD1 . ASN A 1 93  ? -12.251 -7.570  1.455   1.000 19.546 ? 90  ASN A OD1 1 ? 
ATOM   747  N  ND2 . ASN A 1 93  ? -13.600 -5.867  0.854   1.000 16.345 ? 90  ASN A ND2 1 ? 
ATOM   748  N  N   . LYS A 1 94  ? -11.813 -8.278  -3.756  1.000 20.344 ? 91  LYS A N   1 ? 
ATOM   749  C  CA  . LYS A 1 94  ? -12.209 -8.801  -5.083  1.000 23.188 ? 91  LYS A CA  1 ? 
ATOM   750  C  C   . LYS A 1 94  ? -11.104 -9.591  -5.782  1.000 20.630 ? 91  LYS A C   1 ? 
ATOM   751  O  O   . LYS A 1 94  ? -11.362 -9.977  -6.940  1.000 24.687 ? 91  LYS A O   1 ? 
ATOM   752  C  CB  . LYS A 1 94  ? -12.700 -7.633  -5.935  1.000 25.544 ? 91  LYS A CB  1 ? 
ATOM   753  C  CG  . LYS A 1 94  ? -14.094 -7.214  -5.503  1.000 28.842 ? 91  LYS A CG  1 ? 
ATOM   754  C  CD  . LYS A 1 94  ? -14.515 -5.873  -5.997  1.000 33.716 ? 91  LYS A CD  1 ? 
ATOM   755  C  CE  . LYS A 1 94  ? -16.006 -5.667  -5.799  1.000 38.484 ? 91  LYS A CE  1 ? 
ATOM   756  N  NZ  . LYS A 1 94  ? -16.786 -6.360  -6.855  1.000 39.226 ? 91  LYS A NZ  1 ? 
ATOM   757  N  N   . LEU A 1 95  ? -9.956  -9.849  -5.143  1.000 19.012 ? 92  LEU A N   1 ? 
ATOM   758  C  CA  . LEU A 1 95  ? -8.938  -10.773 -5.706  1.000 18.754 ? 92  LEU A CA  1 ? 
ATOM   759  C  C   . LEU A 1 95  ? -9.349  -12.220 -5.398  1.000 18.886 ? 92  LEU A C   1 ? 
ATOM   760  O  O   . LEU A 1 95  ? -10.130 -12.473 -4.458  1.000 18.060 ? 92  LEU A O   1 ? 
ATOM   761  C  CB  . LEU A 1 95  ? -7.549  -10.428 -5.149  1.000 17.566 ? 92  LEU A CB  1 ? 
ATOM   762  C  CG  . LEU A 1 95  ? -7.086  -8.996  -5.409  1.000 17.511 ? 92  LEU A CG  1 ? 
ATOM   763  C  CD1 . LEU A 1 95  ? -5.787  -8.713  -4.684  1.000 17.421 ? 92  LEU A CD1 1 ? 
ATOM   764  C  CD2 . LEU A 1 95  ? -6.964  -8.738  -6.902  1.000 19.060 ? 92  LEU A CD2 1 ? 
ATOM   765  N  N   . ASP A 1 96  ? -8.868  -13.169 -6.176  1.000 20.372 ? 93  ASP A N   1 ? 
ATOM   766  C  CA  . ASP A 1 96  ? -9.027  -14.592 -5.796  1.000 22.213 ? 93  ASP A CA  1 ? 
ATOM   767  C  C   . ASP A 1 96  ? -8.044  -14.895 -4.654  1.000 22.971 ? 93  ASP A C   1 ? 
ATOM   768  O  O   . ASP A 1 96  ? -7.184  -14.034 -4.290  1.000 19.497 ? 93  ASP A O   1 ? 
ATOM   769  C  CB  . ASP A 1 96  ? -8.965  -15.502 -7.035  1.000 24.818 ? 93  ASP A CB  1 ? 
ATOM   770  C  CG  . ASP A 1 96  ? -7.583  -15.707 -7.626  1.000 28.961 ? 93  ASP A CG  1 ? 
ATOM   771  O  OD1 . ASP A 1 96  ? -6.593  -15.520 -6.884  1.000 26.678 ? 93  ASP A OD1 1 ? 
ATOM   772  O  OD2 . ASP A 1 96  ? -7.510  -16.082 -8.837  1.000 32.304 ? 93  ASP A OD2 1 ? 
ATOM   773  N  N   . ASP A 1 97  ? -8.160  -16.089 -4.081  1.000 25.696 ? 94  ASP A N   1 ? 
ATOM   774  C  CA  . ASP A 1 97  ? -7.350  -16.532 -2.922  1.000 26.752 ? 94  ASP A CA  1 ? 
ATOM   775  C  C   . ASP A 1 97  ? -5.868  -16.414 -3.237  1.000 22.655 ? 94  ASP A C   1 ? 
ATOM   776  O  O   . ASP A 1 97  ? -5.107  -16.008 -2.353  1.000 23.331 ? 94  ASP A O   1 ? 
ATOM   777  C  CB  . ASP A 1 97  ? -7.697  -17.965 -2.532  1.000 32.988 ? 94  ASP A CB  1 ? 
ATOM   778  C  CG  . ASP A 1 97  ? -9.069  -18.013 -1.899  1.000 41.734 ? 94  ASP A CG  1 ? 
ATOM   779  O  OD1 . ASP A 1 97  ? -9.248  -17.309 -0.877  1.000 47.718 ? 94  ASP A OD1 1 ? 
ATOM   780  O  OD2 . ASP A 1 97  ? -9.958  -18.710 -2.458  1.000 51.782 ? 94  ASP A OD2 1 ? 
ATOM   781  N  N   . VAL A 1 98  ? -5.463  -16.805 -4.425  1.000 20.630 ? 95  VAL A N   1 ? 
ATOM   782  C  CA  . VAL A 1 98  ? -4.022  -16.811 -4.779  1.000 22.055 ? 95  VAL A CA  1 ? 
ATOM   783  C  C   . VAL A 1 98  ? -3.570  -15.365 -4.905  1.000 21.822 ? 95  VAL A C   1 ? 
ATOM   784  O  O   . VAL A 1 98  ? -2.490  -15.017 -4.365  1.000 21.901 ? 95  VAL A O   1 ? 
ATOM   785  C  CB  . VAL A 1 98  ? -3.735  -17.590 -6.069  1.000 23.085 ? 95  VAL A CB  1 ? 
ATOM   786  C  CG1 . VAL A 1 98  ? -2.343  -17.292 -6.594  1.000 24.278 ? 95  VAL A CG1 1 ? 
ATOM   787  C  CG2 . VAL A 1 98  ? -3.927  -19.068 -5.826  1.000 23.084 ? 95  VAL A CG2 1 ? 
ATOM   788  N  N   . GLU A 1 99  ? -4.331  -14.569 -5.639  1.000 19.447 ? 96  GLU A N   1 ? 
ATOM   789  C  CA  . GLU A 1 99  ? -3.979  -13.153 -5.886  1.000 22.076 ? 96  GLU A CA  1 ? 
ATOM   790  C  C   . GLU A 1 99  ? -3.983  -12.402 -4.563  1.000 18.280 ? 96  GLU A C   1 ? 
ATOM   791  O  O   . GLU A 1 99  ? -3.195  -11.501 -4.443  1.000 18.165 ? 96  GLU A O   1 ? 
ATOM   792  C  CB  . GLU A 1 99  ? -4.968  -12.476 -6.828  1.000 22.449 ? 96  GLU A CB  1 ? 
ATOM   793  C  CG  . GLU A 1 99  ? -4.892  -13.007 -8.233  1.000 26.685 ? 96  GLU A CG  1 ? 
ATOM   794  C  CD  . GLU A 1 99  ? -6.032  -12.576 -9.150  1.000 31.059 ? 96  GLU A CD  1 ? 
ATOM   795  O  OE1 . GLU A 1 99  ? -7.185  -12.284 -8.671  1.000 30.252 ? 96  GLU A OE1 1 ? 
ATOM   796  O  OE2 . GLU A 1 99  ? -5.768  -12.543 -10.364 1.000 35.386 ? 96  GLU A OE2 1 ? 
ATOM   797  N  N   . LYS A 1 100 ? -4.915  -12.739 -3.669  1.000 19.101 ? 97  LYS A N   1 ? 
ATOM   798  C  CA  . LYS A 1 100 ? -4.967  -12.161 -2.302  1.000 18.643 ? 97  LYS A CA  1 ? 
ATOM   799  C  C   . LYS A 1 100 ? -3.633  -12.337 -1.570  1.000 18.598 ? 97  LYS A C   1 ? 
ATOM   800  O  O   . LYS A 1 100 ? -3.174  -11.372 -0.973  1.000 16.613 ? 97  LYS A O   1 ? 
ATOM   801  C  CB  . LYS A 1 100 ? -6.086  -12.796 -1.480  1.000 18.490 ? 97  LYS A CB  1 ? 
ATOM   802  C  CG  . LYS A 1 100 ? -7.433  -12.137 -1.689  1.000 21.558 ? 97  LYS A CG  1 ? 
ATOM   803  C  CD  . LYS A 1 100 ? -8.523  -12.727 -0.822  1.000 23.833 ? 97  LYS A CD  1 ? 
ATOM   804  C  CE  . LYS A 1 100 ? -9.840  -12.006 -1.027  1.000 27.007 ? 97  LYS A CE  1 ? 
ATOM   805  N  NZ  . LYS A 1 100 ? -10.896 -12.610 -0.207  1.000 28.864 ? 97  LYS A NZ  1 ? 
ATOM   806  N  N   . GLU A 1 101 ? -3.049  -13.531 -1.585  1.000 17.950 ? 98  GLU A N   1 ? 
ATOM   807  C  CA  . GLU A 1 101 ? -1.803  -13.841 -0.843  1.000 19.837 ? 98  GLU A CA  1 ? 
ATOM   808  C  C   . GLU A 1 101 ? -0.676  -12.955 -1.365  1.000 19.686 ? 98  GLU A C   1 ? 
ATOM   809  O  O   . GLU A 1 101 ? 0.134   -12.445 -0.546  1.000 20.464 ? 98  GLU A O   1 ? 
ATOM   810  C  CB  . GLU A 1 101 ? -1.443  -15.320 -1.023  1.000 23.500 ? 98  GLU A CB  1 ? 
ATOM   811  C  CG  . GLU A 1 101 ? -2.401  -16.258 -0.306  1.000 24.537 ? 98  GLU A CG  1 ? 
ATOM   812  C  CD  . GLU A 1 101 ? -2.355  -16.173 1.202   1.000 28.332 ? 98  GLU A CD  1 ? 
ATOM   813  O  OE1 . GLU A 1 101 ? -1.230  -16.021 1.770   1.000 28.147 ? 98  GLU A OE1 1 ? 
ATOM   814  O  OE2 . GLU A 1 101 ? -3.444  -16.290 1.806   1.000 36.222 ? 98  GLU A OE2 1 ? 
ATOM   815  N  N   . LYS A 1 102 ? -0.635  -12.749 -2.687  1.000 18.985 ? 99  LYS A N   1 ? 
ATOM   816  C  CA  . LYS A 1 102 ? 0.438   -11.972 -3.320  1.000 17.671 ? 99  LYS A CA  1 ? 
ATOM   817  C  C   . LYS A 1 102 ? 0.254   -10.501 -2.930  1.000 17.631 ? 99  LYS A C   1 ? 
ATOM   818  O  O   . LYS A 1 102 ? 1.253   -9.823  -2.674  1.000 17.131 ? 99  LYS A O   1 ? 
ATOM   819  C  CB  . LYS A 1 102 ? 0.385   -12.160 -4.835  1.000 20.195 ? 99  LYS A CB  1 ? 
ATOM   820  C  CG  . LYS A 1 102 ? 1.652   -11.752 -5.546  1.000 22.213 ? 99  LYS A CG  1 ? 
ATOM   821  C  CD  . LYS A 1 102 ? 1.525   -11.691 -7.036  1.000 25.888 ? 99  LYS A CD  1 ? 
ATOM   822  C  CE  . LYS A 1 102 ? 2.789   -11.159 -7.689  1.000 27.985 ? 99  LYS A CE  1 ? 
ATOM   823  N  NZ  . LYS A 1 102 ? 2.740   -11.370 -9.154  1.000 33.102 ? 99  LYS A NZ  1 ? 
ATOM   824  N  N   . PHE A 1 103 ? -0.992  -10.028 -2.886  1.000 15.246 ? 100 PHE A N   1 ? 
ATOM   825  C  CA  . PHE A 1 103 ? -1.324  -8.609  -2.601  1.000 15.479 ? 100 PHE A CA  1 ? 
ATOM   826  C  C   . PHE A 1 103 ? -0.923  -8.304  -1.156  1.000 15.687 ? 100 PHE A C   1 ? 
ATOM   827  O  O   . PHE A 1 103 ? -0.325  -7.235  -0.872  1.000 16.365 ? 100 PHE A O   1 ? 
ATOM   828  C  CB  . PHE A 1 103 ? -2.810  -8.358  -2.840  1.000 15.253 ? 100 PHE A CB  1 ? 
ATOM   829  C  CG  . PHE A 1 103 ? -3.211  -6.909  -2.923  1.000 15.975 ? 100 PHE A CG  1 ? 
ATOM   830  C  CD1 . PHE A 1 103 ? -2.678  -6.085  -3.912  1.000 16.117 ? 100 PHE A CD1 1 ? 
ATOM   831  C  CD2 . PHE A 1 103 ? -4.147  -6.381  -2.043  1.000 15.774 ? 100 PHE A CD2 1 ? 
ATOM   832  C  CE1 . PHE A 1 103 ? -3.058  -4.753  -4.011  1.000 16.032 ? 100 PHE A CE1 1 ? 
ATOM   833  C  CE2 . PHE A 1 103 ? -4.550  -5.055  -2.162  1.000 16.019 ? 100 PHE A CE2 1 ? 
ATOM   834  C  CZ  . PHE A 1 103 ? -4.017  -4.253  -3.156  1.000 15.976 ? 100 PHE A CZ  1 ? 
ATOM   835  N  N   . VAL A 1 104 ? -1.297  -9.190  -0.252  1.000 14.309 ? 101 VAL A N   1 ? 
ATOM   836  C  CA  . VAL A 1 104 ? -0.892  -9.039  1.178   1.000 15.796 ? 101 VAL A CA  1 ? 
ATOM   837  C  C   . VAL A 1 104 ? 0.640   -8.914  1.273   1.000 16.250 ? 101 VAL A C   1 ? 
ATOM   838  O  O   . VAL A 1 104 ? 1.147   -7.993  1.967   1.000 16.139 ? 101 VAL A O   1 ? 
ATOM   839  C  CB  . VAL A 1 104 ? -1.425  -10.187 2.042   1.000 17.166 ? 101 VAL A CB  1 ? 
ATOM   840  C  CG1 . VAL A 1 104 ? -0.669  -10.243 3.344   1.000 17.176 ? 101 VAL A CG1 1 ? 
ATOM   841  C  CG2 . VAL A 1 104 ? -2.913  -10.022 2.312   1.000 17.539 ? 101 VAL A CG2 1 ? 
ATOM   842  N  N   . ALA A 1 105 ? 1.369   -9.823  0.635   1.000 14.734 ? 102 ALA A N   1 ? 
ATOM   843  C  CA  . ALA A 1 105 ? 2.850   -9.825  0.672   1.000 15.610 ? 102 ALA A CA  1 ? 
ATOM   844  C  C   . ALA A 1 105 ? 3.359   -8.517  0.069   1.000 14.536 ? 102 ALA A C   1 ? 
ATOM   845  O  O   . ALA A 1 105 ? 4.266   -7.918  0.631   1.000 14.313 ? 102 ALA A O   1 ? 
ATOM   846  C  CB  . ALA A 1 105 ? 3.386   -11.009 -0.076  1.000 15.297 ? 102 ALA A CB  1 ? 
ATOM   847  N  N   . THR A 1 106 ? 2.831   -8.110  -1.087  1.000 14.980 ? 103 THR A N   1 ? 
ATOM   848  C  CA  . THR A 1 106 ? 3.291   -6.865  -1.736  1.000 14.946 ? 103 THR A CA  1 ? 
ATOM   849  C  C   . THR A 1 106 ? 3.048   -5.668  -0.815  1.000 14.431 ? 103 THR A C   1 ? 
ATOM   850  O  O   . THR A 1 106 ? 3.951   -4.833  -0.666  1.000 15.432 ? 103 THR A O   1 ? 
ATOM   851  C  CB  . THR A 1 106 ? 2.530   -6.559  -3.032  1.000 16.227 ? 103 THR A CB  1 ? 
ATOM   852  O  OG1 . THR A 1 106 ? 2.695   -7.704  -3.864  1.000 17.367 ? 103 THR A OG1 1 ? 
ATOM   853  C  CG2 . THR A 1 106 ? 3.046   -5.310  -3.706  1.000 16.744 ? 103 THR A CG2 1 ? 
ATOM   854  N  N   . PHE A 1 107 ? 1.870   -5.577  -0.212  1.000 14.050 ? 104 PHE A N   1 ? 
ATOM   855  C  CA  . PHE A 1 107 ? 1.504   -4.412  0.625   1.000 14.262 ? 104 PHE A CA  1 ? 
ATOM   856  C  C   . PHE A 1 107 ? 2.373   -4.440  1.897   1.000 14.761 ? 104 PHE A C   1 ? 
ATOM   857  O  O   . PHE A 1 107 ? 2.952   -3.413  2.247   1.000 14.763 ? 104 PHE A O   1 ? 
ATOM   858  C  CB  . PHE A 1 107 ? 0.003   -4.416  0.895   1.000 14.634 ? 104 PHE A CB  1 ? 
ATOM   859  C  CG  . PHE A 1 107 ? -0.490  -3.184  1.605   1.000 16.414 ? 104 PHE A CG  1 ? 
ATOM   860  C  CD1 . PHE A 1 107 ? -0.680  -2.005  0.907   1.000 17.058 ? 104 PHE A CD1 1 ? 
ATOM   861  C  CD2 . PHE A 1 107 ? -0.790  -3.217  2.958   1.000 17.238 ? 104 PHE A CD2 1 ? 
ATOM   862  C  CE1 . PHE A 1 107 ? -1.154  -0.875  1.554   1.000 17.734 ? 104 PHE A CE1 1 ? 
ATOM   863  C  CE2 . PHE A 1 107 ? -1.281  -2.091  3.589   1.000 18.958 ? 104 PHE A CE2 1 ? 
ATOM   864  C  CZ  . PHE A 1 107 ? -1.446  -0.929  2.889   1.000 17.356 ? 104 PHE A CZ  1 ? 
ATOM   865  N  N   . ARG A 1 108 ? 2.543   -5.600  2.527   1.000 15.252 ? 105 ARG A N   1 ? 
ATOM   866  C  CA  . ARG A 1 108 ? 3.423   -5.735  3.735   1.000 15.385 ? 105 ARG A CA  1 ? 
ATOM   867  C  C   . ARG A 1 108 ? 4.874   -5.378  3.376   1.000 15.590 ? 105 ARG A C   1 ? 
ATOM   868  O  O   . ARG A 1 108 ? 5.502   -4.589  4.107   1.000 15.301 ? 105 ARG A O   1 ? 
ATOM   869  C  CB  . ARG A 1 108 ? 3.397   -7.153  4.309   1.000 16.808 ? 105 ARG A CB  1 ? 
ATOM   870  C  CG  . ARG A 1 108 ? 4.309   -7.357  5.512   1.000 17.765 ? 105 ARG A CG  1 ? 
ATOM   871  C  CD  . ARG A 1 108 ? 4.415   -8.852  5.837   1.000 19.635 ? 105 ARG A CD  1 ? 
ATOM   872  N  NE  . ARG A 1 108 ? 4.929   -9.518  4.649   1.000 21.519 ? 105 ARG A NE  1 ? 
ATOM   873  C  CZ  . ARG A 1 108 ? 4.433   -10.595 4.055   1.000 21.675 ? 105 ARG A CZ  1 ? 
ATOM   874  N  NH1 . ARG A 1 108 ? 3.389   -11.253 4.552   1.000 23.117 ? 105 ARG A NH1 1 ? 
ATOM   875  N  NH2 . ARG A 1 108 ? 5.048   -11.059 2.986   1.000 22.932 ? 105 ARG A NH2 1 ? 
ATOM   876  N  N   . ASP A 1 109 ? 5.407   -5.916  2.292   1.000 16.355 ? 106 ASP A N   1 ? 
ATOM   877  C  CA  . ASP A 1 109 ? 6.837   -5.702  1.931   1.000 18.010 ? 106 ASP A CA  1 ? 
ATOM   878  C  C   . ASP A 1 109 ? 7.041   -4.221  1.572   1.000 18.506 ? 106 ASP A C   1 ? 
ATOM   879  O  O   . ASP A 1 109 ? 8.088   -3.662  1.913   1.000 18.345 ? 106 ASP A O   1 ? 
ATOM   880  C  CB  . ASP A 1 109 ? 7.285   -6.700  0.853   1.000 21.183 ? 106 ASP A CB  1 ? 
ATOM   881  C  CG  . ASP A 1 109 ? 7.318   -8.146  1.345   1.000 23.112 ? 106 ASP A CG  1 ? 
ATOM   882  O  OD1 . ASP A 1 109 ? 7.219   -8.360  2.587   1.000 25.888 ? 106 ASP A OD1 1 ? 
ATOM   883  O  OD2 . ASP A 1 109 ? 7.453   -9.058  0.480   1.000 28.623 ? 106 ASP A OD2 1 ? 
ATOM   884  N  N   . MET A 1 110 ? 6.055   -3.580  0.951   1.000 18.454 ? 107 MET A N   1 ? 
ATOM   885  C  CA  . MET A 1 110 ? 6.147   -2.131  0.668   1.000 20.050 ? 107 MET A CA  1 ? 
ATOM   886  C  C   . MET A 1 110 ? 6.254   -1.359  1.991   1.000 20.379 ? 107 MET A C   1 ? 
ATOM   887  O  O   . MET A 1 110 ? 7.179   -0.513  2.101   1.000 20.632 ? 107 MET A O   1 ? 
ATOM   888  C  CB  . MET A 1 110 ? 4.941   -1.654  -0.142  1.000 21.703 ? 107 MET A CB  1 ? 
ATOM   889  C  CG  . MET A 1 110 ? 5.138   -0.302  -0.761  1.000 22.866 ? 107 MET A CG  1 ? 
ATOM   890  S  SD  . MET A 1 110 ? 3.863   -0.044  -2.000  1.000 24.486 ? 107 MET A SD  1 ? 
ATOM   891  C  CE  . MET A 1 110 ? 2.425   -0.489  -1.025  1.000 25.656 ? 107 MET A CE  1 ? 
ATOM   892  N  N   . LEU A 1 111 ? 5.392   -1.646  2.972   1.000 17.358 ? 108 LEU A N   1 ? 
ATOM   893  C  CA  . LEU A 1 111 ? 5.367   -0.988  4.307   1.000 17.856 ? 108 LEU A CA  1 ? 
ATOM   894  C  C   . LEU A 1 111 ? 6.701   -1.223  5.036   1.000 19.191 ? 108 LEU A C   1 ? 
ATOM   895  O  O   . LEU A 1 111 ? 7.247   -0.268  5.625   1.000 19.943 ? 108 LEU A O   1 ? 
ATOM   896  C  CB  . LEU A 1 111 ? 4.211   -1.552  5.144   1.000 18.698 ? 108 LEU A CB  1 ? 
ATOM   897  C  CG  . LEU A 1 111 ? 2.800   -1.215  4.663   1.000 20.338 ? 108 LEU A CG  1 ? 
ATOM   898  C  CD1 . LEU A 1 111 ? 1.751   -1.762  5.626   1.000 20.151 ? 108 LEU A CD1 1 ? 
ATOM   899  C  CD2 . LEU A 1 111 ? 2.638   0.277   4.484   1.000 21.327 ? 108 LEU A CD2 1 ? 
ATOM   900  N  N   . LEU A 1 112 ? 7.245   -2.442  4.963   1.000 17.684 ? 109 LEU A N   1 ? 
ATOM   901  C  CA  . LEU A 1 112 ? 8.562   -2.746  5.570   1.000 18.188 ? 109 LEU A CA  1 ? 
ATOM   902  C  C   . LEU A 1 112 ? 9.658   -1.958  4.849   1.000 17.221 ? 109 LEU A C   1 ? 
ATOM   903  O  O   . LEU A 1 112 ? 10.509  -1.453  5.559   1.000 19.639 ? 109 LEU A O   1 ? 
ATOM   904  C  CB  . LEU A 1 112 ? 8.861   -4.237  5.476   1.000 16.573 ? 109 LEU A CB  1 ? 
ATOM   905  C  CG  . LEU A 1 112 ? 7.977   -5.135  6.322   1.000 19.762 ? 109 LEU A CG  1 ? 
ATOM   906  C  CD1 . LEU A 1 112 ? 8.121   -6.575  5.882   1.000 19.901 ? 109 LEU A CD1 1 ? 
ATOM   907  C  CD2 . LEU A 1 112 ? 8.333   -4.990  7.808   1.000 18.783 ? 109 LEU A CD2 1 ? 
ATOM   908  N  N   . ASN A 1 113 ? 9.653   -1.875  3.517   1.000 18.103 ? 110 ASN A N   1 ? 
ATOM   909  C  CA  . ASN A 1 113 ? 10.736  -1.172  2.781   1.000 21.018 ? 110 ASN A CA  1 ? 
ATOM   910  C  C   . ASN A 1 113 ? 10.642  0.320   3.110   1.000 23.309 ? 110 ASN A C   1 ? 
ATOM   911  O  O   . ASN A 1 113 ? 11.706  0.914   3.451   1.000 23.682 ? 110 ASN A O   1 ? 
ATOM   912  C  CB  . ASN A 1 113 ? 10.716  -1.419  1.274   1.000 22.932 ? 110 ASN A CB  1 ? 
ATOM   913  C  CG  . ASN A 1 113 ? 11.425  -2.679  0.837   1.000 24.120 ? 110 ASN A CG  1 ? 
ATOM   914  O  OD1 . ASN A 1 113 ? 12.432  -2.623  0.137   1.000 30.337 ? 110 ASN A OD1 1 ? 
ATOM   915  N  ND2 . ASN A 1 113 ? 10.867  -3.825  1.171   1.000 26.564 ? 110 ASN A ND2 1 ? 
ATOM   916  N  N   . VAL A 1 114 ? 9.420   0.887   3.092   1.000 25.493 ? 111 VAL A N   1 ? 
ATOM   917  C  CA  . VAL A 1 114 ? 9.194   2.312   3.475   1.000 27.568 ? 111 VAL A CA  1 ? 
ATOM   918  C  C   . VAL A 1 114 ? 9.743   2.515   4.894   1.000 27.207 ? 111 VAL A C   1 ? 
ATOM   919  O  O   . VAL A 1 114 ? 10.611  3.402   5.068   1.000 29.971 ? 111 VAL A O   1 ? 
ATOM   920  C  CB  . VAL A 1 114 ? 7.716   2.729   3.363   1.000 26.703 ? 111 VAL A CB  1 ? 
ATOM   921  C  CG1 . VAL A 1 114 ? 7.470   4.124   3.936   1.000 28.066 ? 111 VAL A CG1 1 ? 
ATOM   922  C  CG2 . VAL A 1 114 ? 7.247   2.649   1.923   1.000 27.193 ? 111 VAL A CG2 1 ? 
ATOM   923  N  N   . GLN A 1 115 ? 9.254   1.747   5.862   1.000 26.637 ? 112 GLN A N   1 ? 
ATOM   924  C  CA  . GLN A 1 115 ? 9.677   1.844   7.289   1.000 26.990 ? 112 GLN A CA  1 ? 
ATOM   925  C  C   . GLN A 1 115 ? 11.207  1.790   7.422   1.000 25.527 ? 112 GLN A C   1 ? 
ATOM   926  O  O   . GLN A 1 115 ? 11.743  2.558   8.211   1.000 28.208 ? 112 GLN A O   1 ? 
ATOM   927  C  CB  . GLN A 1 115 ? 9.078   0.721   8.116   1.000 27.592 ? 112 GLN A CB  1 ? 
ATOM   928  C  CG  . GLN A 1 115 ? 9.444   0.822   9.578   1.000 30.379 ? 112 GLN A CG  1 ? 
ATOM   929  C  CD  . GLN A 1 115 ? 8.747   -0.255  10.364  1.000 33.099 ? 112 GLN A CD  1 ? 
ATOM   930  O  OE1 . GLN A 1 115 ? 8.990   -1.444  10.164  1.000 36.270 ? 112 GLN A OE1 1 ? 
ATOM   931  N  NE2 . GLN A 1 115 ? 7.879   0.166   11.271  1.000 37.348 ? 112 GLN A NE2 1 ? 
ATOM   932  N  N   . THR A 1 116 ? 11.884  0.896   6.707   1.000 23.266 ? 113 THR A N   1 ? 
ATOM   933  C  CA  . THR A 1 116 ? 13.368  0.815   6.673   1.000 25.331 ? 113 THR A CA  1 ? 
ATOM   934  C  C   . THR A 1 116 ? 13.976  2.185   6.303   1.000 31.050 ? 113 THR A C   1 ? 
ATOM   935  O  O   . THR A 1 116 ? 15.192  2.315   6.501   1.000 29.605 ? 113 THR A O   1 ? 
ATOM   936  C  CB  . THR A 1 116 ? 13.799  -0.363  5.798   1.000 25.422 ? 113 THR A CB  1 ? 
ATOM   937  O  OG1 . THR A 1 116 ? 13.239  -1.500  6.469   1.000 22.401 ? 113 THR A OG1 1 ? 
ATOM   938  C  CG2 . THR A 1 116 ? 15.302  -0.480  5.626   1.000 28.549 ? 113 THR A CG2 1 ? 
ATOM   939  N  N   . LEU A 1 117 ? 13.179  3.184   5.878   1.000 36.469 ? 114 LEU A N   1 ? 
ATOM   940  C  CA  . LEU A 1 117 ? 13.664  4.518   5.384   1.000 36.633 ? 114 LEU A CA  1 ? 
ATOM   941  C  C   . LEU A 1 117 ? 13.327  5.662   6.353   1.000 38.228 ? 114 LEU A C   1 ? 
ATOM   942  O  O   . LEU A 1 117 ? 14.173  6.556   6.493   1.000 37.414 ? 114 LEU A O   1 ? 
ATOM   943  C  CB  . LEU A 1 117 ? 13.048  4.812   4.018   1.000 40.166 ? 114 LEU A CB  1 ? 
ATOM   944  C  CG  . LEU A 1 117 ? 13.386  3.829   2.894   1.000 39.800 ? 114 LEU A CG  1 ? 
ATOM   945  C  CD1 . LEU A 1 117 ? 12.386  3.986   1.754   1.000 39.970 ? 114 LEU A CD1 1 ? 
ATOM   946  C  CD2 . LEU A 1 117 ? 14.806  4.020   2.393   1.000 37.889 ? 114 LEU A CD2 1 ? 
ATOM   947  N  N   . ILE A 1 118 ? 12.145  5.662   6.980   1.000 35.442 ? 115 ILE A N   1 ? 
ATOM   948  C  CA  . ILE A 1 118 ? 11.822  6.572   8.124   1.000 41.433 ? 115 ILE A CA  1 ? 
ATOM   949  C  C   . ILE A 1 118 ? 12.879  6.357   9.226   1.000 38.094 ? 115 ILE A C   1 ? 
ATOM   950  O  O   . ILE A 1 118 ? 13.133  7.309   10.045  1.000 34.933 ? 115 ILE A O   1 ? 
ATOM   951  C  CB  . ILE A 1 118 ? 10.408  6.327   8.695   1.000 47.136 ? 115 ILE A CB  1 ? 
ATOM   952  C  CG1 . ILE A 1 118 ? 9.346   6.069   7.622   1.000 51.152 ? 115 ILE A CG1 1 ? 
ATOM   953  C  CG2 . ILE A 1 118 ? 10.009  7.473   9.627   1.000 52.028 ? 115 ILE A CG2 1 ? 
ATOM   954  C  CD1 . ILE A 1 118 ? 7.916   6.075   8.164   1.000 50.800 ? 115 ILE A CD1 1 ? 
ATOM   955  N  N   . SER A 1 119 ? 13.371  5.114   9.304   1.000 33.917 ? 116 SER A N   1 ? 
ATOM   956  C  CA  . SER A 1 119 ? 14.511  4.652   10.134  1.000 33.093 ? 116 SER A CA  1 ? 
ATOM   957  C  C   . SER A 1 119 ? 15.799  5.369   9.708   1.000 32.452 ? 116 SER A C   1 ? 
ATOM   958  O  O   . SER A 1 119 ? 16.427  6.014   10.575  1.000 30.724 ? 116 SER A O   1 ? 
ATOM   959  C  CB  . SER A 1 119 ? 14.662  3.160   10.038  1.000 34.574 ? 116 SER A CB  1 ? 
ATOM   960  O  OG  . SER A 1 119 ? 13.547  2.504   10.624  1.000 37.045 ? 116 SER A OG  1 ? 
ATOM   961  N  N   . LEU A 1 120 ? 16.193  5.253   8.439   1.000 31.580 ? 117 LEU A N   1 ? 
ATOM   962  C  CA  . LEU A 1 120 ? 17.462  5.851   7.937   1.000 33.010 ? 117 LEU A CA  1 ? 
ATOM   963  C  C   . LEU A 1 120 ? 17.433  7.369   8.111   1.000 35.373 ? 117 LEU A C   1 ? 
ATOM   964  O  O   . LEU A 1 120 ? 18.506  7.967   8.343   1.000 38.039 ? 117 LEU A O   1 ? 
ATOM   965  C  CB  . LEU A 1 120 ? 17.668  5.499   6.460   1.000 36.058 ? 117 LEU A CB  1 ? 
ATOM   966  C  CG  . LEU A 1 120 ? 18.097  4.062   6.205   1.000 36.507 ? 117 LEU A CG  1 ? 
ATOM   967  C  CD1 . LEU A 1 120 ? 18.040  3.735   4.720   1.000 38.297 ? 117 LEU A CD1 1 ? 
ATOM   968  C  CD2 . LEU A 1 120 ? 19.475  3.787   6.786   1.000 36.016 ? 117 LEU A CD2 1 ? 
ATOM   969  N  N   . ASN A 1 121 ? 16.245  7.968   8.014   1.000 33.589 ? 118 ASN A N   1 ? 
ATOM   970  C  CA  . ASN A 1 121 ? 16.050  9.439   8.074   1.000 30.154 ? 118 ASN A CA  1 ? 
ATOM   971  C  C   . ASN A 1 121 ? 16.178  9.953   9.509   1.000 29.050 ? 118 ASN A C   1 ? 
ATOM   972  O  O   . ASN A 1 121 ? 16.088  11.179  9.678   1.000 29.614 ? 118 ASN A O   1 ? 
ATOM   973  C  CB  . ASN A 1 121 ? 14.713  9.814   7.415   1.000 29.258 ? 118 ASN A CB  1 ? 
ATOM   974  C  CG  . ASN A 1 121 ? 14.772  9.591   5.920   1.000 29.710 ? 118 ASN A CG  1 ? 
ATOM   975  O  OD1 . ASN A 1 121 ? 15.807  9.152   5.411   1.000 31.594 ? 118 ASN A OD1 1 ? 
ATOM   976  N  ND2 . ASN A 1 121 ? 13.696  9.905   5.213   1.000 26.770 ? 118 ASN A ND2 1 ? 
ATOM   977  N  N   . SER A 1 122 ? 16.350  9.071   10.502  1.000 32.770 ? 119 SER A N   1 ? 
ATOM   978  C  CA  . SER A 1 122 ? 16.470  9.437   11.944  1.000 33.627 ? 119 SER A CA  1 ? 
ATOM   979  C  C   . SER A 1 122 ? 17.818  8.962   12.509  1.000 34.888 ? 119 SER A C   1 ? 
ATOM   980  O  O   . SER A 1 122 ? 17.903  8.756   13.731  1.000 37.739 ? 119 SER A O   1 ? 
ATOM   981  C  CB  . SER A 1 122 ? 15.304  8.875   12.722  1.000 34.575 ? 119 SER A CB  1 ? 
ATOM   982  O  OG  . SER A 1 122 ? 14.079  9.412   12.257  1.000 36.102 ? 119 SER A OG  1 ? 
ATOM   983  N  N   . MET A 1 123 ? 18.844  8.828   11.659  1.000 33.577 ? 120 MET A N   1 ? 
ATOM   984  C  CA  . MET A 1 123 ? 20.191  8.345   12.068  1.000 35.476 ? 120 MET A CA  1 ? 
ATOM   985  C  C   . MET A 1 123 ? 21.235  9.449   11.891  1.000 36.557 ? 120 MET A C   1 ? 
ATOM   986  O  O   . MET A 1 123 ? 21.294  10.061  10.803  1.000 37.831 ? 120 MET A O   1 ? 
ATOM   987  C  CB  . MET A 1 123 ? 20.600  7.128   11.240  1.000 38.692 ? 120 MET A CB  1 ? 
ATOM   988  C  CG  . MET A 1 123 ? 19.472  6.147   11.083  1.000 40.332 ? 120 MET A CG  1 ? 
ATOM   989  S  SD  . MET A 1 123 ? 20.051  4.495   10.701  1.000 40.787 ? 120 MET A SD  1 ? 
ATOM   990  C  CE  . MET A 1 123 ? 20.420  3.956   12.363  1.000 42.810 ? 120 MET A CE  1 ? 
ATOM   991  N  N   . TYR A 1 124 ? 22.040  9.657   12.934  1.000 37.576 ? 121 TYR A N   1 ? 
ATOM   992  C  CA  . TYR A 1 124 ? 23.022  10.764  13.095  1.000 41.011 ? 121 TYR A CA  1 ? 
ATOM   993  C  C   . TYR A 1 124 ? 24.311  10.202  13.721  1.000 39.054 ? 121 TYR A C   1 ? 
ATOM   994  O  O   . TYR A 1 124 ? 24.540  8.996   13.533  1.000 32.127 ? 121 TYR A O   1 ? 
ATOM   995  C  CB  . TYR A 1 124 ? 22.379  11.889  13.916  1.000 40.631 ? 121 TYR A CB  1 ? 
ATOM   996  C  CG  . TYR A 1 124 ? 21.184  12.487  13.220  1.000 43.354 ? 121 TYR A CG  1 ? 
ATOM   997  C  CD1 . TYR A 1 124 ? 21.349  13.243  12.072  1.000 46.686 ? 121 TYR A CD1 1 ? 
ATOM   998  C  CD2 . TYR A 1 124 ? 19.887  12.258  13.664  1.000 44.686 ? 121 TYR A CD2 1 ? 
ATOM   999  C  CE1 . TYR A 1 124 ? 20.265  13.770  11.390  1.000 46.662 ? 121 TYR A CE1 1 ? 
ATOM   1000 C  CE2 . TYR A 1 124 ? 18.790  12.778  12.996  1.000 42.598 ? 121 TYR A CE2 1 ? 
ATOM   1001 C  CZ  . TYR A 1 124 ? 18.983  13.538  11.855  1.000 44.219 ? 121 TYR A CZ  1 ? 
ATOM   1002 O  OH  . TYR A 1 124 ? 17.927  14.071  11.177  1.000 49.062 ? 121 TYR A OH  1 ? 
HETATM 1003 ZN ZN  . ZN  B 2 .   ? -6.907  -4.499  -17.526 0.550 27.823 ? 201 ZN  A ZN  1 ? 
HETATM 1004 ZN ZN  . ZN  C 2 .   ? 7.056   13.557  -7.363  1.000 17.692 ? 202 ZN  A ZN  1 ? 
HETATM 1005 O  O   . HOH D 3 .   ? 8.970   -1.739  -12.132 1.000 30.101 ? 301 HOH A O   1 ? 
HETATM 1006 O  O   . HOH D 3 .   ? 18.285  -3.838  -4.476  1.000 24.348 ? 302 HOH A O   1 ? 
HETATM 1007 O  O   . HOH D 3 .   ? 7.420   -9.197  15.167  1.000 37.567 ? 303 HOH A O   1 ? 
HETATM 1008 O  O   . HOH D 3 .   ? 2.884   5.132   15.565  1.000 32.460 ? 304 HOH A O   1 ? 
HETATM 1009 O  O   . HOH D 3 .   ? 3.445   12.061  -12.377 1.000 34.345 ? 305 HOH A O   1 ? 
HETATM 1010 O  O   . HOH D 3 .   ? -12.721 4.443   -17.446 1.000 38.934 ? 306 HOH A O   1 ? 
HETATM 1011 O  O   . HOH D 3 .   ? 3.406   12.013  -16.073 1.000 37.660 ? 307 HOH A O   1 ? 
HETATM 1012 O  O   . HOH D 3 .   ? -3.504  -12.028 14.507  1.000 33.961 ? 308 HOH A O   1 ? 
HETATM 1013 O  O   . HOH D 3 .   ? 0.622   -9.815  -9.783  1.000 34.940 ? 309 HOH A O   1 ? 
HETATM 1014 O  O   . HOH D 3 .   ? 19.371  -3.367  -7.685  1.000 22.595 ? 310 HOH A O   1 ? 
HETATM 1015 O  O   . HOH D 3 .   ? 6.536   -9.570  -1.802  1.000 28.276 ? 311 HOH A O   1 ? 
HETATM 1016 O  O   . HOH D 3 .   ? -5.657  4.564   -16.942 1.000 33.899 ? 312 HOH A O   1 ? 
HETATM 1017 O  O   . HOH D 3 .   ? -2.890  4.902   -15.745 1.000 34.280 ? 313 HOH A O   1 ? 
HETATM 1018 O  O   . HOH D 3 .   ? -2.691  12.562  -9.792  1.000 35.746 ? 314 HOH A O   1 ? 
HETATM 1019 O  O   . HOH D 3 .   ? -1.364  -16.449 7.331   1.000 52.075 ? 315 HOH A O   1 ? 
HETATM 1020 O  O   . HOH D 3 .   ? 6.159   9.449   9.000   1.000 38.661 ? 316 HOH A O   1 ? 
HETATM 1021 O  O   . HOH D 3 .   ? -5.224  -16.704 -9.860  1.000 38.963 ? 317 HOH A O   1 ? 
HETATM 1022 O  O   . HOH D 3 .   ? 19.333  10.396  8.627   1.000 45.242 ? 318 HOH A O   1 ? 
HETATM 1023 O  O   . HOH D 3 .   ? 16.430  7.686   3.359   1.000 29.090 ? 319 HOH A O   1 ? 
HETATM 1024 O  O   . HOH D 3 .   ? 7.968   -11.468 1.302   1.000 53.712 ? 320 HOH A O   1 ? 
HETATM 1025 O  O   . HOH D 3 .   ? 3.917   13.187  7.563   1.000 44.028 ? 321 HOH A O   1 ? 
HETATM 1026 O  O   . HOH D 3 .   ? 1.003   -0.343  18.405  1.000 44.384 ? 322 HOH A O   1 ? 
HETATM 1027 O  O   . HOH D 3 .   ? 7.707   3.733   -10.321 1.000 23.617 ? 323 HOH A O   1 ? 
HETATM 1028 O  O   . HOH D 3 .   ? 1.871   10.262  10.661  1.000 19.944 ? 324 HOH A O   1 ? 
HETATM 1029 O  O   . HOH D 3 .   ? -16.076 8.808   -7.441  1.000 25.946 ? 325 HOH A O   1 ? 
HETATM 1030 O  O   . HOH D 3 .   ? 0.399   -8.141  -5.834  1.000 20.921 ? 326 HOH A O   1 ? 
HETATM 1031 O  O   . HOH D 3 .   ? 15.119  1.236   -9.311  1.000 16.578 ? 327 HOH A O   1 ? 
HETATM 1032 O  O   . HOH D 3 .   ? -5.704  -16.106 0.456   1.000 37.688 ? 328 HOH A O   1 ? 
HETATM 1033 O  O   . HOH D 3 .   ? 4.899   -8.667  -4.951  1.000 53.632 ? 329 HOH A O   1 ? 
HETATM 1034 O  O   . HOH D 3 .   ? -2.880  -2.320  -14.306 1.000 27.832 ? 330 HOH A O   1 ? 
HETATM 1035 O  O   . HOH D 3 .   ? 2.713   -2.880  18.050  1.000 51.095 ? 331 HOH A O   1 ? 
HETATM 1036 O  O   . HOH D 3 .   ? 5.132   -10.816 14.958  1.000 44.854 ? 332 HOH A O   1 ? 
HETATM 1037 O  O   . HOH D 3 .   ? -12.577 -12.296 1.827   1.000 35.506 ? 333 HOH A O   1 ? 
HETATM 1038 O  O   . HOH D 3 .   ? 2.511   -6.276  -12.269 1.000 62.737 ? 334 HOH A O   1 ? 
HETATM 1039 O  O   . HOH D 3 .   ? 1.819   -13.604 4.252   1.000 27.737 ? 335 HOH A O   1 ? 
HETATM 1040 O  O   . HOH D 3 .   ? 4.094   2.422   -11.342 1.000 23.533 ? 336 HOH A O   1 ? 
HETATM 1041 O  O   . HOH D 3 .   ? 13.963  -1.336  -9.413  1.000 20.907 ? 337 HOH A O   1 ? 
HETATM 1042 O  O   . HOH D 3 .   ? 4.265   -7.290  13.755  1.000 54.426 ? 338 HOH A O   1 ? 
HETATM 1043 O  O   . HOH D 3 .   ? -1.952  -9.793  -6.131  1.000 16.621 ? 339 HOH A O   1 ? 
HETATM 1044 O  O   . HOH D 3 .   ? 1.556   -10.788 6.624   1.000 22.498 ? 340 HOH A O   1 ? 
HETATM 1045 O  O   . HOH D 3 .   ? 9.879   3.343   -12.279 1.000 28.460 ? 341 HOH A O   1 ? 
HETATM 1046 O  O   . HOH D 3 .   ? -9.926  6.659   -1.488  1.000 15.016 ? 342 HOH A O   1 ? 
HETATM 1047 O  O   . HOH D 3 .   ? -11.732 6.482   2.110   1.000 14.453 ? 343 HOH A O   1 ? 
HETATM 1048 O  O   . HOH D 3 .   ? 0.569   -13.824 1.780   1.000 28.852 ? 344 HOH A O   1 ? 
HETATM 1049 O  O   . HOH D 3 .   ? 15.318  13.239  11.312  1.000 31.887 ? 345 HOH A O   1 ? 
HETATM 1050 O  O   . HOH D 3 .   ? -12.092 -10.157 2.351   1.000 22.100 ? 346 HOH A O   1 ? 
HETATM 1051 O  O   . HOH D 3 .   ? 1.056   -16.982 0.592   1.000 33.969 ? 347 HOH A O   1 ? 
HETATM 1052 O  O   . HOH D 3 .   ? 4.686   16.465  -8.980  1.000 21.952 ? 348 HOH A O   1 ? 
HETATM 1053 O  O   . HOH D 3 .   ? 11.084  -5.958  -5.079  1.000 20.228 ? 349 HOH A O   1 ? 
HETATM 1054 O  O   . HOH D 3 .   ? -7.332  -7.872  12.129  1.000 21.814 ? 350 HOH A O   1 ? 
HETATM 1055 O  O   . HOH D 3 .   ? 8.367   -9.900  4.593   1.000 40.607 ? 351 HOH A O   1 ? 
HETATM 1056 O  O   . HOH D 3 .   ? -5.110  6.943   3.390   1.000 26.948 ? 352 HOH A O   1 ? 
HETATM 1057 O  O   . HOH D 3 .   ? 1.904   12.868  3.609   1.000 21.956 ? 353 HOH A O   1 ? 
HETATM 1058 O  O   . HOH D 3 .   ? -4.692  -4.285  -17.504 1.000 33.928 ? 354 HOH A O   1 ? 
HETATM 1059 O  O   . HOH D 3 .   ? 6.593   -4.489  -10.529 1.000 17.841 ? 355 HOH A O   1 ? 
HETATM 1060 O  O   . HOH D 3 .   ? -12.894 -12.138 -4.157  1.000 32.815 ? 356 HOH A O   1 ? 
HETATM 1061 O  O   . HOH D 3 .   ? -2.831  12.688  -0.530  1.000 13.642 ? 357 HOH A O   1 ? 
HETATM 1062 O  O   . HOH D 3 .   ? -14.456 3.102   1.106   1.000 18.834 ? 358 HOH A O   1 ? 
HETATM 1063 O  O   . HOH D 3 .   ? -10.610 -17.604 -4.962  1.000 25.316 ? 359 HOH A O   1 ? 
HETATM 1064 O  O   . HOH D 3 .   ? -0.404  -14.627 8.788   1.000 36.023 ? 360 HOH A O   1 ? 
HETATM 1065 O  O   . HOH D 3 .   ? -6.136  -8.178  -10.511 1.000 28.955 ? 361 HOH A O   1 ? 
HETATM 1066 O  O   . HOH D 3 .   ? -17.036 0.274   -6.014  1.000 34.858 ? 362 HOH A O   1 ? 
HETATM 1067 O  O   . HOH D 3 .   ? 0.914   -7.864  -11.746 1.000 51.915 ? 363 HOH A O   1 ? 
HETATM 1068 O  O   . HOH D 3 .   ? -1.996  11.888  -15.075 1.000 31.481 ? 364 HOH A O   1 ? 
HETATM 1069 O  O   . HOH D 3 .   ? -14.791 3.548   -5.305  1.000 19.828 ? 365 HOH A O   1 ? 
HETATM 1070 O  O   . HOH D 3 .   ? -2.421  1.729   20.310  1.000 54.095 ? 366 HOH A O   1 ? 
HETATM 1071 O  O   . HOH D 3 .   ? -1.106  12.351  -11.593 1.000 38.252 ? 367 HOH A O   1 ? 
HETATM 1072 O  O   . HOH D 3 .   ? -13.783 11.045  -9.777  1.000 24.279 ? 368 HOH A O   1 ? 
HETATM 1073 O  O   . HOH D 3 .   ? 2.904   -0.013  -12.295 1.000 20.944 ? 369 HOH A O   1 ? 
HETATM 1074 O  O   . HOH D 3 .   ? 18.769  0.268   -1.128  1.000 35.594 ? 370 HOH A O   1 ? 
HETATM 1075 O  O   . HOH D 3 .   ? 9.781   9.468   -7.869  1.000 18.392 ? 371 HOH A O   1 ? 
HETATM 1076 O  O   . HOH D 3 .   ? -9.734  4.752   5.504   1.000 24.149 ? 372 HOH A O   1 ? 
HETATM 1077 O  O   . HOH D 3 .   ? 27.324  8.390   13.165  1.000 40.171 ? 373 HOH A O   1 ? 
HETATM 1078 O  O   . HOH D 3 .   ? -16.470 7.206   -3.420  1.000 20.869 ? 374 HOH A O   1 ? 
HETATM 1079 O  O   . HOH D 3 .   ? -12.303 1.527   6.030   1.000 23.160 ? 375 HOH A O   1 ? 
HETATM 1080 O  O   . HOH D 3 .   ? 4.081   -4.124  -11.967 1.000 28.106 ? 376 HOH A O   1 ? 
HETATM 1081 O  O   . HOH D 3 .   ? -0.883  9.284   4.575   1.000 21.270 ? 377 HOH A O   1 ? 
HETATM 1082 O  O   . HOH D 3 .   ? 4.378   -12.544 7.841   1.000 43.726 ? 378 HOH A O   1 ? 
HETATM 1083 O  O   . HOH D 3 .   ? 6.999   8.682   -10.643 1.000 18.838 ? 379 HOH A O   1 ? 
HETATM 1084 O  O   . HOH D 3 .   ? 2.262   -14.285 7.094   1.000 32.771 ? 380 HOH A O   1 ? 
HETATM 1085 O  O   . HOH D 3 .   ? -6.478  1.958   -18.636 1.000 37.669 ? 381 HOH A O   1 ? 
HETATM 1086 O  O   . HOH D 3 .   ? 4.611   -13.928 2.492   1.000 28.989 ? 382 HOH A O   1 ? 
HETATM 1087 O  O   . HOH D 3 .   ? -9.083  -11.809 5.130   1.000 36.543 ? 383 HOH A O   1 ? 
HETATM 1088 O  O   . HOH D 3 .   ? -3.285  8.948   3.312   1.000 23.825 ? 384 HOH A O   1 ? 
HETATM 1089 O  O   . HOH D 3 .   ? -14.783 -4.375  -2.353  1.000 29.441 ? 385 HOH A O   1 ? 
HETATM 1090 O  O   . HOH D 3 .   ? 11.626  11.224  6.920   1.000 29.583 ? 386 HOH A O   1 ? 
HETATM 1091 O  O   . HOH D 3 .   ? -3.802  -13.903 10.199  1.000 32.101 ? 387 HOH A O   1 ? 
HETATM 1092 O  O   . HOH D 3 .   ? -13.903 -4.464  3.518   1.000 25.588 ? 388 HOH A O   1 ? 
HETATM 1093 O  O   . HOH D 3 .   ? 12.043  -6.234  -0.196  1.000 35.428 ? 389 HOH A O   1 ? 
HETATM 1094 O  O   . HOH D 3 .   ? -5.468  13.292  -1.857  1.000 29.169 ? 390 HOH A O   1 ? 
HETATM 1095 O  O   . HOH D 3 .   ? 6.042   10.962  -12.855 1.000 25.701 ? 391 HOH A O   1 ? 
HETATM 1096 O  O   . HOH D 3 .   ? -8.886  -1.818  -16.253 1.000 37.308 ? 392 HOH A O   1 ? 
HETATM 1097 O  O   . HOH D 3 .   ? -6.671  -10.010 16.975  1.000 28.871 ? 393 HOH A O   1 ? 
HETATM 1098 O  O   . HOH D 3 .   ? -11.808 -12.844 -7.998  1.000 29.673 ? 394 HOH A O   1 ? 
HETATM 1099 O  O   . HOH D 3 .   ? 7.982   13.702  -9.381  1.000 20.313 ? 395 HOH A O   1 ? 
HETATM 1100 O  O   . HOH D 3 .   ? -12.575 -0.851  -5.628  1.000 28.572 ? 396 HOH A O   1 ? 
HETATM 1101 O  O   . HOH D 3 .   ? -13.475 -0.771  4.749   1.000 32.080 ? 397 HOH A O   1 ? 
HETATM 1102 O  O   . HOH D 3 .   ? -13.677 0.828   -0.133  1.000 19.765 ? 398 HOH A O   1 ? 
HETATM 1103 O  O   . HOH D 3 .   ? -8.726  -8.808  8.974   1.000 34.488 ? 399 HOH A O   1 ? 
HETATM 1104 O  O   . HOH D 3 .   ? 6.987   16.950  1.369   1.000 34.697 ? 400 HOH A O   1 ? 
HETATM 1105 O  O   . HOH D 3 .   ? -5.703  -12.452 6.616   1.000 36.926 ? 401 HOH A O   1 ? 
HETATM 1106 O  O   . HOH D 3 .   ? 14.761  -4.779  -7.698  1.000 16.759 ? 402 HOH A O   1 ? 
HETATM 1107 O  O   . HOH D 3 .   ? 0.281   3.209   -14.179 1.000 34.657 ? 403 HOH A O   1 ? 
HETATM 1108 O  O   . HOH D 3 .   ? -4.906  -1.192  -15.828 1.000 36.448 ? 404 HOH A O   1 ? 
HETATM 1109 O  O   . HOH D 3 .   ? -15.796 3.502   -2.677  1.000 38.427 ? 405 HOH A O   1 ? 
HETATM 1110 O  O   . HOH D 3 .   ? -1.603  9.041   7.210   1.000 29.264 ? 406 HOH A O   1 ? 
HETATM 1111 O  O   . HOH D 3 .   ? -7.498  -19.056 -6.424  1.000 31.486 ? 407 HOH A O   1 ? 
HETATM 1112 O  O   . HOH D 3 .   ? 4.436   8.085   -14.873 1.000 45.883 ? 408 HOH A O   1 ? 
HETATM 1113 O  O   . HOH D 3 .   ? -2.990  -4.788  -15.711 1.000 35.170 ? 409 HOH A O   1 ? 
HETATM 1114 O  O   . HOH D 3 .   ? -3.202  -15.305 -10.409 1.000 37.462 ? 410 HOH A O   1 ? 
HETATM 1115 O  O   . HOH D 3 .   ? -5.535  4.060   18.456  1.000 45.080 ? 411 HOH A O   1 ? 
HETATM 1116 O  O   . HOH D 3 .   ? 7.198   14.620  -11.476 1.000 25.046 ? 412 HOH A O   1 ? 
HETATM 1117 O  O   . HOH D 3 .   ? 0.565   0.874   -13.713 1.000 29.805 ? 413 HOH A O   1 ? 
HETATM 1118 O  O   . HOH D 3 .   ? 4.479   -0.586  -14.123 1.000 41.025 ? 414 HOH A O   1 ? 
HETATM 1119 O  O   . HOH D 3 .   ? 5.240   15.021  5.155   1.000 43.175 ? 415 HOH A O   1 ? 
HETATM 1120 O  O   . HOH D 3 .   ? -0.661  -1.041  -15.154 1.000 34.930 ? 416 HOH A O   1 ? 
HETATM 1121 O  O   . HOH D 3 .   ? -15.037 0.664   -2.188  1.000 25.277 ? 417 HOH A O   1 ? 
HETATM 1122 O  O   . HOH D 3 .   ? 5.069   -15.844 12.222  1.000 31.784 ? 418 HOH A O   1 ? 
HETATM 1123 O  O   . HOH D 3 .   ? 6.513   -7.526  -9.325  1.000 34.688 ? 419 HOH A O   1 ? 
HETATM 1124 O  O   . HOH D 3 .   ? -11.401 1.837   -17.382 1.000 38.845 ? 420 HOH A O   1 ? 
HETATM 1125 O  O   . HOH D 3 .   ? -5.509  -14.715 8.354   1.000 34.132 ? 421 HOH A O   1 ? 
HETATM 1126 O  O   . HOH D 3 .   ? 6.222   -2.354  -14.157 1.000 42.715 ? 422 HOH A O   1 ? 
HETATM 1127 O  O   . HOH D 3 .   ? -14.259 -1.615  1.162   1.000 29.263 ? 423 HOH A O   1 ? 
HETATM 1128 O  O   . HOH D 3 .   ? 6.687   -7.342  -6.729  1.000 38.160 ? 424 HOH A O   1 ? 
HETATM 1129 O  O   . HOH D 3 .   ? -14.437 0.763   -5.054  1.000 26.224 ? 425 HOH A O   1 ? 
HETATM 1130 O  O   . HOH D 3 .   ? -16.708 3.745   0.111   1.000 25.729 ? 426 HOH A O   1 ? 
HETATM 1131 O  O   . HOH D 3 .   ? 5.464   10.713  -15.243 1.000 32.344 ? 427 HOH A O   1 ? 
HETATM 1132 O  O   . HOH D 3 .   ? -13.101 -2.302  3.016   1.000 30.046 ? 428 HOH A O   1 ? 
HETATM 1133 O  O   . HOH D 3 .   ? -16.669 4.490   -6.816  1.000 31.459 ? 429 HOH A O   1 ? 
HETATM 1134 O  O   . HOH D 3 .   ? 11.535  12.680  11.157  1.000 38.475 ? 430 HOH A O   1 ? 
HETATM 1135 O  O   . HOH D 3 .   ? -0.710  11.896  3.866   1.000 19.443 ? 431 HOH A O   1 ? 
HETATM 1136 O  O   . HOH D 3 .   ? 1.558   9.900   13.102  1.000 38.989 ? 432 HOH A O   1 ? 
HETATM 1137 O  O   . HOH D 3 .   ? 13.270  14.472  10.137  1.000 30.774 ? 433 HOH A O   1 ? 
HETATM 1138 O  O   . HOH D 3 .   ? -8.107  -11.547 7.838   1.000 32.168 ? 434 HOH A O   1 ? 
HETATM 1139 O  O   . HOH D 3 .   ? -1.671  -11.059 -8.646  1.000 20.270 ? 435 HOH A O   1 ? 
HETATM 1140 O  O   . HOH D 3 .   ? -19.053 7.132   -10.974 1.000 45.347 ? 436 HOH A O   1 ? 
HETATM 1141 O  O   . HOH D 3 .   ? 8.778   -7.690  -5.851  1.000 28.896 ? 437 HOH A O   1 ? 
HETATM 1142 O  O   . HOH D 3 .   ? 0.589   15.177  5.378   1.000 29.123 ? 438 HOH A O   1 ? 
HETATM 1143 O  O   . HOH D 3 .   ? 4.459   11.593  10.478  1.000 38.340 ? 439 HOH A O   1 ? 
HETATM 1144 O  O   . HOH D 3 .   ? 8.549   -4.250  -12.202 1.000 29.139 ? 440 HOH A O   1 ? 
HETATM 1145 O  O   . HOH D 3 .   ? 1.633   15.191  8.001   1.000 30.178 ? 441 HOH A O   1 ? 
HETATM 1146 O  O   . HOH D 3 .   ? 12.959  -6.554  -7.140  1.000 30.417 ? 442 HOH A O   1 ? 
HETATM 1147 O  O   . HOH D 3 .   ? -17.445 9.423   -10.228 1.000 38.585 ? 443 HOH A O   1 ? 
HETATM 1148 O  O   . HOH D 3 .   ? -7.851  -13.803 8.748   1.000 54.138 ? 444 HOH A O   1 ? 
HETATM 1149 O  O   . HOH D 3 .   ? -16.374 -2.209  -2.274  1.000 40.374 ? 445 HOH A O   1 ? 
HETATM 1150 O  O   . HOH D 3 .   ? -14.780 2.036   3.392   1.000 29.978 ? 446 HOH A O   1 ? 
# 
